data_7ABO
#
_entry.id   7ABO
#
_cell.length_a   107.880
_cell.length_b   55.570
_cell.length_c   198.880
_cell.angle_alpha   90.00
_cell.angle_beta   100.00
_cell.angle_gamma   90.00
#
_symmetry.space_group_name_H-M   'P 1 21 1'
#
loop_
_entity.id
_entity.type
_entity.pdbx_description
1 polymer 'UbiD-like decarboxylase'
2 non-polymer 'FLAVIN MONONUCLEOTIDE'
3 non-polymer 'MANGANESE (II) ION'
4 non-polymer 'SODIUM ION'
5 water water
#
_entity_poly.entity_id   1
_entity_poly.type   'polypeptide(L)'
_entity_poly.pdbx_seq_one_letter_code
;FQSMNRSALDFRHFVDHLRRQGDLVDVHTEVDANLEIGAITRRVYERRAPAPLFHNIRDSLPGARVLGAPAGLRADRARA
HSRLALHFGLPEHSGPRDIVAMLRAAMRAEPIAPRRLERGPVQENVWLGEQVDLTRFPVPLLHEQDGGRYFGTYGFHVVQ
TPDGSWDSWSVGRLMLVDRNTLAGPTIPTQHIGIIREQWRRLGKPTPWAMALGAPPAALAAAGMPLPEGVSEAGYVGALV
GEPVEVVRTQTNGLWVPANTEIVLEGEISLDETALEGPMGEYHGYSFPIGKPQPLFHVHALSFRDQPILPICVAGTPPEE
HHTIWGTMISAQLLDVAQNAGLPVDMVWCSYEAATCWAVLSIDVQRLAALGTDAAAFAARVAETVFGSHAGHLVPKLILV
GNDIDVTEIDQVVWALATRAHPLHDHFAFPQIRDFPMVPYLDAEDKARGSGGRLVINCLYPEQFAGQMRAATASFRHAYP
TALRRRVEERWSDYGFGDA
;
_entity_poly.pdbx_strand_id   C,B,D,A
#
# COMPACT_ATOMS: atom_id res chain seq x y z
N PHE A 1 19.55 5.93 -10.69
CA PHE A 1 20.68 5.07 -11.04
C PHE A 1 21.97 5.69 -10.53
N GLN A 2 21.99 7.02 -10.45
CA GLN A 2 23.11 7.70 -9.82
C GLN A 2 23.00 7.65 -8.30
N SER A 3 21.78 7.82 -7.76
CA SER A 3 21.57 7.73 -6.33
C SER A 3 21.99 6.36 -5.79
N MET A 4 21.82 5.31 -6.59
CA MET A 4 22.14 3.96 -6.13
C MET A 4 23.64 3.76 -5.97
N ASN A 5 24.43 4.30 -6.91
CA ASN A 5 25.87 4.10 -6.82
C ASN A 5 26.49 4.92 -5.70
N ARG A 6 25.97 6.13 -5.45
CA ARG A 6 26.43 6.89 -4.30
C ARG A 6 26.01 6.21 -3.00
N SER A 7 24.91 5.45 -3.03
CA SER A 7 24.49 4.74 -1.82
C SER A 7 25.55 3.78 -1.33
N ALA A 8 26.30 3.16 -2.25
CA ALA A 8 27.29 2.17 -1.86
C ALA A 8 28.44 2.78 -1.06
N LEU A 9 28.77 4.05 -1.32
CA LEU A 9 29.94 4.69 -0.71
C LEU A 9 29.61 5.79 0.28
N ASP A 10 28.33 5.99 0.61
CA ASP A 10 27.94 7.11 1.46
C ASP A 10 26.74 6.67 2.28
N PHE A 11 26.96 6.34 3.56
CA PHE A 11 25.88 5.91 4.43
C PHE A 11 24.75 6.93 4.48
N ARG A 12 25.10 8.21 4.65
CA ARG A 12 24.06 9.24 4.74
C ARG A 12 23.21 9.30 3.48
N HIS A 13 23.85 9.14 2.32
CA HIS A 13 23.08 9.11 1.07
C HIS A 13 22.28 7.81 0.96
N PHE A 14 22.86 6.70 1.42
CA PHE A 14 22.15 5.43 1.49
C PHE A 14 20.82 5.60 2.21
N VAL A 15 20.84 6.27 3.37
CA VAL A 15 19.62 6.50 4.13
C VAL A 15 18.64 7.37 3.34
N ASP A 16 19.13 8.43 2.71
CA ASP A 16 18.24 9.26 1.90
C ASP A 16 17.66 8.44 0.75
N HIS A 17 18.44 7.51 0.20
CA HIS A 17 17.95 6.71 -0.92
C HIS A 17 16.88 5.72 -0.47
N LEU A 18 17.07 5.08 0.69
CA LEU A 18 16.02 4.24 1.26
C LEU A 18 14.69 4.99 1.33
N ARG A 19 14.72 6.23 1.82
CA ARG A 19 13.50 7.01 1.90
C ARG A 19 12.88 7.20 0.52
N ARG A 20 13.69 7.54 -0.48
CA ARG A 20 13.17 7.70 -1.84
C ARG A 20 12.53 6.42 -2.37
N GLN A 21 13.04 5.26 -1.95
CA GLN A 21 12.42 3.98 -2.32
C GLN A 21 11.14 3.69 -1.53
N GLY A 22 10.80 4.50 -0.53
CA GLY A 22 9.72 4.11 0.37
C GLY A 22 10.10 3.01 1.35
N ASP A 23 11.39 2.79 1.57
CA ASP A 23 11.87 1.73 2.44
C ASP A 23 12.41 2.26 3.77
N LEU A 24 12.01 3.47 4.15
CA LEU A 24 12.45 4.08 5.40
C LEU A 24 11.28 4.73 6.10
N VAL A 25 11.17 4.53 7.41
CA VAL A 25 10.20 5.24 8.24
C VAL A 25 10.96 6.17 9.18
N ASP A 26 10.61 7.46 9.15
CA ASP A 26 11.21 8.45 10.03
C ASP A 26 10.42 8.49 11.34
N VAL A 27 11.01 7.98 12.41
CA VAL A 27 10.35 7.92 13.70
C VAL A 27 10.65 9.23 14.44
N HIS A 28 9.66 10.11 14.52
CA HIS A 28 9.80 11.38 15.21
C HIS A 28 9.40 11.28 16.67
N THR A 29 8.59 10.29 17.05
CA THR A 29 8.27 10.08 18.45
C THR A 29 9.54 9.85 19.26
N GLU A 30 9.54 10.34 20.49
CA GLU A 30 10.64 10.04 21.41
C GLU A 30 10.63 8.57 21.74
N VAL A 31 11.80 7.93 21.66
CA VAL A 31 11.93 6.50 21.94
C VAL A 31 13.03 6.30 22.97
N ASP A 32 12.92 5.19 23.71
CA ASP A 32 13.88 4.86 24.74
C ASP A 32 14.91 3.91 24.16
N ALA A 33 16.18 4.29 24.24
CA ALA A 33 17.24 3.37 23.86
C ALA A 33 17.32 2.19 24.82
N ASN A 34 16.62 2.26 25.95
CA ASN A 34 16.49 1.13 26.87
C ASN A 34 15.40 0.20 26.35
N LEU A 35 15.80 -0.72 25.49
CA LEU A 35 14.93 -1.80 25.03
C LEU A 35 13.93 -1.41 23.93
N GLU A 36 13.36 -0.19 24.01
CA GLU A 36 12.29 0.16 23.07
C GLU A 36 12.79 0.18 21.63
N ILE A 37 13.91 0.86 21.38
CA ILE A 37 14.52 0.83 20.05
C ILE A 37 14.76 -0.60 19.61
N GLY A 38 15.28 -1.43 20.51
CA GLY A 38 15.55 -2.82 20.17
C GLY A 38 14.28 -3.59 19.82
N ALA A 39 13.22 -3.37 20.61
CA ALA A 39 11.94 -4.02 20.35
C ALA A 39 11.33 -3.58 19.02
N ILE A 40 11.28 -2.27 18.75
CA ILE A 40 10.73 -1.80 17.48
C ILE A 40 11.46 -2.44 16.32
N THR A 41 12.79 -2.44 16.36
CA THR A 41 13.58 -2.95 15.25
C THR A 41 13.41 -4.46 15.09
N ARG A 42 13.36 -5.20 16.20
CA ARG A 42 13.06 -6.63 16.11
C ARG A 42 11.75 -6.86 15.36
N ARG A 43 10.71 -6.09 15.72
CA ARG A 43 9.44 -6.25 15.03
C ARG A 43 9.54 -5.85 13.56
N VAL A 44 10.43 -4.89 13.26
CA VAL A 44 10.66 -4.49 11.88
C VAL A 44 11.25 -5.67 11.07
N TYR A 45 12.27 -6.34 11.63
CA TYR A 45 12.83 -7.52 10.96
C TYR A 45 11.74 -8.55 10.69
N GLU A 46 10.95 -8.88 11.72
CA GLU A 46 10.06 -10.03 11.61
C GLU A 46 8.84 -9.72 10.77
N ARG A 47 8.43 -8.46 10.72
CA ARG A 47 7.39 -8.06 9.78
C ARG A 47 7.96 -7.64 8.43
N ARG A 48 9.28 -7.55 8.30
CA ARG A 48 9.92 -7.08 7.07
C ARG A 48 9.37 -5.70 6.68
N ALA A 49 9.34 -4.81 7.67
CA ALA A 49 8.90 -3.44 7.51
C ALA A 49 10.06 -2.56 7.04
N PRO A 50 9.74 -1.32 6.64
CA PRO A 50 10.81 -0.38 6.29
C PRO A 50 11.74 -0.13 7.45
N ALA A 51 12.97 0.25 7.12
CA ALA A 51 13.96 0.52 8.14
C ALA A 51 13.55 1.75 8.94
N PRO A 52 13.57 1.68 10.28
CA PRO A 52 13.27 2.88 11.07
C PRO A 52 14.49 3.76 11.28
N LEU A 53 14.36 5.04 10.98
CA LEU A 53 15.35 6.05 11.37
C LEU A 53 14.82 6.79 12.59
N PHE A 54 15.45 6.57 13.74
CA PHE A 54 15.00 7.17 14.99
C PHE A 54 15.62 8.56 15.15
N HIS A 55 14.78 9.59 15.18
CA HIS A 55 15.27 10.96 15.26
C HIS A 55 15.36 11.49 16.68
N ASN A 56 14.66 10.88 17.64
CA ASN A 56 14.54 11.43 18.98
C ASN A 56 14.67 10.27 19.98
N ILE A 57 15.83 10.15 20.61
CA ILE A 57 16.12 9.10 21.56
C ILE A 57 16.33 9.75 22.93
N ARG A 58 15.55 9.34 23.92
CA ARG A 58 15.60 9.98 25.23
C ARG A 58 17.03 10.01 25.78
N ASP A 59 17.36 11.11 26.46
CA ASP A 59 18.60 11.21 27.24
C ASP A 59 19.84 11.11 26.36
N SER A 60 19.73 11.37 25.07
CA SER A 60 20.85 11.23 24.16
C SER A 60 21.33 12.59 23.67
N LEU A 61 22.55 12.59 23.14
CA LEU A 61 23.13 13.80 22.57
C LEU A 61 22.15 14.43 21.59
N PRO A 62 21.83 15.73 21.73
CA PRO A 62 20.82 16.33 20.84
C PRO A 62 21.23 16.24 19.38
N GLY A 63 20.28 15.78 18.56
CA GLY A 63 20.50 15.58 17.15
C GLY A 63 20.95 14.19 16.77
N ALA A 64 21.37 13.38 17.73
CA ALA A 64 21.83 12.04 17.41
C ALA A 64 20.67 11.19 16.93
N ARG A 65 20.94 10.32 15.97
CA ARG A 65 19.92 9.47 15.37
C ARG A 65 20.38 8.03 15.42
N VAL A 66 19.42 7.11 15.23
CA VAL A 66 19.70 5.68 15.16
C VAL A 66 18.95 5.10 13.97
N LEU A 67 19.63 4.25 13.20
CA LEU A 67 19.01 3.53 12.08
C LEU A 67 18.90 2.05 12.44
N GLY A 68 17.67 1.56 12.55
CA GLY A 68 17.45 0.15 12.75
C GLY A 68 17.29 -0.60 11.44
N ALA A 69 17.59 -1.89 11.47
CA ALA A 69 17.42 -2.78 10.32
C ALA A 69 18.06 -2.24 9.04
N PRO A 70 19.34 -1.87 9.09
CA PRO A 70 19.98 -1.32 7.88
C PRO A 70 20.03 -2.28 6.70
N ALA A 71 19.92 -3.59 6.92
CA ALA A 71 19.86 -4.54 5.82
C ALA A 71 18.79 -5.60 6.07
N GLY A 72 17.72 -5.23 6.75
CA GLY A 72 16.58 -6.13 6.88
C GLY A 72 15.90 -6.38 5.54
N LEU A 73 15.03 -7.38 5.53
CA LEU A 73 14.27 -7.70 4.33
C LEU A 73 12.95 -6.93 4.27
N ARG A 74 12.42 -6.80 3.05
CA ARG A 74 11.15 -6.13 2.80
C ARG A 74 10.05 -7.15 2.55
N ALA A 75 8.82 -6.76 2.91
CA ALA A 75 7.68 -7.67 2.75
C ALA A 75 7.40 -7.97 1.28
N ASP A 76 7.56 -6.98 0.41
CA ASP A 76 7.37 -7.15 -1.03
C ASP A 76 8.37 -8.14 -1.58
N ARG A 77 7.89 -9.32 -2.00
CA ARG A 77 8.81 -10.40 -2.37
C ARG A 77 9.63 -10.07 -3.61
N ALA A 78 9.12 -9.24 -4.51
CA ALA A 78 9.89 -8.89 -5.70
C ALA A 78 11.07 -7.99 -5.37
N ARG A 79 11.01 -7.25 -4.25
CA ARG A 79 12.07 -6.34 -3.84
C ARG A 79 12.60 -6.71 -2.44
N ALA A 80 12.47 -7.97 -2.06
CA ALA A 80 12.74 -8.35 -0.67
C ALA A 80 14.16 -8.02 -0.25
N HIS A 81 15.12 -8.08 -1.17
CA HIS A 81 16.53 -7.91 -0.87
C HIS A 81 17.05 -6.52 -1.25
N SER A 82 16.16 -5.56 -1.49
CA SER A 82 16.60 -4.28 -2.04
C SER A 82 17.49 -3.53 -1.05
N ARG A 83 17.18 -3.59 0.25
CA ARG A 83 17.97 -2.88 1.23
C ARG A 83 19.38 -3.45 1.28
N LEU A 84 19.51 -4.78 1.21
CA LEU A 84 20.81 -5.42 1.12
C LEU A 84 21.48 -5.10 -0.21
N ALA A 85 20.73 -5.19 -1.31
CA ALA A 85 21.26 -4.86 -2.63
C ALA A 85 21.78 -3.43 -2.70
N LEU A 86 21.12 -2.50 -2.00
CA LEU A 86 21.57 -1.12 -2.03
C LEU A 86 22.94 -0.94 -1.37
N HIS A 87 23.38 -1.89 -0.52
CA HIS A 87 24.72 -1.79 0.05
C HIS A 87 25.79 -1.80 -1.03
N PHE A 88 25.51 -2.43 -2.17
CA PHE A 88 26.43 -2.51 -3.30
C PHE A 88 25.98 -1.66 -4.48
N GLY A 89 25.01 -0.77 -4.27
CA GLY A 89 24.49 0.03 -5.38
C GLY A 89 23.64 -0.72 -6.37
N LEU A 90 23.13 -1.90 -6.00
CA LEU A 90 22.34 -2.69 -6.92
C LEU A 90 20.86 -2.30 -6.85
N PRO A 91 20.11 -2.51 -7.93
CA PRO A 91 18.71 -2.08 -7.98
C PRO A 91 17.84 -2.90 -7.03
N GLU A 92 16.59 -2.46 -6.87
CA GLU A 92 15.75 -3.04 -5.82
C GLU A 92 15.31 -4.46 -6.12
N HIS A 93 15.29 -4.87 -7.39
CA HIS A 93 14.85 -6.23 -7.73
C HIS A 93 15.99 -7.24 -7.71
N SER A 94 17.19 -6.84 -7.31
CA SER A 94 18.32 -7.75 -7.25
C SER A 94 18.09 -8.83 -6.21
N GLY A 95 18.46 -10.06 -6.55
CA GLY A 95 18.31 -11.19 -5.64
C GLY A 95 19.64 -11.80 -5.25
N PRO A 96 19.58 -12.83 -4.41
CA PRO A 96 20.81 -13.49 -3.94
C PRO A 96 21.83 -13.78 -5.04
N ARG A 97 21.41 -14.43 -6.13
CA ARG A 97 22.35 -14.79 -7.18
C ARG A 97 23.00 -13.55 -7.79
N ASP A 98 22.22 -12.48 -8.00
CA ASP A 98 22.81 -11.26 -8.56
C ASP A 98 23.85 -10.69 -7.61
N ILE A 99 23.58 -10.73 -6.31
CA ILE A 99 24.52 -10.18 -5.35
C ILE A 99 25.79 -11.01 -5.31
N VAL A 100 25.65 -12.34 -5.30
CA VAL A 100 26.82 -13.22 -5.20
C VAL A 100 27.70 -13.06 -6.43
N ALA A 101 27.08 -13.02 -7.62
CA ALA A 101 27.85 -12.86 -8.85
C ALA A 101 28.69 -11.59 -8.83
N MET A 102 28.12 -10.49 -8.33
CA MET A 102 28.88 -9.25 -8.27
C MET A 102 29.98 -9.32 -7.22
N LEU A 103 29.71 -9.95 -6.07
CA LEU A 103 30.75 -10.10 -5.06
C LEU A 103 31.92 -10.92 -5.58
N ARG A 104 31.66 -11.93 -6.41
CA ARG A 104 32.73 -12.77 -6.93
C ARG A 104 33.54 -12.05 -8.00
N ALA A 105 32.89 -11.26 -8.86
CA ALA A 105 33.63 -10.50 -9.87
C ALA A 105 34.63 -9.55 -9.21
N ALA A 106 34.26 -8.96 -8.07
CA ALA A 106 35.17 -8.07 -7.37
C ALA A 106 36.37 -8.83 -6.78
N MET A 107 36.19 -10.11 -6.48
CA MET A 107 37.30 -10.90 -5.93
C MET A 107 38.44 -11.03 -6.94
N ARG A 108 38.11 -11.22 -8.21
CA ARG A 108 39.12 -11.38 -9.26
C ARG A 108 39.62 -10.06 -9.82
N ALA A 109 38.97 -8.95 -9.50
CA ALA A 109 39.44 -7.66 -9.94
C ALA A 109 40.54 -7.14 -9.03
N GLU A 110 41.46 -6.42 -9.62
CA GLU A 110 42.58 -5.88 -8.87
C GLU A 110 42.03 -4.87 -7.86
N PRO A 111 42.54 -4.86 -6.64
CA PRO A 111 42.07 -3.88 -5.64
C PRO A 111 42.31 -2.46 -6.12
N ILE A 112 41.44 -1.55 -5.70
CA ILE A 112 41.61 -0.12 -5.93
C ILE A 112 41.94 0.49 -4.58
N ALA A 113 43.17 0.99 -4.44
CA ALA A 113 43.61 1.50 -3.15
C ALA A 113 42.72 2.66 -2.70
N PRO A 114 42.58 2.88 -1.40
CA PRO A 114 41.81 4.03 -0.92
C PRO A 114 42.51 5.34 -1.25
N ARG A 115 41.70 6.38 -1.47
CA ARG A 115 42.21 7.72 -1.73
C ARG A 115 42.35 8.46 -0.42
N ARG A 116 43.59 8.87 -0.10
CA ARG A 116 43.86 9.59 1.14
C ARG A 116 43.48 11.06 0.96
N LEU A 117 42.66 11.58 1.87
CA LEU A 117 42.25 12.98 1.87
C LEU A 117 42.72 13.64 3.17
N GLU A 118 42.71 14.97 3.15
CA GLU A 118 43.10 15.74 4.33
C GLU A 118 41.93 15.97 5.27
N ARG A 119 40.73 16.18 4.73
CA ARG A 119 39.54 16.47 5.52
C ARG A 119 38.39 15.57 5.08
N GLY A 120 37.36 15.50 5.92
CA GLY A 120 36.17 14.73 5.63
C GLY A 120 35.07 15.00 6.63
N PRO A 121 33.83 14.67 6.27
CA PRO A 121 32.70 14.96 7.17
C PRO A 121 32.82 14.32 8.55
N VAL A 122 33.51 13.16 8.65
CA VAL A 122 33.63 12.49 9.93
C VAL A 122 34.36 13.34 10.95
N GLN A 123 35.08 14.38 10.51
CA GLN A 123 35.87 15.23 11.40
C GLN A 123 35.12 16.49 11.84
N GLU A 124 33.84 16.62 11.50
CA GLU A 124 33.09 17.81 11.89
C GLU A 124 32.97 17.95 13.40
N ASN A 125 33.09 16.85 14.14
CA ASN A 125 33.10 16.88 15.60
C ASN A 125 34.22 15.97 16.08
N VAL A 126 35.03 16.47 17.01
CA VAL A 126 36.17 15.71 17.54
C VAL A 126 36.16 15.87 19.06
N TRP A 127 36.10 14.74 19.76
CA TRP A 127 36.23 14.68 21.21
C TRP A 127 37.55 14.00 21.53
N LEU A 128 38.41 14.70 22.27
CA LEU A 128 39.75 14.22 22.60
C LEU A 128 39.85 13.88 24.07
N GLY A 129 40.60 12.82 24.37
CA GLY A 129 40.88 12.41 25.73
C GLY A 129 39.70 12.49 26.68
N GLU A 130 39.68 13.53 27.53
CA GLU A 130 38.65 13.65 28.55
C GLU A 130 37.30 14.09 28.00
N GLN A 131 37.23 14.57 26.76
CA GLN A 131 35.95 14.87 26.16
C GLN A 131 35.18 13.61 25.76
N VAL A 132 35.88 12.48 25.65
CA VAL A 132 35.26 11.23 25.21
C VAL A 132 34.25 10.77 26.25
N ASP A 133 32.97 10.75 25.88
CA ASP A 133 31.90 10.21 26.73
C ASP A 133 30.96 9.40 25.85
N LEU A 134 31.22 8.10 25.75
CA LEU A 134 30.40 7.24 24.91
C LEU A 134 28.94 7.19 25.36
N THR A 135 28.67 7.42 26.65
CA THR A 135 27.31 7.36 27.16
C THR A 135 26.44 8.50 26.66
N ARG A 136 27.01 9.52 26.03
CA ARG A 136 26.21 10.57 25.42
C ARG A 136 25.51 10.10 24.16
N PHE A 137 26.01 9.05 23.50
CA PHE A 137 25.36 8.55 22.31
C PHE A 137 24.14 7.70 22.68
N PRO A 138 23.21 7.53 21.75
CA PRO A 138 22.02 6.72 22.04
C PRO A 138 22.33 5.23 22.01
N VAL A 139 23.17 4.79 22.95
CA VAL A 139 23.62 3.41 23.04
C VAL A 139 22.47 2.53 23.52
N PRO A 140 22.02 1.58 22.71
CA PRO A 140 20.83 0.81 23.07
C PRO A 140 21.12 -0.37 23.98
N LEU A 141 20.14 -0.68 24.81
CA LEU A 141 20.03 -1.99 25.42
C LEU A 141 19.12 -2.81 24.50
N LEU A 142 19.70 -3.79 23.82
CA LEU A 142 19.04 -4.35 22.63
C LEU A 142 18.05 -5.44 22.98
N HIS A 143 18.34 -6.28 23.99
CA HIS A 143 17.45 -7.33 24.44
C HIS A 143 17.30 -7.25 25.96
N GLU A 144 16.18 -7.78 26.46
CA GLU A 144 15.87 -7.66 27.87
C GLU A 144 16.96 -8.26 28.75
N GLN A 145 17.44 -9.45 28.39
CA GLN A 145 18.38 -10.17 29.23
C GLN A 145 19.83 -9.97 28.77
N ASP A 146 20.09 -8.91 28.00
CA ASP A 146 21.46 -8.61 27.58
C ASP A 146 22.31 -8.18 28.78
N GLY A 147 23.60 -8.45 28.69
CA GLY A 147 24.50 -8.15 29.78
C GLY A 147 25.00 -6.72 29.84
N GLY A 148 24.69 -5.93 28.81
CA GLY A 148 25.13 -4.55 28.77
C GLY A 148 24.64 -3.91 27.49
N ARG A 149 24.92 -2.61 27.37
CA ARG A 149 24.52 -1.86 26.20
C ARG A 149 25.62 -1.92 25.15
N TYR A 150 25.22 -2.01 23.89
CA TYR A 150 26.16 -2.26 22.81
C TYR A 150 26.27 -1.02 21.93
N PHE A 151 27.47 -0.44 21.90
CA PHE A 151 27.77 0.68 21.02
C PHE A 151 27.96 0.20 19.58
N GLY A 152 28.72 -0.86 19.39
CA GLY A 152 28.98 -1.34 18.05
C GLY A 152 28.28 -2.65 17.74
N THR A 153 27.18 -2.59 16.99
CA THR A 153 26.60 -3.79 16.41
C THR A 153 26.58 -3.76 14.89
N TYR A 154 26.88 -2.62 14.27
CA TYR A 154 26.90 -2.47 12.82
C TYR A 154 28.04 -1.56 12.40
N GLY A 155 29.21 -1.75 13.03
CA GLY A 155 30.43 -1.11 12.58
C GLY A 155 31.54 -2.15 12.49
N PHE A 156 32.66 -1.75 11.91
CA PHE A 156 33.79 -2.64 11.77
C PHE A 156 35.04 -2.06 12.42
N HIS A 157 35.80 -2.96 13.05
CA HIS A 157 37.12 -2.63 13.55
C HIS A 157 38.06 -2.32 12.41
N VAL A 158 38.96 -1.36 12.62
CA VAL A 158 40.08 -1.11 11.73
C VAL A 158 41.34 -1.29 12.55
N VAL A 159 42.18 -2.25 12.14
CA VAL A 159 43.50 -2.44 12.72
C VAL A 159 44.48 -2.68 11.57
N GLN A 160 45.76 -2.66 11.89
CA GLN A 160 46.80 -2.78 10.88
C GLN A 160 47.93 -3.66 11.42
N THR A 161 48.41 -4.58 10.59
CA THR A 161 49.55 -5.39 10.96
C THR A 161 50.73 -4.47 11.30
N PRO A 162 51.58 -4.85 12.27
CA PRO A 162 52.68 -3.95 12.66
C PRO A 162 53.56 -3.53 11.48
N ASP A 163 53.74 -4.40 10.48
CA ASP A 163 54.58 -4.08 9.34
C ASP A 163 53.89 -3.20 8.30
N GLY A 164 52.60 -2.92 8.46
CA GLY A 164 51.94 -2.04 7.53
C GLY A 164 51.52 -2.69 6.23
N SER A 165 51.53 -4.01 6.15
CA SER A 165 51.17 -4.68 4.90
C SER A 165 49.67 -4.96 4.79
N TRP A 166 49.00 -5.20 5.92
CA TRP A 166 47.65 -5.73 5.92
C TRP A 166 46.71 -4.79 6.68
N ASP A 167 45.78 -4.17 5.95
CA ASP A 167 44.73 -3.34 6.53
C ASP A 167 43.48 -4.19 6.71
N SER A 168 43.08 -4.44 7.94
CA SER A 168 41.96 -5.31 8.26
C SER A 168 40.75 -4.48 8.65
N TRP A 169 39.63 -4.72 7.96
CA TRP A 169 38.32 -4.18 8.33
C TRP A 169 37.40 -5.36 8.62
N SER A 170 36.91 -5.45 9.85
CA SER A 170 36.07 -6.58 10.24
C SER A 170 34.98 -6.13 11.20
N VAL A 171 33.78 -6.65 10.99
CA VAL A 171 32.64 -6.35 11.85
C VAL A 171 32.68 -7.25 13.08
N GLY A 172 32.59 -6.63 14.25
CA GLY A 172 32.49 -7.38 15.50
C GLY A 172 31.84 -6.50 16.54
N ARG A 173 31.11 -7.15 17.45
CA ARG A 173 30.32 -6.40 18.43
C ARG A 173 31.20 -5.82 19.52
N LEU A 174 30.78 -4.67 20.05
CA LEU A 174 31.52 -3.96 21.10
C LEU A 174 30.52 -3.49 22.15
N MET A 175 30.65 -4.01 23.36
CA MET A 175 29.79 -3.63 24.46
C MET A 175 30.34 -2.37 25.14
N LEU A 176 29.41 -1.56 25.65
CA LEU A 176 29.75 -0.36 26.40
C LEU A 176 30.12 -0.73 27.84
N VAL A 177 31.33 -0.37 28.25
CA VAL A 177 31.81 -0.63 29.61
C VAL A 177 31.71 0.62 30.47
N ASP A 178 32.31 1.72 30.03
CA ASP A 178 32.14 3.01 30.69
C ASP A 178 32.32 4.10 29.64
N ARG A 179 32.57 5.34 30.10
CA ARG A 179 32.50 6.48 29.20
C ARG A 179 33.56 6.46 28.10
N ASN A 180 34.65 5.70 28.28
CA ASN A 180 35.65 5.65 27.21
C ASN A 180 36.27 4.26 27.07
N THR A 181 35.54 3.22 27.44
CA THR A 181 36.02 1.85 27.29
C THR A 181 34.89 0.98 26.75
N LEU A 182 35.24 0.11 25.81
CA LEU A 182 34.34 -0.91 25.29
C LEU A 182 35.00 -2.27 25.45
N ALA A 183 34.21 -3.33 25.30
CA ALA A 183 34.70 -4.69 25.37
C ALA A 183 33.95 -5.55 24.36
N GLY A 184 34.69 -6.41 23.66
CA GLY A 184 34.11 -7.27 22.66
C GLY A 184 35.00 -8.44 22.31
N PRO A 185 34.43 -9.47 21.69
CA PRO A 185 35.19 -10.69 21.41
C PRO A 185 36.20 -10.51 20.29
N THR A 186 37.29 -11.28 20.38
CA THR A 186 38.36 -11.32 19.38
C THR A 186 38.72 -12.79 19.16
N ILE A 187 37.78 -13.55 18.60
CA ILE A 187 37.98 -14.98 18.36
C ILE A 187 39.27 -15.15 17.56
N PRO A 188 40.13 -16.09 17.93
CA PRO A 188 41.47 -16.17 17.31
C PRO A 188 41.45 -16.49 15.83
N THR A 189 40.37 -17.11 15.31
CA THR A 189 40.31 -17.40 13.87
C THR A 189 39.83 -16.21 13.04
N GLN A 190 39.27 -15.17 13.67
CA GLN A 190 38.93 -13.96 12.93
C GLN A 190 40.16 -13.08 12.77
N HIS A 191 40.12 -12.21 11.77
CA HIS A 191 41.34 -11.51 11.37
C HIS A 191 41.76 -10.46 12.38
N ILE A 192 40.83 -9.91 13.15
CA ILE A 192 41.23 -9.00 14.23
C ILE A 192 42.00 -9.76 15.30
N GLY A 193 41.55 -10.96 15.65
CA GLY A 193 42.28 -11.76 16.62
C GLY A 193 43.67 -12.13 16.17
N ILE A 194 43.86 -12.39 14.87
CA ILE A 194 45.16 -12.77 14.37
C ILE A 194 46.13 -11.58 14.41
N ILE A 195 45.67 -10.41 13.95
CA ILE A 195 46.55 -9.25 13.95
C ILE A 195 46.80 -8.76 15.38
N ARG A 196 45.77 -8.83 16.23
CA ARG A 196 45.96 -8.50 17.63
C ARG A 196 47.03 -9.38 18.27
N GLU A 197 47.06 -10.67 17.90
CA GLU A 197 48.11 -11.55 18.37
C GLU A 197 49.45 -11.28 17.72
N GLN A 198 49.47 -10.57 16.58
CA GLN A 198 50.73 -10.10 16.02
C GLN A 198 51.34 -8.99 16.85
N TRP A 199 50.53 -8.27 17.63
CA TRP A 199 51.05 -7.18 18.44
C TRP A 199 51.51 -7.62 19.82
N ARG A 200 50.97 -8.73 20.32
CA ARG A 200 51.35 -9.21 21.64
C ARG A 200 52.78 -9.74 21.66
N ARG A 201 53.30 -10.17 20.51
CA ARG A 201 54.70 -10.58 20.41
C ARG A 201 55.64 -9.40 20.18
N LEU A 202 55.12 -8.18 20.23
CA LEU A 202 55.93 -6.97 20.15
C LEU A 202 55.89 -6.16 21.44
N GLY A 203 55.29 -6.71 22.50
CA GLY A 203 55.17 -6.01 23.77
C GLY A 203 54.26 -4.80 23.76
N LYS A 204 53.47 -4.62 22.72
CA LYS A 204 52.64 -3.43 22.57
C LYS A 204 51.16 -3.80 22.46
N PRO A 205 50.26 -2.90 22.82
CA PRO A 205 48.85 -3.11 22.53
C PRO A 205 48.54 -2.80 21.07
N THR A 206 47.33 -3.17 20.65
CA THR A 206 46.96 -3.05 19.24
C THR A 206 46.29 -1.71 18.98
N PRO A 207 46.84 -0.87 18.10
CA PRO A 207 46.12 0.35 17.72
C PRO A 207 44.85 0.01 16.96
N TRP A 208 43.77 0.70 17.30
CA TRP A 208 42.45 0.26 16.86
C TRP A 208 41.55 1.45 16.59
N ALA A 209 40.62 1.24 15.66
CA ALA A 209 39.55 2.19 15.39
C ALA A 209 38.33 1.39 14.93
N MET A 210 37.15 2.00 15.09
CA MET A 210 35.91 1.42 14.62
C MET A 210 35.13 2.48 13.85
N ALA A 211 34.66 2.12 12.66
CA ALA A 211 33.85 2.99 11.84
C ALA A 211 32.39 2.53 11.96
N LEU A 212 31.52 3.45 12.32
CA LEU A 212 30.09 3.19 12.44
C LEU A 212 29.33 4.14 11.54
N GLY A 213 28.36 3.60 10.82
CA GLY A 213 27.76 4.33 9.72
C GLY A 213 28.77 4.53 8.61
N ALA A 214 29.60 3.53 8.37
CA ALA A 214 30.59 3.59 7.30
C ALA A 214 29.90 3.37 5.96
N PRO A 215 30.62 3.61 4.87
CA PRO A 215 30.05 3.32 3.55
C PRO A 215 29.49 1.92 3.50
N PRO A 216 28.22 1.76 3.12
CA PRO A 216 27.59 0.43 3.18
C PRO A 216 28.39 -0.65 2.49
N ALA A 217 28.98 -0.39 1.32
CA ALA A 217 29.80 -1.40 0.67
C ALA A 217 31.00 -1.78 1.53
N ALA A 218 31.61 -0.79 2.20
CA ALA A 218 32.72 -1.08 3.11
C ALA A 218 32.26 -1.91 4.30
N LEU A 219 31.07 -1.63 4.83
CA LEU A 219 30.59 -2.44 5.94
C LEU A 219 30.34 -3.87 5.51
N ALA A 220 29.76 -4.07 4.33
CA ALA A 220 29.53 -5.42 3.83
C ALA A 220 30.83 -6.20 3.71
N ALA A 221 31.87 -5.57 3.13
CA ALA A 221 33.15 -6.25 2.99
C ALA A 221 33.74 -6.58 4.35
N ALA A 222 33.62 -5.67 5.32
CA ALA A 222 34.09 -5.96 6.66
C ALA A 222 33.38 -7.18 7.26
N GLY A 223 32.15 -7.45 6.83
CA GLY A 223 31.45 -8.65 7.24
C GLY A 223 31.68 -9.85 6.35
N MET A 224 32.64 -9.77 5.43
CA MET A 224 32.95 -10.83 4.49
C MET A 224 34.23 -11.54 4.88
N PRO A 225 34.23 -12.87 4.94
CA PRO A 225 35.46 -13.61 5.27
C PRO A 225 36.40 -13.73 4.08
N LEU A 226 36.97 -12.61 3.66
CA LEU A 226 38.00 -12.64 2.64
C LEU A 226 39.24 -13.36 3.17
N PRO A 227 40.04 -13.95 2.30
CA PRO A 227 41.22 -14.71 2.77
C PRO A 227 42.14 -13.84 3.61
N GLU A 228 42.99 -14.52 4.38
CA GLU A 228 43.96 -13.84 5.24
C GLU A 228 44.88 -12.94 4.42
N GLY A 229 45.29 -11.82 5.02
CA GLY A 229 46.18 -10.88 4.40
C GLY A 229 45.55 -9.98 3.35
N VAL A 230 44.32 -10.24 2.93
CA VAL A 230 43.67 -9.43 1.91
C VAL A 230 43.05 -8.20 2.56
N SER A 231 43.38 -7.02 2.04
CA SER A 231 42.87 -5.77 2.59
C SER A 231 41.45 -5.52 2.11
N GLU A 232 40.54 -5.30 3.07
CA GLU A 232 39.14 -5.08 2.73
C GLU A 232 38.94 -3.82 1.92
N ALA A 233 39.71 -2.76 2.23
CA ALA A 233 39.50 -1.48 1.57
C ALA A 233 39.73 -1.59 0.06
N GLY A 234 40.76 -2.33 -0.36
CA GLY A 234 41.00 -2.49 -1.78
C GLY A 234 39.92 -3.30 -2.46
N TYR A 235 39.32 -4.26 -1.76
CA TYR A 235 38.23 -5.04 -2.31
C TYR A 235 36.98 -4.18 -2.50
N VAL A 236 36.76 -3.23 -1.59
CA VAL A 236 35.62 -2.32 -1.71
C VAL A 236 35.78 -1.45 -2.96
N GLY A 237 36.96 -0.83 -3.11
CA GLY A 237 37.20 -0.04 -4.31
C GLY A 237 36.93 -0.83 -5.58
N ALA A 238 37.48 -2.05 -5.65
CA ALA A 238 37.26 -2.89 -6.82
C ALA A 238 35.79 -3.24 -6.99
N LEU A 239 35.06 -3.42 -5.88
CA LEU A 239 33.64 -3.74 -5.95
C LEU A 239 32.83 -2.59 -6.53
N VAL A 240 33.12 -1.36 -6.12
CA VAL A 240 32.37 -0.21 -6.60
C VAL A 240 33.03 0.50 -7.77
N GLY A 241 34.26 0.11 -8.12
CA GLY A 241 34.93 0.68 -9.28
C GLY A 241 35.64 1.99 -9.05
N GLU A 242 35.84 2.39 -7.79
CA GLU A 242 36.52 3.66 -7.51
C GLU A 242 37.02 3.62 -6.08
N PRO A 243 38.07 4.36 -5.76
CA PRO A 243 38.66 4.28 -4.42
C PRO A 243 37.67 4.72 -3.34
N VAL A 244 37.84 4.14 -2.16
CA VAL A 244 37.14 4.60 -0.97
C VAL A 244 37.93 5.75 -0.39
N GLU A 245 37.27 6.88 -0.18
CA GLU A 245 37.94 8.06 0.35
C GLU A 245 38.14 7.89 1.85
N VAL A 246 39.40 8.05 2.30
CA VAL A 246 39.78 7.80 3.69
C VAL A 246 40.55 9.01 4.21
N VAL A 247 40.53 9.13 5.54
CA VAL A 247 41.31 10.13 6.26
C VAL A 247 42.03 9.43 7.41
N ARG A 248 43.06 10.09 7.93
CA ARG A 248 43.77 9.57 9.08
C ARG A 248 42.96 9.80 10.35
N THR A 249 43.06 8.84 11.28
CA THR A 249 42.46 9.06 12.59
C THR A 249 43.13 10.25 13.26
N GLN A 250 42.51 10.75 14.32
CA GLN A 250 43.07 11.92 14.99
C GLN A 250 44.31 11.58 15.81
N THR A 251 44.45 10.33 16.29
CA THR A 251 45.51 10.03 17.26
C THR A 251 46.31 8.76 17.02
N ASN A 252 46.04 7.95 16.00
CA ASN A 252 46.85 6.76 15.82
C ASN A 252 47.18 6.41 14.36
N GLY A 253 46.94 7.30 13.41
CA GLY A 253 47.45 7.08 12.06
C GLY A 253 46.74 6.05 11.21
N LEU A 254 45.73 5.37 11.74
CA LEU A 254 44.91 4.48 10.92
C LEU A 254 44.02 5.30 9.98
N TRP A 255 43.73 4.73 8.82
CA TRP A 255 42.92 5.41 7.81
C TRP A 255 41.51 4.85 7.85
N VAL A 256 40.52 5.73 8.07
CA VAL A 256 39.12 5.31 8.16
C VAL A 256 38.33 6.02 7.07
N PRO A 257 37.18 5.48 6.65
CA PRO A 257 36.41 6.14 5.59
C PRO A 257 36.03 7.57 5.94
N ALA A 258 36.12 8.46 4.95
CA ALA A 258 36.06 9.90 5.23
C ALA A 258 34.66 10.35 5.62
N ASN A 259 33.61 9.75 5.04
CA ASN A 259 32.24 10.15 5.33
C ASN A 259 31.57 9.22 6.33
N THR A 260 32.35 8.51 7.15
CA THR A 260 31.78 7.73 8.23
C THR A 260 30.96 8.61 9.16
N GLU A 261 29.88 8.03 9.71
CA GLU A 261 29.07 8.75 10.67
C GLU A 261 29.83 8.99 11.97
N ILE A 262 30.44 7.93 12.51
CA ILE A 262 31.10 7.98 13.82
C ILE A 262 32.37 7.15 13.75
N VAL A 263 33.49 7.71 14.19
CA VAL A 263 34.76 7.00 14.25
C VAL A 263 35.24 6.99 15.70
N LEU A 264 35.51 5.80 16.22
CA LEU A 264 36.17 5.63 17.50
C LEU A 264 37.64 5.29 17.28
N GLU A 265 38.51 5.77 18.18
CA GLU A 265 39.93 5.45 18.08
C GLU A 265 40.52 5.20 19.47
N GLY A 266 41.53 4.34 19.49
CA GLY A 266 42.20 3.98 20.72
C GLY A 266 43.13 2.80 20.49
N GLU A 267 43.03 1.80 21.35
CA GLU A 267 43.86 0.61 21.25
C GLU A 267 43.17 -0.52 22.00
N ILE A 268 43.53 -1.75 21.64
CA ILE A 268 43.05 -2.94 22.31
C ILE A 268 44.06 -3.34 23.37
N SER A 269 43.63 -3.36 24.63
CA SER A 269 44.52 -3.72 25.73
C SER A 269 44.99 -5.16 25.59
N LEU A 270 46.17 -5.44 26.15
CA LEU A 270 46.78 -6.75 26.00
C LEU A 270 46.20 -7.76 26.99
N ASP A 271 45.86 -7.33 28.20
CA ASP A 271 45.30 -8.28 29.16
C ASP A 271 44.15 -7.76 30.01
N GLU A 272 43.80 -6.48 29.95
CA GLU A 272 42.62 -6.01 30.66
C GLU A 272 41.35 -6.57 29.99
N THR A 273 40.40 -6.99 30.81
CA THR A 273 39.15 -7.54 30.30
C THR A 273 37.99 -7.04 31.15
N ALA A 274 36.78 -7.29 30.65
CA ALA A 274 35.55 -7.03 31.40
C ALA A 274 34.54 -8.09 31.01
N LEU A 275 33.66 -8.45 31.95
CA LEU A 275 32.59 -9.39 31.64
C LEU A 275 31.71 -8.80 30.55
N GLU A 276 31.75 -9.39 29.35
CA GLU A 276 31.01 -8.91 28.19
C GLU A 276 29.91 -9.91 27.83
N GLY A 277 28.76 -9.39 27.42
CA GLY A 277 27.61 -10.21 27.12
C GLY A 277 26.86 -10.58 28.39
N PRO A 278 25.89 -11.48 28.27
CA PRO A 278 25.54 -12.11 26.98
C PRO A 278 24.77 -11.16 26.07
N MET A 279 24.54 -11.58 24.83
CA MET A 279 23.74 -10.82 23.88
C MET A 279 22.99 -11.81 22.99
N GLY A 280 21.74 -11.45 22.66
CA GLY A 280 21.03 -12.18 21.63
C GLY A 280 21.91 -12.25 20.40
N GLU A 281 22.01 -13.40 19.77
CA GLU A 281 23.01 -13.58 18.73
C GLU A 281 22.38 -14.14 17.45
N TYR A 282 23.21 -14.22 16.41
CA TYR A 282 22.76 -14.59 15.07
C TYR A 282 22.06 -15.94 15.04
N HIS A 283 22.43 -16.88 15.92
CA HIS A 283 21.81 -18.19 15.87
C HIS A 283 20.37 -18.17 16.37
N GLY A 284 19.93 -17.03 16.92
CA GLY A 284 18.56 -16.84 17.36
C GLY A 284 18.32 -16.96 18.85
N TYR A 285 19.36 -17.17 19.65
CA TYR A 285 19.21 -17.47 21.07
C TYR A 285 19.90 -16.40 21.91
N SER A 286 19.42 -16.23 23.14
CA SER A 286 20.07 -15.41 24.15
C SER A 286 20.57 -16.35 25.25
N PHE A 287 21.87 -16.60 25.28
CA PHE A 287 22.44 -17.46 26.32
C PHE A 287 22.61 -16.67 27.61
N PRO A 288 22.62 -17.36 28.75
CA PRO A 288 22.41 -16.67 30.04
C PRO A 288 23.64 -15.97 30.62
N ILE A 289 24.85 -16.43 30.33
CA ILE A 289 26.05 -15.97 31.02
C ILE A 289 27.05 -15.42 30.02
N GLY A 290 27.66 -14.28 30.37
CA GLY A 290 28.67 -13.65 29.56
C GLY A 290 30.05 -14.24 29.80
N LYS A 291 31.05 -13.60 29.19
CA LYS A 291 32.42 -14.07 29.23
C LYS A 291 33.36 -12.88 29.25
N PRO A 292 34.53 -13.01 29.88
CA PRO A 292 35.50 -11.93 29.85
C PRO A 292 36.03 -11.68 28.45
N GLN A 293 36.19 -10.40 28.10
CA GLN A 293 36.63 -10.03 26.76
C GLN A 293 37.60 -8.86 26.86
N PRO A 294 38.46 -8.69 25.85
CA PRO A 294 39.43 -7.60 25.90
C PRO A 294 38.75 -6.24 25.97
N LEU A 295 39.39 -5.32 26.69
CA LEU A 295 38.93 -3.95 26.76
C LEU A 295 39.43 -3.15 25.58
N PHE A 296 38.56 -2.32 25.02
CA PHE A 296 38.93 -1.37 23.97
C PHE A 296 38.93 0.03 24.58
N HIS A 297 40.10 0.65 24.67
CA HIS A 297 40.21 2.01 25.18
C HIS A 297 40.00 3.00 24.04
N VAL A 298 39.11 3.96 24.25
CA VAL A 298 38.80 4.98 23.26
C VAL A 298 39.50 6.27 23.69
N HIS A 299 40.58 6.63 22.99
CA HIS A 299 41.32 7.85 23.33
C HIS A 299 40.70 9.08 22.68
N ALA A 300 39.97 8.89 21.59
CA ALA A 300 39.34 10.00 20.87
C ALA A 300 38.21 9.43 20.01
N LEU A 301 37.27 10.30 19.66
CA LEU A 301 36.21 9.93 18.74
C LEU A 301 35.78 11.17 17.96
N SER A 302 35.31 10.93 16.74
CA SER A 302 34.83 11.98 15.86
C SER A 302 33.55 11.52 15.19
N PHE A 303 32.73 12.47 14.78
CA PHE A 303 31.44 12.14 14.19
C PHE A 303 30.94 13.31 13.36
N ARG A 304 30.09 12.97 12.39
CA ARG A 304 29.38 13.96 11.60
C ARG A 304 28.30 14.63 12.45
N ASP A 305 27.91 15.84 12.02
CA ASP A 305 26.81 16.54 12.68
C ASP A 305 25.53 15.71 12.58
N GLN A 306 24.78 15.68 13.67
CA GLN A 306 23.59 14.84 13.79
C GLN A 306 23.94 13.40 13.40
N PRO A 307 24.83 12.75 14.13
CA PRO A 307 25.35 11.45 13.67
C PRO A 307 24.28 10.37 13.73
N ILE A 308 24.30 9.50 12.72
CA ILE A 308 23.41 8.34 12.66
C ILE A 308 24.18 7.11 13.12
N LEU A 309 23.73 6.50 14.22
CA LEU A 309 24.27 5.23 14.68
C LEU A 309 23.44 4.10 14.11
N PRO A 310 23.93 3.32 13.16
CA PRO A 310 23.20 2.11 12.76
C PRO A 310 23.39 1.01 13.79
N ILE A 311 22.35 0.18 13.93
CA ILE A 311 22.40 -0.92 14.88
C ILE A 311 21.90 -2.19 14.20
N CYS A 312 22.29 -3.32 14.79
CA CYS A 312 21.75 -4.62 14.42
C CYS A 312 21.22 -5.27 15.69
N VAL A 313 19.96 -5.69 15.67
CA VAL A 313 19.33 -6.36 16.82
C VAL A 313 19.31 -7.84 16.49
N ALA A 314 20.37 -8.53 16.90
CA ALA A 314 20.58 -9.93 16.54
C ALA A 314 19.52 -10.84 17.13
N GLY A 315 19.25 -11.94 16.44
CA GLY A 315 18.22 -12.87 16.90
C GLY A 315 17.74 -13.76 15.77
N THR A 316 16.50 -14.19 15.89
CA THR A 316 15.93 -15.07 14.89
C THR A 316 15.92 -14.37 13.52
N PRO A 317 16.09 -15.12 12.44
CA PRO A 317 16.29 -14.50 11.12
C PRO A 317 15.00 -13.88 10.61
N PRO A 318 15.09 -12.93 9.67
CA PRO A 318 16.34 -12.45 9.07
C PRO A 318 16.80 -11.07 9.57
N GLU A 319 18.00 -10.99 10.10
CA GLU A 319 18.65 -9.73 10.40
C GLU A 319 20.02 -9.72 9.70
N GLU A 320 20.86 -8.74 10.04
CA GLU A 320 22.07 -8.51 9.26
C GLU A 320 23.12 -9.60 9.45
N HIS A 321 23.08 -10.36 10.55
CA HIS A 321 23.94 -11.54 10.65
C HIS A 321 23.59 -12.57 9.59
N HIS A 322 22.42 -12.47 8.99
CA HIS A 322 22.06 -13.36 7.90
C HIS A 322 22.08 -12.65 6.55
N THR A 323 21.44 -11.48 6.46
CA THR A 323 21.39 -10.78 5.17
C THR A 323 22.77 -10.32 4.71
N ILE A 324 23.60 -9.81 5.63
CA ILE A 324 24.94 -9.39 5.27
C ILE A 324 25.93 -10.56 5.39
N TRP A 325 26.09 -11.03 6.63
CA TRP A 325 27.10 -12.06 6.92
C TRP A 325 26.88 -13.31 6.08
N GLY A 326 25.67 -13.89 6.17
CA GLY A 326 25.39 -15.09 5.42
C GLY A 326 25.58 -14.90 3.93
N THR A 327 25.09 -13.78 3.39
CA THR A 327 25.31 -13.51 1.97
C THR A 327 26.80 -13.48 1.65
N MET A 328 27.59 -12.77 2.47
CA MET A 328 29.01 -12.67 2.19
C MET A 328 29.69 -14.03 2.29
N ILE A 329 29.29 -14.84 3.28
CA ILE A 329 29.84 -16.18 3.42
C ILE A 329 29.50 -17.01 2.19
N SER A 330 28.26 -16.93 1.73
CA SER A 330 27.84 -17.70 0.55
C SER A 330 28.73 -17.41 -0.65
N ALA A 331 28.98 -16.13 -0.93
CA ALA A 331 29.81 -15.79 -2.09
C ALA A 331 31.25 -16.26 -1.91
N GLN A 332 31.81 -16.10 -0.71
CA GLN A 332 33.16 -16.59 -0.45
C GLN A 332 33.23 -18.11 -0.58
N LEU A 333 32.21 -18.81 -0.10
CA LEU A 333 32.22 -20.27 -0.18
C LEU A 333 32.11 -20.74 -1.62
N LEU A 334 31.33 -20.04 -2.44
CA LEU A 334 31.27 -20.38 -3.86
C LEU A 334 32.65 -20.26 -4.50
N ASP A 335 33.34 -19.14 -4.23
CA ASP A 335 34.69 -18.96 -4.77
C ASP A 335 35.64 -20.02 -4.24
N VAL A 336 35.57 -20.31 -2.94
CA VAL A 336 36.40 -21.37 -2.36
C VAL A 336 36.17 -22.69 -3.08
N ALA A 337 34.91 -23.11 -3.20
CA ALA A 337 34.59 -24.38 -3.82
C ALA A 337 35.07 -24.45 -5.27
N GLN A 338 34.72 -23.44 -6.08
CA GLN A 338 35.06 -23.49 -7.50
C GLN A 338 36.57 -23.46 -7.71
N ASN A 339 37.29 -22.68 -6.90
CA ASN A 339 38.74 -22.61 -7.02
C ASN A 339 39.38 -23.94 -6.69
N ALA A 340 38.76 -24.73 -5.82
CA ALA A 340 39.24 -26.05 -5.47
C ALA A 340 38.83 -27.12 -6.48
N GLY A 341 38.10 -26.74 -7.53
CA GLY A 341 37.65 -27.69 -8.52
C GLY A 341 36.37 -28.43 -8.19
N LEU A 342 35.72 -28.10 -7.09
CA LEU A 342 34.47 -28.76 -6.75
C LEU A 342 33.38 -28.35 -7.75
N PRO A 343 32.49 -29.27 -8.13
CA PRO A 343 31.42 -28.98 -9.10
C PRO A 343 30.22 -28.27 -8.46
N VAL A 344 30.47 -27.08 -7.93
CA VAL A 344 29.46 -26.28 -7.24
C VAL A 344 29.21 -25.02 -8.07
N ASP A 345 27.94 -24.74 -8.34
CA ASP A 345 27.60 -23.54 -9.10
C ASP A 345 26.87 -22.50 -8.27
N MET A 346 26.51 -22.81 -7.04
CA MET A 346 25.93 -21.81 -6.16
C MET A 346 26.02 -22.31 -4.75
N VAL A 347 26.18 -21.38 -3.82
CA VAL A 347 26.15 -21.65 -2.40
C VAL A 347 25.26 -20.60 -1.76
N TRP A 348 24.46 -21.02 -0.78
CA TRP A 348 23.54 -20.12 -0.12
C TRP A 348 23.35 -20.56 1.32
N CYS A 349 23.64 -19.64 2.25
CA CYS A 349 23.37 -19.84 3.66
C CYS A 349 21.94 -19.37 3.92
N SER A 350 20.98 -20.29 3.77
CA SER A 350 19.58 -20.01 4.00
C SER A 350 19.39 -19.12 5.21
N TYR A 351 18.78 -17.95 5.01
CA TYR A 351 18.53 -17.05 6.14
C TYR A 351 17.71 -17.76 7.21
N GLU A 352 16.74 -18.59 6.80
CA GLU A 352 15.85 -19.25 7.75
C GLU A 352 16.63 -20.17 8.69
N ALA A 353 17.79 -20.65 8.25
CA ALA A 353 18.66 -21.51 9.03
C ALA A 353 19.60 -20.74 9.95
N ALA A 354 19.47 -19.41 9.99
CA ALA A 354 20.21 -18.57 10.95
C ALA A 354 21.71 -18.71 10.78
N THR A 355 22.18 -18.81 9.53
CA THR A 355 23.60 -18.92 9.22
C THR A 355 24.24 -20.11 9.92
N CYS A 356 23.46 -21.17 10.15
CA CYS A 356 23.99 -22.42 10.66
C CYS A 356 24.03 -23.52 9.60
N TRP A 357 23.61 -23.25 8.37
CA TRP A 357 23.95 -24.20 7.31
C TRP A 357 24.15 -23.47 5.99
N ALA A 358 24.88 -24.14 5.10
CA ALA A 358 25.09 -23.69 3.73
C ALA A 358 24.63 -24.78 2.79
N VAL A 359 23.84 -24.40 1.80
CA VAL A 359 23.34 -25.31 0.78
C VAL A 359 24.21 -25.14 -0.45
N LEU A 360 24.86 -26.21 -0.88
CA LEU A 360 25.73 -26.20 -2.05
C LEU A 360 24.95 -26.78 -3.23
N SER A 361 24.88 -26.01 -4.32
CA SER A 361 24.21 -26.44 -5.53
C SER A 361 25.23 -27.15 -6.41
N ILE A 362 24.96 -28.43 -6.71
CA ILE A 362 25.94 -29.30 -7.35
C ILE A 362 25.62 -29.39 -8.83
N ASP A 363 26.56 -29.00 -9.68
CA ASP A 363 26.42 -29.12 -11.13
C ASP A 363 26.38 -30.60 -11.49
N VAL A 364 25.19 -31.11 -11.84
CA VAL A 364 25.06 -32.56 -12.00
C VAL A 364 25.78 -33.08 -13.26
N GLN A 365 25.98 -32.22 -14.27
CA GLN A 365 26.74 -32.59 -15.48
C GLN A 365 28.25 -32.46 -15.30
N ARG A 366 28.71 -32.30 -14.05
CA ARG A 366 30.10 -32.43 -13.69
C ARG A 366 30.34 -33.56 -12.70
N LEU A 367 29.27 -34.06 -12.07
CA LEU A 367 29.45 -35.03 -11.00
C LEU A 367 29.98 -36.37 -11.53
N ALA A 368 29.48 -36.83 -12.67
CA ALA A 368 29.84 -38.16 -13.15
C ALA A 368 31.35 -38.28 -13.36
N ALA A 369 31.98 -37.27 -13.94
CA ALA A 369 33.40 -37.35 -14.28
C ALA A 369 34.29 -37.52 -13.06
N LEU A 370 33.76 -37.29 -11.85
CA LEU A 370 34.59 -37.47 -10.66
C LEU A 370 34.77 -38.93 -10.30
N GLY A 371 33.89 -39.80 -10.77
CA GLY A 371 33.96 -41.22 -10.43
C GLY A 371 33.94 -41.49 -8.95
N THR A 372 33.05 -40.83 -8.21
CA THR A 372 33.07 -40.90 -6.76
C THR A 372 31.71 -41.40 -6.26
N ASP A 373 31.48 -41.26 -4.95
CA ASP A 373 30.21 -41.62 -4.35
C ASP A 373 29.95 -40.67 -3.18
N ALA A 374 28.75 -40.78 -2.62
CA ALA A 374 28.29 -39.84 -1.61
C ALA A 374 29.29 -39.70 -0.46
N ALA A 375 29.73 -40.83 0.10
CA ALA A 375 30.65 -40.78 1.23
C ALA A 375 31.95 -40.09 0.87
N ALA A 376 32.56 -40.45 -0.26
CA ALA A 376 33.82 -39.82 -0.64
C ALA A 376 33.62 -38.35 -0.97
N PHE A 377 32.56 -38.02 -1.73
CA PHE A 377 32.30 -36.63 -2.07
C PHE A 377 32.12 -35.79 -0.80
N ALA A 378 31.29 -36.28 0.13
CA ALA A 378 31.02 -35.51 1.35
C ALA A 378 32.30 -35.21 2.10
N ALA A 379 33.21 -36.19 2.21
CA ALA A 379 34.48 -35.94 2.88
C ALA A 379 35.32 -34.92 2.14
N ARG A 380 35.40 -35.05 0.81
CA ARG A 380 36.14 -34.07 0.02
C ARG A 380 35.57 -32.66 0.23
N VAL A 381 34.24 -32.52 0.16
CA VAL A 381 33.64 -31.20 0.37
C VAL A 381 33.92 -30.70 1.79
N ALA A 382 33.85 -31.61 2.78
CA ALA A 382 34.05 -31.19 4.16
C ALA A 382 35.44 -30.59 4.38
N GLU A 383 36.48 -31.29 3.93
CA GLU A 383 37.84 -30.79 4.09
C GLU A 383 38.01 -29.45 3.38
N THR A 384 37.55 -29.36 2.13
CA THR A 384 37.68 -28.12 1.37
C THR A 384 36.93 -26.97 2.06
N VAL A 385 35.65 -27.16 2.32
CA VAL A 385 34.82 -26.06 2.82
C VAL A 385 35.21 -25.70 4.25
N PHE A 386 35.21 -26.69 5.14
CA PHE A 386 35.45 -26.40 6.55
C PHE A 386 36.87 -25.92 6.80
N GLY A 387 37.82 -26.24 5.91
CA GLY A 387 39.17 -25.75 6.04
C GLY A 387 39.39 -24.34 5.55
N SER A 388 38.40 -23.74 4.91
CA SER A 388 38.51 -22.36 4.46
C SER A 388 38.13 -21.41 5.61
N HIS A 389 38.59 -20.17 5.49
CA HIS A 389 38.20 -19.16 6.46
C HIS A 389 36.68 -18.99 6.50
N ALA A 390 36.05 -18.93 5.32
CA ALA A 390 34.59 -18.75 5.28
C ALA A 390 33.87 -20.02 5.75
N GLY A 391 34.32 -21.19 5.31
CA GLY A 391 33.66 -22.44 5.65
C GLY A 391 33.74 -22.79 7.11
N HIS A 392 34.75 -22.29 7.81
CA HIS A 392 34.86 -22.55 9.23
C HIS A 392 33.67 -21.97 10.01
N LEU A 393 33.04 -20.93 9.49
CA LEU A 393 31.95 -20.29 10.21
C LEU A 393 30.66 -21.10 10.21
N VAL A 394 30.51 -22.07 9.32
CA VAL A 394 29.24 -22.73 9.07
C VAL A 394 29.37 -24.22 9.40
N PRO A 395 28.54 -24.78 10.29
CA PRO A 395 28.77 -26.17 10.73
C PRO A 395 28.10 -27.24 9.88
N LYS A 396 27.07 -26.88 9.12
CA LYS A 396 26.28 -27.86 8.39
C LYS A 396 26.27 -27.52 6.91
N LEU A 397 26.54 -28.52 6.09
CA LEU A 397 26.53 -28.38 4.64
C LEU A 397 25.50 -29.33 4.09
N ILE A 398 24.68 -28.83 3.17
CA ILE A 398 23.71 -29.65 2.45
C ILE A 398 24.12 -29.67 0.99
N LEU A 399 24.27 -30.87 0.44
CA LEU A 399 24.66 -31.06 -0.95
C LEU A 399 23.43 -31.51 -1.73
N VAL A 400 23.10 -30.77 -2.78
CA VAL A 400 21.91 -31.10 -3.57
C VAL A 400 22.17 -30.72 -5.02
N GLY A 401 21.54 -31.45 -5.93
CA GLY A 401 21.70 -31.17 -7.33
C GLY A 401 21.13 -29.81 -7.71
N ASN A 402 21.67 -29.24 -8.78
CA ASN A 402 21.31 -27.88 -9.17
C ASN A 402 20.00 -27.80 -9.93
N ASP A 403 19.19 -28.87 -9.93
CA ASP A 403 17.83 -28.78 -10.42
C ASP A 403 16.94 -27.93 -9.52
N ILE A 404 17.28 -27.81 -8.24
CA ILE A 404 16.51 -26.94 -7.35
C ILE A 404 17.23 -25.60 -7.24
N ASP A 405 16.48 -24.58 -6.84
CA ASP A 405 17.04 -23.26 -6.57
C ASP A 405 17.38 -23.24 -5.09
N VAL A 406 18.68 -23.31 -4.77
CA VAL A 406 19.07 -23.43 -3.36
C VAL A 406 18.85 -22.15 -2.57
N THR A 407 18.48 -21.04 -3.24
CA THR A 407 18.09 -19.84 -2.49
C THR A 407 16.65 -19.87 -2.02
N GLU A 408 15.87 -20.87 -2.42
CA GLU A 408 14.46 -20.96 -2.02
C GLU A 408 14.33 -22.07 -0.98
N ILE A 409 14.02 -21.66 0.26
CA ILE A 409 13.99 -22.61 1.36
C ILE A 409 12.96 -23.72 1.13
N ASP A 410 11.85 -23.40 0.45
CA ASP A 410 10.82 -24.42 0.21
C ASP A 410 11.37 -25.54 -0.67
N GLN A 411 12.19 -25.20 -1.66
CA GLN A 411 12.78 -26.21 -2.53
C GLN A 411 13.85 -27.01 -1.80
N VAL A 412 14.63 -26.34 -0.95
CA VAL A 412 15.64 -27.03 -0.15
C VAL A 412 14.96 -28.04 0.78
N VAL A 413 13.84 -27.64 1.38
CA VAL A 413 13.10 -28.55 2.25
C VAL A 413 12.56 -29.73 1.46
N TRP A 414 11.99 -29.46 0.29
CA TRP A 414 11.53 -30.55 -0.56
C TRP A 414 12.66 -31.56 -0.81
N ALA A 415 13.87 -31.06 -1.10
CA ALA A 415 14.97 -31.97 -1.39
C ALA A 415 15.43 -32.72 -0.15
N LEU A 416 15.56 -32.02 0.99
CA LEU A 416 15.91 -32.71 2.24
C LEU A 416 14.92 -33.84 2.53
N ALA A 417 13.62 -33.55 2.41
CA ALA A 417 12.61 -34.53 2.80
C ALA A 417 12.57 -35.72 1.85
N THR A 418 12.79 -35.48 0.56
CA THR A 418 12.54 -36.52 -0.43
C THR A 418 13.80 -37.21 -0.94
N ARG A 419 14.98 -36.65 -0.72
CA ARG A 419 16.19 -37.24 -1.30
C ARG A 419 17.19 -37.75 -0.28
N ALA A 420 17.22 -37.21 0.94
CA ALA A 420 18.16 -37.64 1.96
C ALA A 420 17.68 -38.98 2.52
N HIS A 421 18.48 -40.02 2.31
CA HIS A 421 18.16 -41.35 2.82
C HIS A 421 18.67 -41.51 4.25
N PRO A 422 17.83 -41.94 5.19
CA PRO A 422 18.24 -41.94 6.61
C PRO A 422 19.48 -42.76 6.89
N LEU A 423 19.73 -43.84 6.14
CA LEU A 423 20.85 -44.73 6.42
C LEU A 423 22.14 -44.34 5.72
N HIS A 424 22.08 -43.51 4.68
CA HIS A 424 23.24 -43.31 3.82
C HIS A 424 23.71 -41.88 3.67
N ASP A 425 22.95 -40.88 4.12
CA ASP A 425 23.18 -39.50 3.69
C ASP A 425 23.46 -38.54 4.83
N HIS A 426 23.79 -39.05 6.00
CA HIS A 426 24.05 -38.24 7.19
C HIS A 426 25.52 -38.42 7.59
N PHE A 427 26.36 -37.47 7.16
CA PHE A 427 27.83 -37.61 7.30
C PHE A 427 28.34 -36.64 8.35
N ALA A 428 28.49 -37.14 9.57
CA ALA A 428 29.11 -36.37 10.63
C ALA A 428 30.62 -36.38 10.48
N PHE A 429 31.25 -35.30 10.90
CA PHE A 429 32.70 -35.13 10.84
C PHE A 429 33.17 -34.66 12.21
N PRO A 430 33.14 -35.54 13.20
CA PRO A 430 33.41 -35.12 14.59
C PRO A 430 34.85 -34.72 14.86
N GLN A 431 35.77 -34.91 13.90
CA GLN A 431 37.16 -34.53 14.11
C GLN A 431 37.51 -33.14 13.56
N ILE A 432 36.62 -32.51 12.81
CA ILE A 432 36.87 -31.18 12.26
C ILE A 432 36.51 -30.15 13.34
N ARG A 433 37.40 -29.20 13.56
CA ARG A 433 37.21 -28.23 14.65
C ARG A 433 36.00 -27.34 14.37
N ASP A 434 35.31 -26.97 15.45
CA ASP A 434 34.04 -26.26 15.37
C ASP A 434 34.22 -24.76 15.51
N PHE A 435 33.31 -24.02 14.87
CA PHE A 435 33.12 -22.62 15.21
C PHE A 435 32.46 -22.54 16.58
N PRO A 436 33.01 -21.78 17.53
CA PRO A 436 32.57 -21.91 18.93
C PRO A 436 31.19 -21.37 19.23
N MET A 437 30.56 -20.64 18.31
CA MET A 437 29.27 -20.03 18.58
C MET A 437 28.07 -20.94 18.25
N VAL A 438 28.29 -22.10 17.64
CA VAL A 438 27.21 -22.98 17.22
C VAL A 438 26.33 -23.35 18.42
N PRO A 439 25.02 -23.09 18.36
CA PRO A 439 24.19 -23.16 19.58
C PRO A 439 23.92 -24.57 20.11
N TYR A 440 23.99 -25.61 19.28
CA TYR A 440 23.64 -26.95 19.74
C TYR A 440 24.84 -27.72 20.30
N LEU A 441 26.01 -27.09 20.43
CA LEU A 441 27.16 -27.79 20.99
C LEU A 441 26.93 -28.08 22.48
N ASP A 442 27.40 -29.25 22.93
CA ASP A 442 27.28 -29.64 24.32
C ASP A 442 28.63 -29.47 25.03
N ALA A 443 28.64 -29.74 26.34
CA ALA A 443 29.86 -29.60 27.12
C ALA A 443 30.99 -30.44 26.52
N GLU A 444 30.65 -31.62 25.99
CA GLU A 444 31.65 -32.49 25.38
C GLU A 444 32.26 -31.88 24.12
N ASP A 445 31.43 -31.29 23.26
CA ASP A 445 31.96 -30.66 22.06
C ASP A 445 32.90 -29.50 22.40
N LYS A 446 32.57 -28.72 23.45
CA LYS A 446 33.39 -27.59 23.85
C LYS A 446 34.70 -28.02 24.51
N ALA A 447 34.76 -29.22 25.10
CA ALA A 447 36.01 -29.69 25.67
C ALA A 447 36.97 -30.19 24.59
N ARG A 448 36.44 -30.92 23.60
CA ARG A 448 37.28 -31.39 22.51
C ARG A 448 37.52 -30.31 21.46
N GLY A 449 36.62 -29.34 21.36
CA GLY A 449 36.68 -28.35 20.31
C GLY A 449 36.17 -28.83 18.96
N SER A 450 35.47 -29.95 18.92
CA SER A 450 34.95 -30.49 17.66
C SER A 450 33.75 -31.38 17.98
N GLY A 451 33.00 -31.71 16.93
CA GLY A 451 31.84 -32.56 17.09
C GLY A 451 30.58 -32.03 16.42
N GLY A 452 30.57 -30.75 16.04
CA GLY A 452 29.39 -30.14 15.47
C GLY A 452 29.25 -30.15 13.95
N ARG A 453 30.27 -30.58 13.21
CA ARG A 453 30.27 -30.48 11.75
C ARG A 453 29.46 -31.61 11.12
N LEU A 454 28.78 -31.29 10.02
CA LEU A 454 27.91 -32.25 9.36
C LEU A 454 27.80 -31.94 7.88
N VAL A 455 27.71 -32.98 7.06
CA VAL A 455 27.35 -32.85 5.66
C VAL A 455 26.13 -33.72 5.44
N ILE A 456 25.04 -33.10 4.97
CA ILE A 456 23.83 -33.83 4.63
C ILE A 456 23.79 -33.98 3.12
N ASN A 457 23.81 -35.22 2.64
CA ASN A 457 23.82 -35.47 1.21
C ASN A 457 22.40 -35.65 0.68
N CYS A 458 22.03 -34.83 -0.31
CA CYS A 458 20.74 -34.94 -1.01
C CYS A 458 20.93 -35.31 -2.47
N LEU A 459 22.07 -35.88 -2.84
CA LEU A 459 22.29 -36.37 -4.19
C LEU A 459 21.95 -37.85 -4.21
N TYR A 460 20.94 -38.22 -5.00
CA TYR A 460 20.64 -39.63 -5.18
C TYR A 460 21.88 -40.37 -5.66
N PRO A 461 22.02 -41.65 -5.31
CA PRO A 461 23.24 -42.39 -5.72
C PRO A 461 23.45 -42.43 -7.21
N GLU A 462 22.37 -42.61 -8.00
CA GLU A 462 22.52 -42.66 -9.45
C GLU A 462 23.07 -41.35 -10.02
N GLN A 463 22.95 -40.23 -9.28
CA GLN A 463 23.47 -38.97 -9.80
C GLN A 463 24.98 -38.95 -9.90
N PHE A 464 25.68 -39.75 -9.10
CA PHE A 464 27.13 -39.88 -9.24
C PHE A 464 27.54 -40.63 -10.50
N ALA A 465 26.60 -41.25 -11.19
CA ALA A 465 26.80 -41.81 -12.51
C ALA A 465 26.15 -40.95 -13.60
N GLY A 466 25.72 -39.74 -13.27
CA GLY A 466 25.08 -38.86 -14.24
C GLY A 466 23.63 -39.22 -14.56
N GLN A 467 22.95 -39.97 -13.72
CA GLN A 467 21.55 -40.34 -13.95
C GLN A 467 20.66 -39.73 -12.87
N MET A 468 19.36 -39.96 -13.00
CA MET A 468 18.36 -39.46 -12.06
C MET A 468 17.16 -40.40 -12.09
N ARG A 469 16.70 -40.81 -10.91
CA ARG A 469 15.66 -41.84 -10.84
C ARG A 469 14.30 -41.38 -11.34
N ALA A 470 14.03 -40.08 -11.36
CA ALA A 470 12.69 -39.61 -11.71
C ALA A 470 12.74 -38.14 -12.07
N ALA A 471 11.87 -37.75 -12.99
CA ALA A 471 11.73 -36.33 -13.31
C ALA A 471 10.93 -35.62 -12.24
N THR A 472 11.08 -34.30 -12.18
CA THR A 472 10.31 -33.48 -11.24
C THR A 472 8.94 -33.19 -11.84
N ALA A 473 7.89 -33.46 -11.06
CA ALA A 473 6.52 -33.19 -11.47
C ALA A 473 6.16 -31.76 -11.07
N SER A 474 6.56 -30.81 -11.92
CA SER A 474 6.29 -29.40 -11.69
C SER A 474 5.91 -28.75 -13.00
N PHE A 475 5.44 -27.51 -12.92
CA PHE A 475 5.10 -26.80 -14.16
C PHE A 475 6.31 -26.75 -15.09
N ARG A 476 7.49 -26.44 -14.55
CA ARG A 476 8.69 -26.27 -15.38
C ARG A 476 9.12 -27.59 -16.02
N HIS A 477 8.97 -28.71 -15.33
CA HIS A 477 9.59 -29.96 -15.74
C HIS A 477 8.61 -31.03 -16.19
N ALA A 478 7.29 -30.79 -16.12
CA ALA A 478 6.30 -31.79 -16.48
C ALA A 478 5.55 -31.48 -17.77
N TYR A 479 5.98 -30.46 -18.51
CA TYR A 479 5.27 -30.05 -19.72
C TYR A 479 6.28 -29.55 -20.75
N PRO A 480 6.00 -29.77 -22.03
CA PRO A 480 6.94 -29.35 -23.08
C PRO A 480 7.07 -27.84 -23.15
N THR A 481 8.24 -27.40 -23.62
CA THR A 481 8.53 -25.97 -23.67
C THR A 481 7.45 -25.20 -24.41
N ALA A 482 6.95 -25.75 -25.53
CA ALA A 482 5.96 -25.02 -26.33
C ALA A 482 4.67 -24.83 -25.56
N LEU A 483 4.28 -25.81 -24.74
CA LEU A 483 3.08 -25.67 -23.93
C LEU A 483 3.30 -24.68 -22.79
N ARG A 484 4.46 -24.74 -22.14
CA ARG A 484 4.76 -23.79 -21.08
C ARG A 484 4.66 -22.35 -21.57
N ARG A 485 5.25 -22.06 -22.74
CA ARG A 485 5.18 -20.69 -23.27
C ARG A 485 3.75 -20.29 -23.56
N ARG A 486 2.96 -21.20 -24.12
CA ARG A 486 1.56 -20.91 -24.39
C ARG A 486 0.82 -20.55 -23.11
N VAL A 487 1.05 -21.32 -22.04
CA VAL A 487 0.41 -21.02 -20.77
C VAL A 487 0.89 -19.68 -20.24
N GLU A 488 2.21 -19.46 -20.25
CA GLU A 488 2.74 -18.16 -19.83
C GLU A 488 2.24 -17.04 -20.73
N GLU A 489 2.09 -17.32 -22.02
CA GLU A 489 1.60 -16.34 -22.98
C GLU A 489 0.18 -15.90 -22.65
N ARG A 490 -0.72 -16.87 -22.50
CA ARG A 490 -2.16 -16.61 -22.35
C ARG A 490 -2.60 -16.47 -20.91
N TRP A 491 -1.68 -16.44 -19.95
CA TRP A 491 -2.06 -16.46 -18.54
C TRP A 491 -3.10 -15.40 -18.24
N SER A 492 -2.82 -14.16 -18.62
CA SER A 492 -3.76 -13.08 -18.34
C SER A 492 -5.06 -13.27 -19.11
N ASP A 493 -4.98 -13.83 -20.33
CA ASP A 493 -6.18 -13.99 -21.16
C ASP A 493 -7.09 -15.09 -20.65
N TYR A 494 -6.54 -16.09 -19.96
CA TYR A 494 -7.39 -17.09 -19.33
C TYR A 494 -8.35 -16.46 -18.32
N GLY A 495 -7.97 -15.33 -17.74
CA GLY A 495 -8.72 -14.71 -16.65
C GLY A 495 -7.91 -14.47 -15.40
N PHE A 496 -6.64 -14.88 -15.37
CA PHE A 496 -5.85 -14.78 -14.16
C PHE A 496 -5.28 -13.38 -13.94
N GLY A 497 -4.92 -12.70 -15.03
CA GLY A 497 -4.29 -11.40 -14.91
C GLY A 497 -2.90 -11.44 -14.30
N ASP A 498 -2.75 -10.85 -13.11
CA ASP A 498 -1.46 -10.82 -12.42
C ASP A 498 -1.29 -11.97 -11.43
N ALA A 499 -2.39 -12.58 -10.99
CA ALA A 499 -2.32 -13.68 -10.03
C ALA A 499 -2.07 -15.01 -10.74
N MET B 4 -21.78 -21.34 3.18
CA MET B 4 -20.48 -21.79 3.68
C MET B 4 -20.53 -23.21 4.26
N ASN B 5 -21.52 -23.50 5.12
CA ASN B 5 -21.76 -24.89 5.49
C ASN B 5 -22.43 -25.66 4.36
N ARG B 6 -23.25 -24.97 3.56
CA ARG B 6 -23.65 -25.44 2.25
C ARG B 6 -22.46 -25.92 1.43
N SER B 7 -21.35 -25.18 1.47
CA SER B 7 -20.20 -25.54 0.66
C SER B 7 -19.60 -26.87 1.09
N ALA B 8 -19.62 -27.14 2.39
CA ALA B 8 -19.11 -28.41 2.90
C ALA B 8 -19.93 -29.59 2.41
N LEU B 9 -21.22 -29.38 2.16
CA LEU B 9 -22.11 -30.47 1.77
C LEU B 9 -22.55 -30.41 0.31
N ASP B 10 -22.05 -29.44 -0.47
CA ASP B 10 -22.55 -29.27 -1.84
C ASP B 10 -21.41 -28.73 -2.71
N PHE B 11 -20.83 -29.59 -3.53
CA PHE B 11 -19.71 -29.18 -4.38
C PHE B 11 -20.10 -27.99 -5.25
N ARG B 12 -21.30 -28.03 -5.85
CA ARG B 12 -21.70 -26.94 -6.74
C ARG B 12 -21.83 -25.62 -6.00
N HIS B 13 -22.39 -25.66 -4.79
CA HIS B 13 -22.41 -24.45 -3.98
C HIS B 13 -21.00 -24.03 -3.57
N PHE B 14 -20.13 -25.01 -3.29
CA PHE B 14 -18.74 -24.74 -2.96
C PHE B 14 -18.08 -23.93 -4.07
N VAL B 15 -18.26 -24.37 -5.32
CA VAL B 15 -17.71 -23.64 -6.46
C VAL B 15 -18.28 -22.22 -6.52
N ASP B 16 -19.60 -22.08 -6.36
CA ASP B 16 -20.19 -20.76 -6.39
C ASP B 16 -19.67 -19.91 -5.24
N HIS B 17 -19.45 -20.53 -4.07
CA HIS B 17 -18.91 -19.81 -2.93
C HIS B 17 -17.50 -19.32 -3.21
N LEU B 18 -16.67 -20.15 -3.85
CA LEU B 18 -15.33 -19.73 -4.22
C LEU B 18 -15.39 -18.49 -5.10
N ARG B 19 -16.26 -18.49 -6.11
CA ARG B 19 -16.38 -17.31 -6.98
C ARG B 19 -16.80 -16.08 -6.19
N ARG B 20 -17.75 -16.22 -5.27
CA ARG B 20 -18.18 -15.07 -4.48
C ARG B 20 -17.03 -14.53 -3.63
N GLN B 21 -16.11 -15.39 -3.21
CA GLN B 21 -14.93 -14.96 -2.46
C GLN B 21 -13.89 -14.28 -3.33
N GLY B 22 -14.05 -14.32 -4.65
CA GLY B 22 -12.97 -13.89 -5.52
C GLY B 22 -11.85 -14.90 -5.67
N ASP B 23 -12.11 -16.17 -5.35
CA ASP B 23 -11.11 -17.24 -5.38
C ASP B 23 -11.33 -18.20 -6.55
N LEU B 24 -12.05 -17.78 -7.58
CA LEU B 24 -12.30 -18.65 -8.72
C LEU B 24 -12.17 -17.85 -10.00
N VAL B 25 -11.45 -18.41 -10.97
CA VAL B 25 -11.35 -17.83 -12.30
C VAL B 25 -12.15 -18.70 -13.25
N ASP B 26 -13.10 -18.10 -13.96
CA ASP B 26 -13.87 -18.79 -14.99
C ASP B 26 -13.12 -18.70 -16.31
N VAL B 27 -12.56 -19.82 -16.76
CA VAL B 27 -11.78 -19.85 -17.99
C VAL B 27 -12.73 -20.15 -19.14
N HIS B 28 -12.97 -19.15 -19.99
CA HIS B 28 -13.83 -19.32 -21.15
C HIS B 28 -13.04 -19.57 -22.44
N THR B 29 -11.76 -19.22 -22.45
CA THR B 29 -10.89 -19.63 -23.54
C THR B 29 -10.93 -21.14 -23.70
N GLU B 30 -10.98 -21.60 -24.95
CA GLU B 30 -10.95 -23.03 -25.22
C GLU B 30 -9.61 -23.60 -24.78
N VAL B 31 -9.65 -24.71 -24.05
CA VAL B 31 -8.44 -25.34 -23.53
C VAL B 31 -8.40 -26.80 -23.94
N ASP B 32 -7.19 -27.32 -24.04
CA ASP B 32 -6.95 -28.72 -24.41
C ASP B 32 -6.84 -29.55 -23.14
N ALA B 33 -7.66 -30.59 -23.03
CA ALA B 33 -7.49 -31.51 -21.90
C ALA B 33 -6.23 -32.35 -22.03
N ASN B 34 -5.60 -32.32 -23.20
CA ASN B 34 -4.30 -32.95 -23.42
C ASN B 34 -3.21 -31.99 -22.94
N LEU B 35 -2.85 -32.13 -21.67
CA LEU B 35 -1.70 -31.43 -21.08
C LEU B 35 -1.99 -29.97 -20.72
N GLU B 36 -2.75 -29.25 -21.54
CA GLU B 36 -2.93 -27.82 -21.29
C GLU B 36 -3.65 -27.58 -19.97
N ILE B 37 -4.76 -28.29 -19.73
CA ILE B 37 -5.49 -28.12 -18.48
C ILE B 37 -4.58 -28.45 -17.29
N GLY B 38 -3.79 -29.52 -17.40
CA GLY B 38 -2.87 -29.85 -16.33
C GLY B 38 -1.79 -28.81 -16.12
N ALA B 39 -1.27 -28.25 -17.21
CA ALA B 39 -0.21 -27.25 -17.10
C ALA B 39 -0.72 -25.97 -16.45
N ILE B 40 -1.89 -25.50 -16.86
CA ILE B 40 -2.48 -24.31 -16.22
C ILE B 40 -2.65 -24.56 -14.73
N THR B 41 -3.26 -25.69 -14.37
CA THR B 41 -3.56 -25.97 -12.97
C THR B 41 -2.28 -26.15 -12.14
N ARG B 42 -1.26 -26.78 -12.71
CA ARG B 42 0.01 -26.90 -12.00
C ARG B 42 0.58 -25.52 -11.68
N ARG B 43 0.54 -24.62 -12.64
CA ARG B 43 1.00 -23.26 -12.40
C ARG B 43 0.12 -22.56 -11.37
N VAL B 44 -1.16 -22.89 -11.35
CA VAL B 44 -2.07 -22.32 -10.35
C VAL B 44 -1.63 -22.71 -8.94
N TYR B 45 -1.25 -23.97 -8.74
CA TYR B 45 -0.76 -24.41 -7.43
C TYR B 45 0.47 -23.62 -7.02
N GLU B 46 1.43 -23.51 -7.95
CA GLU B 46 2.75 -22.96 -7.64
C GLU B 46 2.71 -21.44 -7.50
N ARG B 47 1.81 -20.77 -8.20
CA ARG B 47 1.61 -19.35 -8.03
C ARG B 47 0.54 -19.04 -6.97
N ARG B 48 -0.13 -20.06 -6.44
CA ARG B 48 -1.19 -19.90 -5.46
C ARG B 48 -2.28 -18.95 -5.98
N ALA B 49 -2.68 -19.21 -7.22
CA ALA B 49 -3.68 -18.42 -7.91
C ALA B 49 -5.08 -18.94 -7.61
N PRO B 50 -6.11 -18.18 -7.98
CA PRO B 50 -7.48 -18.67 -7.79
C PRO B 50 -7.73 -19.96 -8.54
N ALA B 51 -8.69 -20.72 -8.06
CA ALA B 51 -9.02 -22.00 -8.70
C ALA B 51 -9.61 -21.75 -10.08
N PRO B 52 -9.11 -22.43 -11.10
CA PRO B 52 -9.71 -22.28 -12.45
C PRO B 52 -10.89 -23.20 -12.67
N LEU B 53 -11.99 -22.64 -13.17
CA LEU B 53 -13.13 -23.41 -13.66
C LEU B 53 -13.12 -23.34 -15.19
N PHE B 54 -12.87 -24.48 -15.82
CA PHE B 54 -12.77 -24.53 -17.28
C PHE B 54 -14.14 -24.82 -17.87
N HIS B 55 -14.67 -23.85 -18.63
CA HIS B 55 -16.02 -23.94 -19.18
C HIS B 55 -16.04 -24.44 -20.62
N ASN B 56 -14.93 -24.30 -21.33
CA ASN B 56 -14.85 -24.51 -22.77
C ASN B 56 -13.73 -25.50 -23.00
N ILE B 57 -14.05 -26.79 -22.94
CA ILE B 57 -13.07 -27.86 -23.04
C ILE B 57 -13.20 -28.50 -24.40
N ARG B 58 -12.18 -28.32 -25.22
CA ARG B 58 -12.16 -28.86 -26.56
C ARG B 58 -12.38 -30.37 -26.55
N ASP B 59 -13.18 -30.85 -27.51
CA ASP B 59 -13.38 -32.29 -27.74
C ASP B 59 -14.14 -32.96 -26.59
N SER B 60 -14.93 -32.20 -25.83
CA SER B 60 -15.51 -32.71 -24.59
C SER B 60 -17.03 -32.65 -24.63
N LEU B 61 -17.64 -33.42 -23.73
CA LEU B 61 -19.09 -33.47 -23.62
C LEU B 61 -19.66 -32.07 -23.39
N PRO B 62 -20.66 -31.65 -24.16
CA PRO B 62 -21.16 -30.27 -24.03
C PRO B 62 -21.73 -30.02 -22.64
N GLY B 63 -21.39 -28.86 -22.09
CA GLY B 63 -21.79 -28.50 -20.74
C GLY B 63 -20.86 -28.96 -19.65
N ALA B 64 -19.99 -29.94 -19.91
CA ALA B 64 -19.08 -30.45 -18.89
C ALA B 64 -18.00 -29.43 -18.59
N ARG B 65 -17.62 -29.36 -17.31
CA ARG B 65 -16.61 -28.42 -16.84
C ARG B 65 -15.56 -29.16 -16.02
N VAL B 66 -14.42 -28.51 -15.82
CA VAL B 66 -13.32 -29.05 -15.03
C VAL B 66 -12.91 -28.00 -14.01
N LEU B 67 -12.78 -28.41 -12.75
CA LEU B 67 -12.30 -27.54 -11.67
C LEU B 67 -10.90 -27.96 -11.28
N GLY B 68 -9.92 -27.11 -11.56
CA GLY B 68 -8.55 -27.34 -11.14
C GLY B 68 -8.29 -26.80 -9.75
N ALA B 69 -7.29 -27.37 -9.07
CA ALA B 69 -6.85 -26.96 -7.75
C ALA B 69 -8.00 -26.71 -6.77
N PRO B 70 -8.89 -27.70 -6.59
CA PRO B 70 -10.01 -27.51 -5.65
C PRO B 70 -9.57 -27.22 -4.22
N ALA B 71 -8.36 -27.58 -3.81
CA ALA B 71 -7.88 -27.26 -2.48
C ALA B 71 -6.47 -26.68 -2.51
N GLY B 72 -6.14 -25.95 -3.58
CA GLY B 72 -4.87 -25.24 -3.61
C GLY B 72 -4.84 -24.08 -2.63
N LEU B 73 -3.64 -23.53 -2.43
CA LEU B 73 -3.44 -22.42 -1.51
C LEU B 73 -3.53 -21.09 -2.26
N ARG B 74 -3.74 -20.02 -1.48
CA ARG B 74 -3.85 -18.68 -2.04
C ARG B 74 -2.64 -17.84 -1.67
N ALA B 75 -2.31 -16.89 -2.55
CA ALA B 75 -1.14 -16.02 -2.33
C ALA B 75 -1.34 -15.15 -1.09
N ASP B 76 -2.55 -14.63 -0.88
CA ASP B 76 -2.87 -13.85 0.30
C ASP B 76 -2.62 -14.65 1.57
N ARG B 77 -1.52 -14.36 2.28
CA ARG B 77 -1.12 -15.21 3.40
C ARG B 77 -2.19 -15.26 4.49
N ALA B 78 -2.98 -14.20 4.64
CA ALA B 78 -4.02 -14.20 5.67
C ALA B 78 -5.17 -15.15 5.35
N ARG B 79 -5.40 -15.44 4.06
CA ARG B 79 -6.44 -16.37 3.65
C ARG B 79 -5.86 -17.58 2.91
N ALA B 80 -4.59 -17.90 3.15
CA ALA B 80 -3.90 -18.90 2.33
C ALA B 80 -4.64 -20.24 2.31
N HIS B 81 -5.26 -20.62 3.41
CA HIS B 81 -5.91 -21.92 3.50
C HIS B 81 -7.42 -21.85 3.32
N SER B 82 -7.93 -20.75 2.73
CA SER B 82 -9.38 -20.56 2.67
C SER B 82 -10.06 -21.67 1.89
N ARG B 83 -9.48 -22.06 0.75
CA ARG B 83 -10.11 -23.07 -0.11
C ARG B 83 -10.16 -24.42 0.57
N LEU B 84 -9.09 -24.78 1.30
CA LEU B 84 -9.09 -25.98 2.13
C LEU B 84 -10.12 -25.86 3.26
N ALA B 85 -10.09 -24.75 4.00
CA ALA B 85 -11.03 -24.57 5.10
C ALA B 85 -12.47 -24.68 4.64
N LEU B 86 -12.78 -24.18 3.45
CA LEU B 86 -14.16 -24.20 2.96
C LEU B 86 -14.66 -25.62 2.74
N HIS B 87 -13.76 -26.59 2.59
CA HIS B 87 -14.16 -28.00 2.56
C HIS B 87 -14.89 -28.38 3.83
N PHE B 88 -14.56 -27.74 4.96
CA PHE B 88 -15.19 -28.03 6.24
C PHE B 88 -16.14 -26.93 6.68
N GLY B 89 -16.51 -26.02 5.78
CA GLY B 89 -17.35 -24.91 6.15
C GLY B 89 -16.69 -23.87 7.03
N LEU B 90 -15.36 -23.88 7.13
CA LEU B 90 -14.65 -22.93 7.99
C LEU B 90 -14.38 -21.62 7.26
N PRO B 91 -14.28 -20.51 7.99
CA PRO B 91 -14.11 -19.21 7.35
C PRO B 91 -12.75 -19.08 6.68
N GLU B 92 -12.62 -18.01 5.88
CA GLU B 92 -11.46 -17.86 5.01
C GLU B 92 -10.16 -17.62 5.76
N HIS B 93 -10.21 -17.15 7.00
CA HIS B 93 -8.98 -16.91 7.75
C HIS B 93 -8.56 -18.11 8.59
N SER B 94 -9.22 -19.25 8.42
CA SER B 94 -8.89 -20.42 9.22
C SER B 94 -7.54 -21.00 8.79
N GLY B 95 -6.76 -21.42 9.77
CA GLY B 95 -5.45 -21.99 9.51
C GLY B 95 -5.33 -23.45 9.91
N PRO B 96 -4.15 -24.03 9.71
CA PRO B 96 -3.95 -25.44 10.07
C PRO B 96 -4.50 -25.83 11.43
N ARG B 97 -4.24 -25.03 12.46
CA ARG B 97 -4.61 -25.43 13.82
C ARG B 97 -6.13 -25.43 13.99
N ASP B 98 -6.81 -24.42 13.47
CA ASP B 98 -8.27 -24.43 13.48
C ASP B 98 -8.83 -25.66 12.77
N ILE B 99 -8.24 -26.03 11.64
CA ILE B 99 -8.73 -27.19 10.90
C ILE B 99 -8.49 -28.46 11.69
N VAL B 100 -7.27 -28.62 12.21
CA VAL B 100 -6.93 -29.81 12.99
C VAL B 100 -7.87 -29.92 14.19
N ALA B 101 -8.07 -28.83 14.93
CA ALA B 101 -8.93 -28.88 16.10
C ALA B 101 -10.34 -29.35 15.73
N MET B 102 -10.89 -28.87 14.60
CA MET B 102 -12.24 -29.26 14.22
C MET B 102 -12.29 -30.72 13.77
N LEU B 103 -11.27 -31.19 13.06
CA LEU B 103 -11.21 -32.59 12.66
C LEU B 103 -11.13 -33.50 13.88
N ARG B 104 -10.49 -33.05 14.96
CA ARG B 104 -10.37 -33.88 16.16
C ARG B 104 -11.65 -33.87 16.98
N ALA B 105 -12.35 -32.74 17.02
CA ALA B 105 -13.66 -32.71 17.69
C ALA B 105 -14.63 -33.65 16.99
N ALA B 106 -14.53 -33.74 15.66
CA ALA B 106 -15.39 -34.66 14.91
C ALA B 106 -15.14 -36.11 15.31
N MET B 107 -13.89 -36.47 15.59
CA MET B 107 -13.60 -37.84 16.06
C MET B 107 -14.30 -38.14 17.38
N ARG B 108 -14.44 -37.14 18.24
CA ARG B 108 -15.05 -37.32 19.57
C ARG B 108 -16.57 -37.30 19.55
N ALA B 109 -17.20 -36.79 18.49
CA ALA B 109 -18.65 -36.83 18.36
C ALA B 109 -19.07 -38.18 17.80
N GLU B 110 -20.22 -38.67 18.20
CA GLU B 110 -20.62 -39.91 17.57
C GLU B 110 -21.12 -39.66 16.15
N PRO B 111 -20.96 -40.63 15.27
CA PRO B 111 -21.26 -40.40 13.85
C PRO B 111 -22.75 -40.14 13.64
N ILE B 112 -23.05 -39.40 12.58
CA ILE B 112 -24.41 -39.16 12.14
C ILE B 112 -24.58 -39.90 10.82
N ALA B 113 -25.40 -40.96 10.83
CA ALA B 113 -25.54 -41.80 9.65
C ALA B 113 -26.11 -40.98 8.49
N PRO B 114 -25.79 -41.36 7.26
CA PRO B 114 -26.33 -40.63 6.11
C PRO B 114 -27.85 -40.79 6.02
N ARG B 115 -28.49 -39.74 5.51
CA ARG B 115 -29.93 -39.74 5.28
C ARG B 115 -30.18 -40.28 3.88
N ARG B 116 -30.80 -41.46 3.81
CA ARG B 116 -31.08 -42.09 2.52
C ARG B 116 -32.28 -41.40 1.87
N LEU B 117 -32.06 -40.84 0.69
CA LEU B 117 -33.12 -40.32 -0.17
C LEU B 117 -33.26 -41.21 -1.39
N GLU B 118 -34.39 -41.07 -2.07
CA GLU B 118 -34.60 -41.87 -3.28
C GLU B 118 -34.26 -41.11 -4.56
N ARG B 119 -34.25 -39.78 -4.53
CA ARG B 119 -33.87 -38.97 -5.68
C ARG B 119 -32.84 -37.92 -5.28
N GLY B 120 -32.13 -37.42 -6.29
CA GLY B 120 -31.11 -36.40 -6.09
C GLY B 120 -30.50 -35.91 -7.39
N PRO B 121 -29.80 -34.77 -7.34
CA PRO B 121 -29.29 -34.17 -8.58
C PRO B 121 -28.33 -35.04 -9.36
N VAL B 122 -27.60 -35.94 -8.72
CA VAL B 122 -26.66 -36.80 -9.42
C VAL B 122 -27.34 -37.72 -10.42
N GLN B 123 -28.66 -37.88 -10.33
CA GLN B 123 -29.38 -38.81 -11.20
C GLN B 123 -30.00 -38.12 -12.41
N GLU B 124 -29.71 -36.85 -12.64
CA GLU B 124 -30.30 -36.13 -13.76
C GLU B 124 -29.89 -36.72 -15.11
N ASN B 125 -28.77 -37.45 -15.18
CA ASN B 125 -28.32 -38.10 -16.40
C ASN B 125 -27.80 -39.49 -16.06
N VAL B 126 -28.24 -40.50 -16.80
CA VAL B 126 -27.93 -41.89 -16.49
C VAL B 126 -27.49 -42.59 -17.77
N TRP B 127 -26.31 -43.21 -17.73
CA TRP B 127 -25.80 -44.04 -18.81
C TRP B 127 -25.64 -45.46 -18.29
N LEU B 128 -26.29 -46.41 -18.95
CA LEU B 128 -26.26 -47.81 -18.56
C LEU B 128 -25.55 -48.64 -19.62
N GLY B 129 -24.82 -49.66 -19.17
CA GLY B 129 -24.20 -50.62 -20.05
C GLY B 129 -23.47 -50.04 -21.24
N GLU B 130 -24.04 -50.22 -22.43
CA GLU B 130 -23.40 -49.73 -23.65
C GLU B 130 -23.49 -48.22 -23.81
N GLN B 131 -24.27 -47.54 -22.97
CA GLN B 131 -24.26 -46.08 -22.98
C GLN B 131 -23.00 -45.51 -22.36
N VAL B 132 -22.31 -46.28 -21.51
CA VAL B 132 -21.11 -45.80 -20.82
C VAL B 132 -20.02 -45.51 -21.83
N ASP B 133 -19.67 -44.23 -21.98
CA ASP B 133 -18.51 -43.80 -22.78
C ASP B 133 -17.76 -42.78 -21.92
N LEU B 134 -16.77 -43.26 -21.16
CA LEU B 134 -15.98 -42.38 -20.30
C LEU B 134 -15.19 -41.36 -21.12
N THR B 135 -14.82 -41.70 -22.36
CA THR B 135 -14.06 -40.80 -23.20
C THR B 135 -14.85 -39.59 -23.66
N ARG B 136 -16.16 -39.54 -23.39
CA ARG B 136 -16.93 -38.34 -23.72
C ARG B 136 -16.71 -37.24 -22.70
N PHE B 137 -16.26 -37.58 -21.50
CA PHE B 137 -15.93 -36.58 -20.50
C PHE B 137 -14.58 -35.95 -20.78
N PRO B 138 -14.32 -34.77 -20.23
CA PRO B 138 -13.02 -34.11 -20.48
C PRO B 138 -11.89 -34.75 -19.67
N VAL B 139 -11.58 -36.00 -19.99
CA VAL B 139 -10.55 -36.76 -19.28
C VAL B 139 -9.18 -36.17 -19.61
N PRO B 140 -8.46 -35.62 -18.64
CA PRO B 140 -7.20 -34.95 -18.93
C PRO B 140 -6.01 -35.90 -18.97
N LEU B 141 -5.04 -35.52 -19.80
CA LEU B 141 -3.67 -36.01 -19.67
C LEU B 141 -2.92 -35.00 -18.81
N LEU B 142 -2.60 -35.40 -17.58
CA LEU B 142 -2.19 -34.45 -16.57
C LEU B 142 -0.71 -34.09 -16.63
N HIS B 143 0.16 -35.02 -17.00
CA HIS B 143 1.58 -34.76 -17.13
C HIS B 143 2.08 -35.29 -18.46
N GLU B 144 3.15 -34.65 -18.95
CA GLU B 144 3.74 -35.02 -20.25
C GLU B 144 4.07 -36.51 -20.31
N GLN B 145 4.77 -37.05 -19.31
CA GLN B 145 5.16 -38.46 -19.37
C GLN B 145 4.17 -39.40 -18.74
N ASP B 146 2.95 -38.95 -18.47
CA ASP B 146 1.98 -39.82 -17.82
C ASP B 146 1.65 -41.01 -18.71
N GLY B 147 1.33 -42.14 -18.07
CA GLY B 147 1.02 -43.38 -18.77
C GLY B 147 -0.37 -43.46 -19.35
N GLY B 148 -1.24 -42.52 -18.99
CA GLY B 148 -2.59 -42.51 -19.53
C GLY B 148 -3.34 -41.33 -18.95
N ARG B 149 -4.58 -41.16 -19.42
CA ARG B 149 -5.45 -40.11 -18.90
C ARG B 149 -6.14 -40.58 -17.63
N TYR B 150 -6.29 -39.67 -16.68
CA TYR B 150 -6.84 -40.02 -15.37
C TYR B 150 -8.22 -39.39 -15.22
N PHE B 151 -9.23 -40.26 -15.08
CA PHE B 151 -10.58 -39.81 -14.82
C PHE B 151 -10.76 -39.42 -13.36
N GLY B 152 -10.25 -40.23 -12.45
CA GLY B 152 -10.34 -39.95 -11.03
C GLY B 152 -9.02 -39.49 -10.43
N THR B 153 -8.92 -38.20 -10.15
CA THR B 153 -7.86 -37.67 -9.32
C THR B 153 -8.38 -36.95 -8.08
N TYR B 154 -9.69 -36.64 -8.04
CA TYR B 154 -10.28 -35.96 -6.91
C TYR B 154 -11.65 -36.53 -6.59
N GLY B 155 -11.77 -37.86 -6.61
CA GLY B 155 -12.96 -38.54 -6.13
C GLY B 155 -12.57 -39.66 -5.20
N PHE B 156 -13.57 -40.29 -4.59
CA PHE B 156 -13.31 -41.37 -3.65
C PHE B 156 -14.08 -42.63 -4.04
N HIS B 157 -13.42 -43.78 -3.84
CA HIS B 157 -14.07 -45.07 -4.00
C HIS B 157 -15.11 -45.27 -2.91
N VAL B 158 -16.23 -45.91 -3.28
CA VAL B 158 -17.22 -46.36 -2.31
C VAL B 158 -17.34 -47.87 -2.45
N VAL B 159 -17.06 -48.58 -1.36
CA VAL B 159 -17.24 -50.03 -1.30
C VAL B 159 -17.85 -50.36 0.06
N GLN B 160 -18.29 -51.60 0.19
CA GLN B 160 -18.96 -52.03 1.42
C GLN B 160 -18.54 -53.45 1.77
N THR B 161 -18.29 -53.68 3.05
CA THR B 161 -18.03 -55.02 3.54
C THR B 161 -19.20 -55.94 3.19
N PRO B 162 -18.94 -57.22 2.87
CA PRO B 162 -20.06 -58.16 2.67
C PRO B 162 -21.05 -58.17 3.82
N ASP B 163 -20.57 -57.95 5.06
CA ASP B 163 -21.45 -57.87 6.22
C ASP B 163 -22.26 -56.58 6.25
N GLY B 164 -21.84 -55.56 5.51
CA GLY B 164 -22.51 -54.27 5.59
C GLY B 164 -22.22 -53.48 6.83
N SER B 165 -21.25 -53.91 7.64
CA SER B 165 -20.91 -53.17 8.86
C SER B 165 -20.06 -51.95 8.58
N TRP B 166 -19.33 -51.94 7.47
CA TRP B 166 -18.30 -50.94 7.21
C TRP B 166 -18.50 -50.36 5.82
N ASP B 167 -18.93 -49.09 5.77
CA ASP B 167 -18.99 -48.33 4.53
C ASP B 167 -17.74 -47.46 4.45
N SER B 168 -16.86 -47.79 3.53
CA SER B 168 -15.55 -47.14 3.40
C SER B 168 -15.57 -46.19 2.21
N TRP B 169 -15.13 -44.97 2.44
CA TRP B 169 -14.91 -43.97 1.38
C TRP B 169 -13.43 -43.62 1.38
N SER B 170 -12.74 -43.90 0.27
CA SER B 170 -11.31 -43.65 0.21
C SER B 170 -10.95 -43.03 -1.14
N VAL B 171 -10.09 -42.02 -1.09
CA VAL B 171 -9.62 -41.35 -2.31
C VAL B 171 -8.50 -42.18 -2.92
N GLY B 172 -8.61 -42.47 -4.20
CA GLY B 172 -7.57 -43.19 -4.92
C GLY B 172 -7.65 -42.88 -6.40
N ARG B 173 -6.50 -42.86 -7.06
CA ARG B 173 -6.45 -42.46 -8.45
C ARG B 173 -6.97 -43.56 -9.37
N LEU B 174 -7.61 -43.16 -10.47
CA LEU B 174 -8.18 -44.08 -11.44
C LEU B 174 -7.82 -43.63 -12.85
N MET B 175 -7.01 -44.43 -13.53
CA MET B 175 -6.62 -44.14 -14.90
C MET B 175 -7.66 -44.68 -15.88
N LEU B 176 -7.82 -43.97 -17.00
CA LEU B 176 -8.74 -44.39 -18.05
C LEU B 176 -8.07 -45.48 -18.89
N VAL B 177 -8.74 -46.63 -19.01
CA VAL B 177 -8.24 -47.74 -19.81
C VAL B 177 -8.91 -47.77 -21.18
N ASP B 178 -10.24 -47.76 -21.21
CA ASP B 178 -11.01 -47.62 -22.45
C ASP B 178 -12.35 -46.98 -22.09
N ARG B 179 -13.34 -47.12 -22.98
CA ARG B 179 -14.56 -46.35 -22.87
C ARG B 179 -15.39 -46.69 -21.62
N ASN B 180 -15.16 -47.85 -20.99
CA ASN B 180 -15.95 -48.19 -19.81
C ASN B 180 -15.13 -48.95 -18.76
N THR B 181 -13.81 -48.81 -18.80
CA THR B 181 -12.91 -49.50 -17.88
C THR B 181 -11.84 -48.54 -17.39
N LEU B 182 -11.56 -48.62 -16.09
CA LEU B 182 -10.49 -47.86 -15.47
C LEU B 182 -9.59 -48.79 -14.68
N ALA B 183 -8.43 -48.27 -14.32
CA ALA B 183 -7.48 -49.03 -13.52
C ALA B 183 -6.80 -48.10 -12.53
N GLY B 184 -6.65 -48.57 -11.29
CA GLY B 184 -6.02 -47.79 -10.24
C GLY B 184 -5.50 -48.64 -9.11
N PRO B 185 -4.60 -48.08 -8.31
CA PRO B 185 -3.97 -48.85 -7.24
C PRO B 185 -4.89 -49.08 -6.06
N THR B 186 -4.69 -50.24 -5.40
CA THR B 186 -5.42 -50.63 -4.20
C THR B 186 -4.40 -51.24 -3.23
N ILE B 187 -3.46 -50.40 -2.77
CA ILE B 187 -2.38 -50.82 -1.88
C ILE B 187 -2.95 -51.56 -0.68
N PRO B 188 -2.37 -52.71 -0.30
CA PRO B 188 -3.04 -53.58 0.69
C PRO B 188 -3.21 -52.96 2.06
N THR B 189 -2.40 -51.98 2.44
CA THR B 189 -2.58 -51.32 3.73
C THR B 189 -3.68 -50.27 3.71
N GLN B 190 -4.16 -49.85 2.54
CA GLN B 190 -5.32 -48.97 2.48
C GLN B 190 -6.61 -49.78 2.62
N HIS B 191 -7.67 -49.09 3.02
CA HIS B 191 -8.91 -49.76 3.38
C HIS B 191 -9.64 -50.35 2.17
N ILE B 192 -9.47 -49.75 1.00
CA ILE B 192 -10.04 -50.34 -0.21
C ILE B 192 -9.43 -51.72 -0.46
N GLY B 193 -8.10 -51.81 -0.35
CA GLY B 193 -7.44 -53.10 -0.56
C GLY B 193 -7.84 -54.15 0.45
N ILE B 194 -8.16 -53.73 1.68
CA ILE B 194 -8.56 -54.68 2.71
C ILE B 194 -9.97 -55.19 2.47
N ILE B 195 -10.89 -54.29 2.10
CA ILE B 195 -12.27 -54.74 1.87
C ILE B 195 -12.37 -55.52 0.56
N ARG B 196 -11.65 -55.08 -0.47
CA ARG B 196 -11.66 -55.84 -1.73
C ARG B 196 -11.11 -57.25 -1.53
N GLU B 197 -10.03 -57.39 -0.75
CA GLU B 197 -9.45 -58.70 -0.53
C GLU B 197 -10.29 -59.53 0.44
N GLN B 198 -11.24 -58.91 1.16
CA GLN B 198 -12.28 -59.67 1.83
C GLN B 198 -13.27 -60.26 0.84
N TRP B 199 -13.41 -59.64 -0.34
CA TRP B 199 -14.32 -60.17 -1.36
C TRP B 199 -13.68 -61.29 -2.16
N ARG B 200 -12.35 -61.27 -2.32
CA ARG B 200 -11.65 -62.37 -2.96
C ARG B 200 -11.83 -63.68 -2.19
N ARG B 201 -12.20 -63.61 -0.92
CA ARG B 201 -12.59 -64.79 -0.14
C ARG B 201 -14.08 -65.08 -0.22
N LEU B 202 -14.71 -65.01 -1.40
CA LEU B 202 -16.17 -65.14 -1.41
C LEU B 202 -16.72 -65.67 -2.73
N GLY B 203 -15.90 -65.68 -3.77
CA GLY B 203 -16.31 -66.18 -5.06
C GLY B 203 -16.76 -65.10 -6.03
N LYS B 204 -17.11 -63.91 -5.55
CA LYS B 204 -17.57 -62.81 -6.38
C LYS B 204 -16.63 -61.62 -6.26
N PRO B 205 -16.64 -60.70 -7.24
CA PRO B 205 -15.79 -59.51 -7.15
C PRO B 205 -16.33 -58.43 -6.20
N THR B 206 -15.63 -57.30 -6.14
CA THR B 206 -15.95 -56.23 -5.20
C THR B 206 -16.89 -55.22 -5.87
N PRO B 207 -18.11 -55.02 -5.36
CA PRO B 207 -18.97 -53.95 -5.88
C PRO B 207 -18.42 -52.58 -5.50
N TRP B 208 -18.42 -51.66 -6.46
CA TRP B 208 -17.70 -50.40 -6.31
C TRP B 208 -18.46 -49.25 -6.94
N ALA B 209 -18.25 -48.06 -6.38
CA ALA B 209 -18.66 -46.79 -6.97
C ALA B 209 -17.64 -45.73 -6.63
N MET B 210 -17.54 -44.71 -7.48
CA MET B 210 -16.69 -43.55 -7.22
C MET B 210 -17.51 -42.26 -7.36
N ALA B 211 -17.44 -41.40 -6.35
CA ALA B 211 -18.08 -40.09 -6.38
C ALA B 211 -17.05 -39.03 -6.74
N LEU B 212 -17.33 -38.28 -7.81
CA LEU B 212 -16.46 -37.21 -8.27
C LEU B 212 -17.24 -35.91 -8.22
N GLY B 213 -16.62 -34.86 -7.68
CA GLY B 213 -17.38 -33.68 -7.34
C GLY B 213 -18.32 -33.94 -6.19
N ALA B 214 -17.89 -34.75 -5.23
CA ALA B 214 -18.71 -35.07 -4.07
C ALA B 214 -18.74 -33.89 -3.11
N PRO B 215 -19.59 -33.94 -2.10
CA PRO B 215 -19.55 -32.92 -1.04
C PRO B 215 -18.13 -32.77 -0.51
N PRO B 216 -17.59 -31.55 -0.52
CA PRO B 216 -16.18 -31.38 -0.13
C PRO B 216 -15.84 -31.99 1.22
N ALA B 217 -16.74 -31.90 2.20
CA ALA B 217 -16.47 -32.52 3.49
C ALA B 217 -16.35 -34.03 3.38
N ALA B 218 -17.13 -34.65 2.48
CA ALA B 218 -17.01 -36.08 2.26
C ALA B 218 -15.69 -36.43 1.57
N LEU B 219 -15.29 -35.62 0.59
CA LEU B 219 -14.00 -35.85 -0.05
C LEU B 219 -12.87 -35.76 0.96
N ALA B 220 -12.94 -34.78 1.88
CA ALA B 220 -11.84 -34.62 2.84
C ALA B 220 -11.71 -35.85 3.73
N ALA B 221 -12.83 -36.34 4.27
CA ALA B 221 -12.81 -37.53 5.11
C ALA B 221 -12.30 -38.75 4.34
N ALA B 222 -12.73 -38.91 3.09
CA ALA B 222 -12.24 -40.02 2.29
C ALA B 222 -10.73 -39.98 2.14
N GLY B 223 -10.14 -38.78 2.17
CA GLY B 223 -8.72 -38.59 2.15
C GLY B 223 -8.07 -38.62 3.51
N MET B 224 -8.80 -39.06 4.54
CA MET B 224 -8.30 -39.09 5.91
C MET B 224 -8.10 -40.53 6.37
N PRO B 225 -6.94 -40.86 6.92
CA PRO B 225 -6.70 -42.23 7.42
C PRO B 225 -7.35 -42.49 8.76
N LEU B 226 -8.68 -42.53 8.76
CA LEU B 226 -9.39 -42.89 9.97
C LEU B 226 -9.22 -44.38 10.26
N PRO B 227 -9.38 -44.80 11.52
CA PRO B 227 -9.08 -46.18 11.88
C PRO B 227 -9.91 -47.18 11.07
N GLU B 228 -9.44 -48.43 11.04
CA GLU B 228 -10.15 -49.50 10.37
C GLU B 228 -11.55 -49.68 10.95
N GLY B 229 -12.49 -50.09 10.10
CA GLY B 229 -13.87 -50.28 10.50
C GLY B 229 -14.66 -49.00 10.70
N VAL B 230 -14.02 -47.84 10.70
CA VAL B 230 -14.72 -46.58 10.91
C VAL B 230 -15.33 -46.14 9.59
N SER B 231 -16.65 -45.94 9.58
CA SER B 231 -17.33 -45.49 8.37
C SER B 231 -17.12 -44.00 8.15
N GLU B 232 -16.67 -43.64 6.95
CA GLU B 232 -16.37 -42.24 6.66
C GLU B 232 -17.64 -41.39 6.65
N ALA B 233 -18.73 -41.93 6.12
CA ALA B 233 -19.96 -41.13 5.98
C ALA B 233 -20.45 -40.62 7.33
N GLY B 234 -20.45 -41.47 8.35
CA GLY B 234 -20.89 -41.04 9.66
C GLY B 234 -19.97 -40.01 10.28
N TYR B 235 -18.67 -40.08 9.97
CA TYR B 235 -17.73 -39.08 10.47
C TYR B 235 -17.97 -37.74 9.82
N VAL B 236 -18.37 -37.74 8.55
CA VAL B 236 -18.67 -36.48 7.86
C VAL B 236 -19.86 -35.79 8.50
N GLY B 237 -20.95 -36.55 8.72
CA GLY B 237 -22.09 -35.98 9.40
C GLY B 237 -21.73 -35.37 10.75
N ALA B 238 -20.90 -36.07 11.52
CA ALA B 238 -20.47 -35.52 12.81
C ALA B 238 -19.63 -34.26 12.62
N LEU B 239 -18.81 -34.23 11.56
CA LEU B 239 -17.99 -33.07 11.28
C LEU B 239 -18.83 -31.84 10.94
N VAL B 240 -19.85 -32.00 10.09
CA VAL B 240 -20.67 -30.85 9.66
C VAL B 240 -21.92 -30.65 10.51
N GLY B 241 -22.25 -31.61 11.38
CA GLY B 241 -23.38 -31.45 12.27
C GLY B 241 -24.72 -31.89 11.70
N GLU B 242 -24.73 -32.57 10.55
CA GLU B 242 -25.98 -33.06 9.98
C GLU B 242 -25.65 -34.18 9.00
N PRO B 243 -26.58 -35.10 8.76
CA PRO B 243 -26.27 -36.25 7.91
C PRO B 243 -25.94 -35.79 6.49
N VAL B 244 -25.13 -36.61 5.81
CA VAL B 244 -24.90 -36.45 4.38
C VAL B 244 -26.02 -37.15 3.63
N GLU B 245 -26.69 -36.43 2.75
CA GLU B 245 -27.77 -37.00 1.96
C GLU B 245 -27.20 -37.89 0.87
N VAL B 246 -27.65 -39.13 0.81
CA VAL B 246 -27.14 -40.09 -0.16
C VAL B 246 -28.31 -40.83 -0.79
N VAL B 247 -28.09 -41.29 -2.02
CA VAL B 247 -29.05 -42.08 -2.76
C VAL B 247 -28.37 -43.39 -3.16
N ARG B 248 -29.17 -44.36 -3.56
CA ARG B 248 -28.64 -45.63 -4.03
C ARG B 248 -28.09 -45.48 -5.45
N THR B 249 -27.02 -46.23 -5.72
CA THR B 249 -26.57 -46.34 -7.10
C THR B 249 -27.69 -46.92 -7.96
N GLN B 250 -27.58 -46.75 -9.27
CA GLN B 250 -28.61 -47.25 -10.15
C GLN B 250 -28.55 -48.76 -10.36
N THR B 251 -27.40 -49.40 -10.07
CA THR B 251 -27.22 -50.79 -10.47
C THR B 251 -26.57 -51.72 -9.44
N ASN B 252 -26.08 -51.23 -8.31
CA ASN B 252 -25.45 -52.17 -7.37
C ASN B 252 -25.72 -51.88 -5.90
N GLY B 253 -26.67 -51.01 -5.57
CA GLY B 253 -27.07 -50.84 -4.18
C GLY B 253 -26.06 -50.18 -3.27
N LEU B 254 -24.91 -49.72 -3.78
CA LEU B 254 -24.01 -48.89 -3.00
C LEU B 254 -24.57 -47.48 -2.94
N TRP B 255 -24.28 -46.78 -1.85
CA TRP B 255 -24.89 -45.48 -1.60
C TRP B 255 -23.86 -44.37 -1.69
N VAL B 256 -24.17 -43.38 -2.52
CA VAL B 256 -23.28 -42.29 -2.90
C VAL B 256 -23.95 -40.99 -2.48
N PRO B 257 -23.20 -39.91 -2.26
CA PRO B 257 -23.84 -38.64 -1.92
C PRO B 257 -24.76 -38.15 -3.03
N ALA B 258 -25.89 -37.56 -2.64
CA ALA B 258 -26.97 -37.29 -3.59
C ALA B 258 -26.61 -36.18 -4.58
N ASN B 259 -25.85 -35.16 -4.15
CA ASN B 259 -25.53 -34.05 -5.03
C ASN B 259 -24.12 -34.16 -5.63
N THR B 260 -23.55 -35.37 -5.64
CA THR B 260 -22.29 -35.58 -6.34
C THR B 260 -22.41 -35.15 -7.81
N GLU B 261 -21.33 -34.57 -8.34
CA GLU B 261 -21.34 -34.17 -9.76
C GLU B 261 -21.42 -35.39 -10.66
N ILE B 262 -20.58 -36.39 -10.42
CA ILE B 262 -20.47 -37.59 -11.26
C ILE B 262 -20.29 -38.80 -10.37
N VAL B 263 -21.06 -39.86 -10.62
CA VAL B 263 -20.95 -41.10 -9.89
C VAL B 263 -20.74 -42.23 -10.90
N LEU B 264 -19.64 -42.97 -10.73
CA LEU B 264 -19.36 -44.17 -11.51
C LEU B 264 -19.72 -45.40 -10.71
N GLU B 265 -20.24 -46.42 -11.38
CA GLU B 265 -20.65 -47.66 -10.72
C GLU B 265 -20.19 -48.86 -11.51
N GLY B 266 -19.90 -49.95 -10.79
CA GLY B 266 -19.45 -51.17 -11.40
C GLY B 266 -18.91 -52.14 -10.36
N GLU B 267 -17.77 -52.75 -10.67
CA GLU B 267 -17.12 -53.69 -9.74
C GLU B 267 -15.64 -53.72 -10.07
N ILE B 268 -14.85 -54.10 -9.06
CA ILE B 268 -13.41 -54.31 -9.22
C ILE B 268 -13.18 -55.78 -9.51
N SER B 269 -12.63 -56.07 -10.69
CA SER B 269 -12.37 -57.45 -11.07
C SER B 269 -11.32 -58.07 -10.16
N LEU B 270 -11.38 -59.40 -10.02
CA LEU B 270 -10.52 -60.09 -9.08
C LEU B 270 -9.08 -60.18 -9.58
N ASP B 271 -8.89 -60.42 -10.88
CA ASP B 271 -7.56 -60.68 -11.39
C ASP B 271 -7.23 -60.03 -12.73
N GLU B 272 -8.20 -59.42 -13.41
CA GLU B 272 -7.87 -58.62 -14.59
C GLU B 272 -7.09 -57.38 -14.16
N THR B 273 -6.05 -57.05 -14.91
CA THR B 273 -5.25 -55.87 -14.64
C THR B 273 -4.95 -55.14 -15.94
N ALA B 274 -4.38 -53.95 -15.80
CA ALA B 274 -3.87 -53.19 -16.94
C ALA B 274 -2.67 -52.39 -16.47
N LEU B 275 -1.73 -52.17 -17.38
CA LEU B 275 -0.56 -51.35 -17.05
C LEU B 275 -1.00 -49.93 -16.70
N GLU B 276 -0.91 -49.57 -15.42
CA GLU B 276 -1.37 -48.28 -14.93
C GLU B 276 -0.16 -47.43 -14.56
N GLY B 277 -0.29 -46.12 -14.79
CA GLY B 277 0.81 -45.20 -14.54
C GLY B 277 1.80 -45.19 -15.68
N PRO B 278 2.92 -44.47 -15.51
CA PRO B 278 3.21 -43.71 -14.30
C PRO B 278 2.46 -42.38 -14.24
N MET B 279 2.49 -41.73 -13.07
CA MET B 279 1.85 -40.44 -12.91
C MET B 279 2.66 -39.62 -11.92
N GLY B 280 2.83 -38.34 -12.22
CA GLY B 280 3.38 -37.43 -11.23
C GLY B 280 2.65 -37.62 -9.91
N GLU B 281 3.38 -37.71 -8.81
CA GLU B 281 2.75 -38.11 -7.55
C GLU B 281 3.03 -37.08 -6.46
N TYR B 282 2.44 -37.34 -5.29
CA TYR B 282 2.47 -36.38 -4.19
C TYR B 282 3.89 -35.99 -3.81
N HIS B 283 4.86 -36.90 -3.92
CA HIS B 283 6.23 -36.62 -3.49
C HIS B 283 6.95 -35.65 -4.41
N GLY B 284 6.33 -35.27 -5.53
CA GLY B 284 6.88 -34.30 -6.44
C GLY B 284 7.60 -34.86 -7.63
N TYR B 285 7.58 -36.17 -7.83
CA TYR B 285 8.38 -36.82 -8.87
C TYR B 285 7.49 -37.65 -9.78
N SER B 286 7.95 -37.80 -11.03
CA SER B 286 7.35 -38.68 -12.02
C SER B 286 8.34 -39.80 -12.29
N PHE B 287 8.11 -40.95 -11.68
CA PHE B 287 8.94 -42.11 -11.97
C PHE B 287 8.56 -42.69 -13.34
N PRO B 288 9.49 -43.41 -13.96
CA PRO B 288 9.37 -43.65 -15.42
C PRO B 288 8.45 -44.80 -15.82
N ILE B 289 8.26 -45.81 -15.00
CA ILE B 289 7.57 -47.04 -15.40
C ILE B 289 6.33 -47.26 -14.54
N GLY B 290 5.27 -47.78 -15.16
CA GLY B 290 4.02 -48.04 -14.48
C GLY B 290 3.96 -49.44 -13.87
N LYS B 291 2.77 -49.78 -13.35
CA LYS B 291 2.56 -51.12 -12.83
C LYS B 291 1.19 -51.64 -13.23
N PRO B 292 1.03 -52.95 -13.37
CA PRO B 292 -0.31 -53.52 -13.52
C PRO B 292 -1.14 -53.25 -12.27
N GLN B 293 -2.40 -52.89 -12.48
CA GLN B 293 -3.31 -52.56 -11.39
C GLN B 293 -4.68 -53.13 -11.68
N PRO B 294 -5.51 -53.35 -10.66
CA PRO B 294 -6.83 -53.95 -10.88
C PRO B 294 -7.68 -53.11 -11.83
N LEU B 295 -8.48 -53.81 -12.64
CA LEU B 295 -9.41 -53.15 -13.54
C LEU B 295 -10.71 -52.84 -12.81
N PHE B 296 -11.23 -51.63 -13.06
CA PHE B 296 -12.51 -51.19 -12.52
C PHE B 296 -13.51 -51.16 -13.67
N HIS B 297 -14.46 -52.09 -13.68
CA HIS B 297 -15.47 -52.11 -14.73
C HIS B 297 -16.59 -51.13 -14.37
N VAL B 298 -16.94 -50.26 -15.32
CA VAL B 298 -18.00 -49.27 -15.13
C VAL B 298 -19.21 -49.75 -15.90
N HIS B 299 -20.20 -50.27 -15.18
CA HIS B 299 -21.45 -50.74 -15.78
C HIS B 299 -22.46 -49.62 -15.97
N ALA B 300 -22.37 -48.57 -15.16
CA ALA B 300 -23.31 -47.46 -15.24
C ALA B 300 -22.65 -46.23 -14.63
N LEU B 301 -23.13 -45.06 -15.04
CA LEU B 301 -22.68 -43.81 -14.45
C LEU B 301 -23.82 -42.80 -14.48
N SER B 302 -23.75 -41.85 -13.55
CA SER B 302 -24.74 -40.79 -13.46
C SER B 302 -24.01 -39.48 -13.21
N PHE B 303 -24.63 -38.37 -13.63
CA PHE B 303 -24.00 -37.08 -13.43
C PHE B 303 -25.05 -35.98 -13.45
N ARG B 304 -24.72 -34.87 -12.79
CA ARG B 304 -25.58 -33.70 -12.79
C ARG B 304 -25.53 -33.02 -14.15
N ASP B 305 -26.57 -32.25 -14.43
CA ASP B 305 -26.53 -31.38 -15.61
C ASP B 305 -25.34 -30.45 -15.53
N GLN B 306 -24.67 -30.27 -16.68
CA GLN B 306 -23.45 -29.47 -16.76
C GLN B 306 -22.46 -29.89 -15.68
N PRO B 307 -22.01 -31.15 -15.72
CA PRO B 307 -21.21 -31.68 -14.60
C PRO B 307 -19.85 -31.00 -14.50
N ILE B 308 -19.39 -30.84 -13.27
CA ILE B 308 -18.05 -30.31 -12.99
C ILE B 308 -17.16 -31.46 -12.53
N LEU B 309 -16.10 -31.72 -13.30
CA LEU B 309 -15.16 -32.75 -12.94
C LEU B 309 -13.97 -32.12 -12.22
N PRO B 310 -13.84 -32.27 -10.90
CA PRO B 310 -12.65 -31.76 -10.22
C PRO B 310 -11.44 -32.63 -10.50
N ILE B 311 -10.28 -32.00 -10.61
CA ILE B 311 -9.02 -32.70 -10.84
C ILE B 311 -7.97 -32.21 -9.85
N CYS B 312 -6.98 -33.07 -9.62
CA CYS B 312 -5.79 -32.73 -8.86
C CYS B 312 -4.58 -33.10 -9.71
N VAL B 313 -3.70 -32.14 -9.93
CA VAL B 313 -2.49 -32.36 -10.74
C VAL B 313 -1.34 -32.55 -9.76
N ALA B 314 -1.09 -33.81 -9.40
CA ALA B 314 -0.08 -34.14 -8.40
C ALA B 314 1.30 -33.65 -8.82
N GLY B 315 2.14 -33.39 -7.83
CA GLY B 315 3.49 -32.91 -8.09
C GLY B 315 4.03 -32.14 -6.89
N THR B 316 4.97 -31.25 -7.17
CA THR B 316 5.63 -30.50 -6.11
C THR B 316 4.60 -29.68 -5.34
N PRO B 317 4.79 -29.48 -4.04
CA PRO B 317 3.74 -28.88 -3.20
C PRO B 317 3.57 -27.40 -3.51
N PRO B 318 2.42 -26.81 -3.13
CA PRO B 318 1.34 -27.52 -2.44
C PRO B 318 0.14 -27.85 -3.34
N GLU B 319 -0.21 -29.12 -3.43
CA GLU B 319 -1.45 -29.55 -4.08
C GLU B 319 -2.26 -30.38 -3.08
N GLU B 320 -3.33 -31.03 -3.58
CA GLU B 320 -4.28 -31.64 -2.65
C GLU B 320 -3.74 -32.88 -1.95
N HIS B 321 -2.74 -33.56 -2.51
CA HIS B 321 -2.06 -34.62 -1.76
C HIS B 321 -1.41 -34.07 -0.49
N HIS B 322 -1.18 -32.77 -0.42
CA HIS B 322 -0.63 -32.13 0.76
C HIS B 322 -1.69 -31.37 1.55
N THR B 323 -2.45 -30.48 0.89
CA THR B 323 -3.39 -29.64 1.62
C THR B 323 -4.54 -30.46 2.22
N ILE B 324 -4.99 -31.50 1.51
CA ILE B 324 -6.03 -32.37 2.06
C ILE B 324 -5.37 -33.52 2.80
N TRP B 325 -4.65 -34.36 2.07
CA TRP B 325 -4.07 -35.57 2.64
C TRP B 325 -3.19 -35.25 3.85
N GLY B 326 -2.18 -34.40 3.65
CA GLY B 326 -1.29 -34.03 4.75
C GLY B 326 -2.06 -33.50 5.95
N THR B 327 -2.98 -32.57 5.71
CA THR B 327 -3.78 -32.05 6.81
C THR B 327 -4.53 -33.16 7.54
N MET B 328 -5.19 -34.05 6.79
CA MET B 328 -5.95 -35.12 7.44
C MET B 328 -5.02 -36.03 8.24
N ILE B 329 -3.85 -36.35 7.68
CA ILE B 329 -2.87 -37.17 8.39
C ILE B 329 -2.44 -36.49 9.68
N SER B 330 -2.13 -35.20 9.61
CA SER B 330 -1.65 -34.48 10.80
C SER B 330 -2.66 -34.56 11.94
N ALA B 331 -3.94 -34.33 11.63
CA ALA B 331 -4.95 -34.40 12.68
C ALA B 331 -5.11 -35.81 13.22
N GLN B 332 -5.10 -36.81 12.34
CA GLN B 332 -5.18 -38.19 12.80
C GLN B 332 -3.93 -38.55 13.62
N LEU B 333 -2.76 -38.05 13.22
CA LEU B 333 -1.54 -38.31 13.97
C LEU B 333 -1.58 -37.65 15.35
N LEU B 334 -2.10 -36.43 15.44
CA LEU B 334 -2.23 -35.80 16.75
C LEU B 334 -3.10 -36.66 17.67
N ASP B 335 -4.19 -37.21 17.14
CA ASP B 335 -5.07 -38.04 17.96
C ASP B 335 -4.38 -39.33 18.37
N VAL B 336 -3.74 -40.02 17.42
CA VAL B 336 -3.01 -41.23 17.74
C VAL B 336 -2.00 -40.95 18.85
N ALA B 337 -1.20 -39.89 18.68
CA ALA B 337 -0.16 -39.58 19.66
C ALA B 337 -0.76 -39.28 21.04
N GLN B 338 -1.79 -38.44 21.08
CA GLN B 338 -2.35 -38.08 22.38
C GLN B 338 -3.04 -39.26 23.03
N ASN B 339 -3.67 -40.14 22.23
CA ASN B 339 -4.32 -41.31 22.80
C ASN B 339 -3.31 -42.27 23.41
N ALA B 340 -2.11 -42.34 22.83
CA ALA B 340 -1.04 -43.17 23.36
C ALA B 340 -0.33 -42.53 24.55
N GLY B 341 -0.75 -41.35 24.99
CA GLY B 341 -0.10 -40.70 26.12
C GLY B 341 1.15 -39.91 25.79
N LEU B 342 1.51 -39.78 24.52
CA LEU B 342 2.68 -38.99 24.17
C LEU B 342 2.43 -37.52 24.49
N PRO B 343 3.45 -36.78 24.97
CA PRO B 343 3.30 -35.35 25.27
C PRO B 343 3.37 -34.47 24.03
N VAL B 344 2.46 -34.71 23.09
CA VAL B 344 2.40 -34.00 21.81
C VAL B 344 1.16 -33.12 21.80
N ASP B 345 1.33 -31.84 21.46
CA ASP B 345 0.19 -30.93 21.38
C ASP B 345 -0.12 -30.45 19.97
N MET B 346 0.69 -30.80 18.97
CA MET B 346 0.36 -30.49 17.59
C MET B 346 1.22 -31.37 16.70
N VAL B 347 0.66 -31.76 15.56
CA VAL B 347 1.39 -32.46 14.51
C VAL B 347 1.08 -31.78 13.19
N TRP B 348 2.11 -31.63 12.34
CA TRP B 348 1.90 -30.97 11.05
C TRP B 348 2.83 -31.60 10.03
N CYS B 349 2.25 -32.05 8.92
CA CYS B 349 2.99 -32.58 7.77
C CYS B 349 3.26 -31.39 6.86
N SER B 350 4.37 -30.70 7.10
CA SER B 350 4.72 -29.53 6.30
C SER B 350 4.47 -29.77 4.82
N TYR B 351 3.62 -28.93 4.22
CA TYR B 351 3.35 -29.05 2.79
C TYR B 351 4.63 -29.00 1.99
N GLU B 352 5.59 -28.17 2.43
CA GLU B 352 6.87 -28.04 1.72
C GLU B 352 7.61 -29.36 1.65
N ALA B 353 7.42 -30.23 2.64
CA ALA B 353 8.09 -31.53 2.65
C ALA B 353 7.32 -32.59 1.86
N ALA B 354 6.30 -32.18 1.10
CA ALA B 354 5.61 -33.09 0.17
C ALA B 354 5.02 -34.30 0.89
N THR B 355 4.47 -34.07 2.07
CA THR B 355 3.89 -35.15 2.86
C THR B 355 4.90 -36.27 3.08
N CYS B 356 6.19 -35.92 3.15
CA CYS B 356 7.26 -36.85 3.48
C CYS B 356 7.82 -36.67 4.88
N TRP B 357 7.38 -35.66 5.65
CA TRP B 357 7.74 -35.69 7.06
C TRP B 357 6.62 -35.09 7.88
N ALA B 358 6.59 -35.45 9.16
CA ALA B 358 5.64 -34.91 10.12
C ALA B 358 6.41 -34.29 11.28
N VAL B 359 6.01 -33.09 11.66
CA VAL B 359 6.66 -32.34 12.74
C VAL B 359 5.79 -32.47 13.97
N LEU B 360 6.37 -33.00 15.05
CA LEU B 360 5.68 -33.23 16.31
C LEU B 360 6.07 -32.13 17.29
N SER B 361 5.08 -31.35 17.71
CA SER B 361 5.29 -30.29 18.69
C SER B 361 5.19 -30.88 20.08
N ILE B 362 6.30 -30.85 20.82
CA ILE B 362 6.42 -31.53 22.11
C ILE B 362 6.09 -30.56 23.23
N ASP B 363 5.13 -30.92 24.08
CA ASP B 363 4.79 -30.14 25.26
C ASP B 363 5.93 -30.25 26.26
N VAL B 364 6.74 -29.20 26.34
CA VAL B 364 7.95 -29.23 27.15
C VAL B 364 7.66 -29.40 28.64
N GLN B 365 6.47 -29.03 29.10
CA GLN B 365 6.14 -29.12 30.52
C GLN B 365 5.69 -30.52 30.92
N ARG B 366 5.52 -31.44 29.96
CA ARG B 366 5.22 -32.83 30.26
C ARG B 366 6.41 -33.75 30.01
N LEU B 367 7.44 -33.27 29.32
CA LEU B 367 8.54 -34.13 28.91
C LEU B 367 9.33 -34.64 30.10
N ALA B 368 9.61 -33.80 31.09
CA ALA B 368 10.46 -34.19 32.20
C ALA B 368 9.88 -35.37 32.98
N ALA B 369 8.56 -35.38 33.20
CA ALA B 369 7.97 -36.44 34.00
C ALA B 369 8.19 -37.83 33.39
N LEU B 370 8.58 -37.90 32.11
CA LEU B 370 8.83 -39.21 31.50
C LEU B 370 10.13 -39.83 31.96
N GLY B 371 11.05 -39.04 32.52
CA GLY B 371 12.34 -39.56 32.90
C GLY B 371 13.06 -40.31 31.80
N THR B 372 13.07 -39.77 30.59
CA THR B 372 13.71 -40.49 29.49
C THR B 372 14.77 -39.63 28.81
N ASP B 373 15.13 -39.97 27.57
CA ASP B 373 16.11 -39.20 26.83
C ASP B 373 15.80 -39.34 25.35
N ALA B 374 16.53 -38.57 24.53
CA ALA B 374 16.23 -38.51 23.11
C ALA B 374 16.12 -39.90 22.48
N ALA B 375 17.11 -40.76 22.74
CA ALA B 375 17.12 -42.07 22.09
C ALA B 375 15.88 -42.88 22.48
N ALA B 376 15.55 -42.92 23.77
CA ALA B 376 14.41 -43.71 24.21
C ALA B 376 13.10 -43.09 23.72
N PHE B 377 12.99 -41.75 23.80
CA PHE B 377 11.78 -41.08 23.34
C PHE B 377 11.56 -41.29 21.85
N ALA B 378 12.62 -41.11 21.04
CA ALA B 378 12.50 -41.34 19.61
C ALA B 378 12.00 -42.74 19.32
N ALA B 379 12.59 -43.75 19.97
CA ALA B 379 12.13 -45.12 19.76
C ALA B 379 10.67 -45.28 20.15
N ARG B 380 10.26 -44.66 21.26
CA ARG B 380 8.86 -44.74 21.68
C ARG B 380 7.94 -44.06 20.68
N VAL B 381 8.31 -42.85 20.22
CA VAL B 381 7.50 -42.17 19.23
C VAL B 381 7.44 -42.99 17.94
N ALA B 382 8.56 -43.58 17.55
CA ALA B 382 8.59 -44.36 16.31
C ALA B 382 7.60 -45.52 16.37
N GLU B 383 7.59 -46.25 17.49
CA GLU B 383 6.73 -47.41 17.61
C GLU B 383 5.25 -47.00 17.55
N THR B 384 4.87 -45.98 18.32
CA THR B 384 3.48 -45.55 18.36
C THR B 384 3.04 -44.99 17.01
N VAL B 385 3.80 -44.03 16.47
CA VAL B 385 3.37 -43.30 15.28
C VAL B 385 3.41 -44.20 14.05
N PHE B 386 4.57 -44.79 13.77
CA PHE B 386 4.67 -45.61 12.56
C PHE B 386 3.74 -46.81 12.59
N GLY B 387 3.32 -47.25 13.79
CA GLY B 387 2.41 -48.36 13.91
C GLY B 387 0.94 -48.06 13.64
N SER B 388 0.57 -46.79 13.57
CA SER B 388 -0.80 -46.42 13.30
C SER B 388 -1.04 -46.37 11.80
N HIS B 389 -2.32 -46.45 11.42
CA HIS B 389 -2.68 -46.35 10.01
C HIS B 389 -2.15 -45.06 9.39
N ALA B 390 -2.32 -43.93 10.10
CA ALA B 390 -1.87 -42.65 9.56
C ALA B 390 -0.35 -42.55 9.57
N GLY B 391 0.27 -42.92 10.70
CA GLY B 391 1.71 -42.82 10.83
C GLY B 391 2.49 -43.69 9.88
N HIS B 392 1.87 -44.78 9.40
CA HIS B 392 2.54 -45.61 8.41
C HIS B 392 2.79 -44.87 7.10
N LEU B 393 2.01 -43.82 6.83
CA LEU B 393 2.14 -43.12 5.56
C LEU B 393 3.33 -42.19 5.50
N VAL B 394 3.91 -41.81 6.65
CA VAL B 394 4.90 -40.74 6.70
C VAL B 394 6.23 -41.32 7.17
N PRO B 395 7.33 -41.20 6.39
CA PRO B 395 8.57 -41.90 6.74
C PRO B 395 9.47 -41.19 7.75
N LYS B 396 9.39 -39.86 7.86
CA LYS B 396 10.26 -39.10 8.74
C LYS B 396 9.44 -38.32 9.75
N LEU B 397 9.89 -38.34 11.00
CA LEU B 397 9.30 -37.57 12.08
C LEU B 397 10.35 -36.61 12.65
N ILE B 398 9.93 -35.38 12.91
CA ILE B 398 10.76 -34.38 13.56
C ILE B 398 10.11 -34.05 14.90
N LEU B 399 10.86 -34.22 15.98
CA LEU B 399 10.38 -33.89 17.30
C LEU B 399 11.00 -32.57 17.72
N VAL B 400 10.16 -31.60 18.07
CA VAL B 400 10.65 -30.28 18.48
C VAL B 400 9.76 -29.76 19.58
N GLY B 401 10.33 -28.90 20.42
CA GLY B 401 9.57 -28.34 21.52
C GLY B 401 8.54 -27.34 21.03
N ASN B 402 7.46 -27.23 21.79
CA ASN B 402 6.32 -26.43 21.36
C ASN B 402 6.54 -24.93 21.52
N ASP B 403 7.78 -24.48 21.73
CA ASP B 403 8.06 -23.04 21.69
C ASP B 403 7.99 -22.49 20.27
N ILE B 404 8.21 -23.32 19.26
CA ILE B 404 8.04 -22.92 17.88
C ILE B 404 6.67 -23.34 17.40
N ASP B 405 6.20 -22.67 16.35
CA ASP B 405 4.97 -23.02 15.66
C ASP B 405 5.31 -24.03 14.57
N VAL B 406 4.97 -25.31 14.80
CA VAL B 406 5.39 -26.34 13.85
C VAL B 406 4.70 -26.23 12.50
N THR B 407 3.69 -25.36 12.38
CA THR B 407 3.07 -25.15 11.07
C THR B 407 3.84 -24.17 10.20
N GLU B 408 4.87 -23.50 10.73
CA GLU B 408 5.64 -22.51 9.97
C GLU B 408 6.98 -23.14 9.58
N ILE B 409 7.17 -23.36 8.29
CA ILE B 409 8.38 -24.04 7.83
C ILE B 409 9.63 -23.27 8.21
N ASP B 410 9.57 -21.94 8.20
CA ASP B 410 10.74 -21.14 8.59
C ASP B 410 11.16 -21.44 10.03
N GLN B 411 10.20 -21.71 10.91
CA GLN B 411 10.53 -22.00 12.30
C GLN B 411 11.03 -23.43 12.47
N VAL B 412 10.44 -24.37 11.72
CA VAL B 412 10.93 -25.74 11.72
C VAL B 412 12.37 -25.78 11.24
N VAL B 413 12.68 -25.00 10.20
CA VAL B 413 14.04 -24.98 9.66
C VAL B 413 15.00 -24.40 10.70
N TRP B 414 14.62 -23.28 11.32
CA TRP B 414 15.45 -22.72 12.38
C TRP B 414 15.78 -23.77 13.44
N ALA B 415 14.79 -24.60 13.81
CA ALA B 415 15.01 -25.61 14.85
C ALA B 415 15.87 -26.76 14.33
N LEU B 416 15.62 -27.24 13.13
CA LEU B 416 16.46 -28.29 12.56
C LEU B 416 17.91 -27.84 12.52
N ALA B 417 18.14 -26.60 12.06
CA ALA B 417 19.49 -26.10 11.89
C ALA B 417 20.17 -25.82 13.23
N THR B 418 19.43 -25.30 14.22
CA THR B 418 20.08 -24.84 15.44
C THR B 418 19.96 -25.81 16.61
N ARG B 419 19.14 -26.86 16.51
CA ARG B 419 18.95 -27.75 17.65
C ARG B 419 19.33 -29.19 17.38
N ALA B 420 19.35 -29.65 16.12
CA ALA B 420 19.68 -31.03 15.82
C ALA B 420 21.19 -31.20 15.89
N HIS B 421 21.65 -32.04 16.82
CA HIS B 421 23.09 -32.30 16.93
C HIS B 421 23.49 -33.46 16.01
N PRO B 422 24.50 -33.27 15.15
CA PRO B 422 24.81 -34.30 14.16
C PRO B 422 25.15 -35.65 14.77
N LEU B 423 25.70 -35.68 15.97
CA LEU B 423 26.09 -36.94 16.59
C LEU B 423 24.98 -37.60 17.39
N HIS B 424 23.94 -36.87 17.79
CA HIS B 424 23.01 -37.40 18.79
C HIS B 424 21.55 -37.44 18.36
N ASP B 425 21.16 -36.83 17.24
CA ASP B 425 19.76 -36.58 16.99
C ASP B 425 19.25 -37.18 15.67
N HIS B 426 19.98 -38.14 15.11
CA HIS B 426 19.60 -38.79 13.85
C HIS B 426 19.29 -40.26 14.16
N PHE B 427 18.00 -40.58 14.32
CA PHE B 427 17.56 -41.88 14.81
C PHE B 427 16.88 -42.65 13.68
N ALA B 428 17.65 -43.45 12.96
CA ALA B 428 17.09 -44.30 11.92
C ALA B 428 16.46 -45.54 12.55
N PHE B 429 15.42 -46.05 11.88
CA PHE B 429 14.70 -47.24 12.31
C PHE B 429 14.56 -48.18 11.13
N PRO B 430 15.64 -48.86 10.74
CA PRO B 430 15.62 -49.64 9.49
C PRO B 430 14.76 -50.89 9.53
N GLN B 431 14.22 -51.28 10.68
CA GLN B 431 13.41 -52.50 10.75
C GLN B 431 11.92 -52.24 10.57
N ILE B 432 11.46 -50.99 10.60
CA ILE B 432 10.04 -50.69 10.56
C ILE B 432 9.58 -50.65 9.10
N ARG B 433 8.46 -51.30 8.81
CA ARG B 433 7.98 -51.41 7.43
C ARG B 433 7.70 -50.04 6.85
N ASP B 434 8.02 -49.88 5.57
CA ASP B 434 7.94 -48.61 4.86
C ASP B 434 6.63 -48.46 4.11
N PHE B 435 6.20 -47.22 3.93
CA PHE B 435 5.19 -46.92 2.93
C PHE B 435 5.83 -47.00 1.55
N PRO B 436 5.26 -47.77 0.61
CA PRO B 436 6.01 -48.13 -0.60
C PRO B 436 6.25 -46.97 -1.57
N MET B 437 5.60 -45.82 -1.38
CA MET B 437 5.76 -44.73 -2.33
C MET B 437 6.93 -43.79 -2.00
N VAL B 438 7.63 -44.00 -0.89
CA VAL B 438 8.69 -43.08 -0.46
C VAL B 438 9.78 -42.99 -1.52
N PRO B 439 10.09 -41.80 -2.05
CA PRO B 439 10.88 -41.73 -3.29
C PRO B 439 12.36 -42.03 -3.13
N TYR B 440 12.93 -41.95 -1.92
CA TYR B 440 14.36 -42.14 -1.76
C TYR B 440 14.76 -43.57 -1.43
N LEU B 441 13.80 -44.49 -1.34
CA LEU B 441 14.15 -45.87 -1.06
C LEU B 441 15.01 -46.43 -2.20
N ASP B 442 15.96 -47.30 -1.84
CA ASP B 442 16.80 -47.98 -2.80
C ASP B 442 16.36 -49.44 -2.95
N ALA B 443 17.05 -50.16 -3.84
CA ALA B 443 16.71 -51.56 -4.09
C ALA B 443 16.80 -52.39 -2.82
N GLU B 444 17.79 -52.10 -1.97
CA GLU B 444 17.94 -52.82 -0.70
C GLU B 444 16.70 -52.67 0.17
N ASP B 445 16.10 -51.47 0.22
CA ASP B 445 14.94 -51.27 1.09
C ASP B 445 13.70 -51.95 0.51
N LYS B 446 13.52 -51.88 -0.81
CA LYS B 446 12.32 -52.44 -1.41
C LYS B 446 12.31 -53.97 -1.40
N ALA B 447 13.49 -54.61 -1.32
CA ALA B 447 13.54 -56.05 -1.16
C ALA B 447 13.35 -56.45 0.30
N ARG B 448 13.90 -55.66 1.22
CA ARG B 448 13.75 -55.93 2.64
C ARG B 448 12.39 -55.47 3.17
N GLY B 449 11.74 -54.53 2.50
CA GLY B 449 10.48 -54.00 2.98
C GLY B 449 10.58 -52.93 4.03
N SER B 450 11.81 -52.49 4.35
CA SER B 450 12.00 -51.46 5.37
C SER B 450 13.35 -50.80 5.14
N GLY B 451 13.59 -49.71 5.87
CA GLY B 451 14.86 -49.01 5.81
C GLY B 451 14.77 -47.50 5.65
N GLY B 452 13.58 -46.99 5.34
CA GLY B 452 13.39 -45.57 5.10
C GLY B 452 12.90 -44.74 6.28
N ARG B 453 12.60 -45.35 7.43
CA ARG B 453 12.03 -44.62 8.55
C ARG B 453 13.09 -43.87 9.35
N LEU B 454 12.73 -42.67 9.83
CA LEU B 454 13.66 -41.81 10.53
C LEU B 454 12.93 -40.90 11.51
N VAL B 455 13.57 -40.66 12.65
CA VAL B 455 13.14 -39.67 13.62
C VAL B 455 14.31 -38.71 13.81
N ILE B 456 14.07 -37.43 13.55
CA ILE B 456 15.05 -36.39 13.77
C ILE B 456 14.68 -35.66 15.06
N ASN B 457 15.58 -35.67 16.02
CA ASN B 457 15.34 -35.06 17.32
C ASN B 457 15.88 -33.64 17.34
N CYS B 458 15.00 -32.67 17.62
CA CYS B 458 15.39 -31.27 17.82
C CYS B 458 15.13 -30.81 19.26
N LEU B 459 15.00 -31.74 20.19
CA LEU B 459 14.91 -31.41 21.61
C LEU B 459 16.30 -31.40 22.21
N TYR B 460 16.73 -30.26 22.73
CA TYR B 460 18.00 -30.22 23.44
C TYR B 460 17.96 -31.22 24.60
N PRO B 461 19.11 -31.80 24.96
CA PRO B 461 19.08 -32.83 26.02
C PRO B 461 18.55 -32.32 27.34
N GLU B 462 18.85 -31.07 27.70
CA GLU B 462 18.36 -30.50 28.95
C GLU B 462 16.83 -30.39 28.99
N GLN B 463 16.16 -30.47 27.84
CA GLN B 463 14.70 -30.37 27.83
C GLN B 463 14.04 -31.62 28.43
N PHE B 464 14.73 -32.76 28.38
CA PHE B 464 14.20 -33.96 29.02
C PHE B 464 14.27 -33.89 30.54
N ALA B 465 14.93 -32.87 31.08
CA ALA B 465 14.88 -32.53 32.49
C ALA B 465 14.02 -31.29 32.75
N GLY B 466 13.34 -30.78 31.72
CA GLY B 466 12.52 -29.59 31.86
C GLY B 466 13.26 -28.28 31.79
N GLN B 467 14.46 -28.27 31.24
CA GLN B 467 15.30 -27.07 31.17
C GLN B 467 15.46 -26.64 29.71
N MET B 468 16.14 -25.52 29.53
CA MET B 468 16.43 -24.99 28.21
C MET B 468 17.70 -24.15 28.29
N ARG B 469 18.65 -24.41 27.39
CA ARG B 469 19.97 -23.78 27.49
C ARG B 469 19.92 -22.27 27.25
N ALA B 470 18.92 -21.78 26.51
CA ALA B 470 18.94 -20.37 26.15
C ALA B 470 17.54 -19.94 25.72
N ALA B 471 17.22 -18.69 26.02
CA ALA B 471 15.97 -18.10 25.56
C ALA B 471 16.07 -17.70 24.09
N THR B 472 14.92 -17.50 23.47
CA THR B 472 14.84 -17.14 22.06
C THR B 472 14.95 -15.62 21.91
N ALA B 473 15.89 -15.17 21.07
CA ALA B 473 16.07 -13.74 20.78
C ALA B 473 15.12 -13.34 19.65
N SER B 474 13.88 -13.03 20.03
CA SER B 474 12.87 -12.57 19.10
C SER B 474 12.04 -11.47 19.77
N PHE B 475 11.22 -10.80 18.96
CA PHE B 475 10.33 -9.78 19.53
C PHE B 475 9.47 -10.35 20.64
N ARG B 476 8.87 -11.52 20.40
CA ARG B 476 7.98 -12.12 21.38
C ARG B 476 8.71 -12.54 22.65
N HIS B 477 9.97 -12.99 22.54
CA HIS B 477 10.65 -13.64 23.66
C HIS B 477 11.83 -12.85 24.22
N ALA B 478 12.15 -11.67 23.68
CA ALA B 478 13.29 -10.91 24.20
C ALA B 478 12.89 -9.61 24.87
N TYR B 479 11.59 -9.39 25.10
CA TYR B 479 11.09 -8.14 25.62
C TYR B 479 9.90 -8.39 26.53
N PRO B 480 9.75 -7.61 27.59
CA PRO B 480 8.64 -7.82 28.52
C PRO B 480 7.31 -7.53 27.85
N THR B 481 6.27 -8.17 28.38
CA THR B 481 4.93 -8.05 27.81
C THR B 481 4.51 -6.59 27.67
N ALA B 482 4.81 -5.77 28.68
CA ALA B 482 4.37 -4.37 28.65
C ALA B 482 5.01 -3.62 27.49
N LEU B 483 6.28 -3.91 27.19
CA LEU B 483 6.93 -3.26 26.06
C LEU B 483 6.36 -3.77 24.74
N ARG B 484 6.14 -5.09 24.62
CA ARG B 484 5.52 -5.61 23.41
C ARG B 484 4.17 -4.95 23.17
N ARG B 485 3.35 -4.78 24.22
CA ARG B 485 2.07 -4.11 24.06
C ARG B 485 2.26 -2.67 23.62
N ARG B 486 3.25 -1.97 24.21
CA ARG B 486 3.45 -0.56 23.87
C ARG B 486 3.89 -0.40 22.42
N VAL B 487 4.79 -1.28 21.96
CA VAL B 487 5.23 -1.19 20.57
C VAL B 487 4.06 -1.45 19.62
N GLU B 488 3.23 -2.44 19.94
CA GLU B 488 2.08 -2.74 19.10
C GLU B 488 1.08 -1.57 19.11
N GLU B 489 0.86 -0.97 20.28
CA GLU B 489 -0.09 0.13 20.39
C GLU B 489 0.39 1.36 19.62
N ARG B 490 1.66 1.72 19.78
CA ARG B 490 2.22 2.94 19.22
C ARG B 490 2.85 2.73 17.84
N TRP B 491 2.67 1.55 17.25
CA TRP B 491 3.24 1.26 15.93
C TRP B 491 2.87 2.34 14.92
N SER B 492 1.60 2.75 14.92
CA SER B 492 1.15 3.77 13.97
C SER B 492 1.74 5.14 14.30
N ASP B 493 1.88 5.47 15.59
CA ASP B 493 2.52 6.72 15.97
C ASP B 493 3.97 6.78 15.48
N TYR B 494 4.69 5.65 15.52
CA TYR B 494 6.07 5.64 15.06
C TYR B 494 6.20 6.05 13.60
N GLY B 495 5.14 5.84 12.81
CA GLY B 495 5.16 6.14 11.38
C GLY B 495 4.95 4.95 10.48
N PHE B 496 4.70 3.75 10.99
CA PHE B 496 4.69 2.55 10.16
C PHE B 496 3.37 2.37 9.41
N GLY B 497 2.25 2.66 10.06
CA GLY B 497 0.95 2.49 9.43
C GLY B 497 0.76 1.18 8.70
N ASP B 498 0.53 0.09 9.45
CA ASP B 498 0.24 -1.24 8.91
C ASP B 498 1.48 -1.95 8.38
N ALA B 499 2.67 -1.54 8.81
CA ALA B 499 3.90 -2.14 8.33
C ALA B 499 4.30 -3.33 9.21
N SER C 3 5.54 -1.23 -24.37
CA SER C 3 4.28 -1.66 -23.77
C SER C 3 3.41 -0.46 -23.43
N MET C 4 4.07 0.62 -22.98
CA MET C 4 3.34 1.87 -22.72
C MET C 4 2.99 2.61 -23.99
N ASN C 5 3.86 2.57 -25.02
CA ASN C 5 3.51 3.24 -26.26
C ASN C 5 2.56 2.39 -27.10
N ARG C 6 2.56 1.07 -26.92
CA ARG C 6 1.54 0.23 -27.56
C ARG C 6 0.17 0.49 -26.98
N SER C 7 0.12 0.97 -25.74
CA SER C 7 -1.17 1.13 -25.06
C SER C 7 -2.05 2.14 -25.78
N ALA C 8 -1.44 3.13 -26.43
CA ALA C 8 -2.20 4.18 -27.07
C ALA C 8 -3.02 3.67 -28.25
N LEU C 9 -2.56 2.59 -28.90
CA LEU C 9 -3.17 2.10 -30.13
C LEU C 9 -3.88 0.78 -29.98
N ASP C 10 -3.94 0.21 -28.78
CA ASP C 10 -4.47 -1.15 -28.60
C ASP C 10 -5.13 -1.24 -27.24
N PHE C 11 -6.46 -1.31 -27.22
CA PHE C 11 -7.20 -1.30 -25.97
C PHE C 11 -6.82 -2.49 -25.10
N ARG C 12 -6.80 -3.68 -25.68
CA ARG C 12 -6.44 -4.87 -24.90
C ARG C 12 -5.06 -4.71 -24.27
N HIS C 13 -4.10 -4.16 -25.00
CA HIS C 13 -2.78 -3.94 -24.42
C HIS C 13 -2.81 -2.84 -23.37
N PHE C 14 -3.61 -1.80 -23.61
CA PHE C 14 -3.83 -0.76 -22.62
C PHE C 14 -4.26 -1.38 -21.29
N VAL C 15 -5.21 -2.31 -21.34
CA VAL C 15 -5.67 -2.97 -20.12
C VAL C 15 -4.55 -3.77 -19.47
N ASP C 16 -3.77 -4.50 -20.27
CA ASP C 16 -2.67 -5.28 -19.71
C ASP C 16 -1.62 -4.36 -19.08
N HIS C 17 -1.39 -3.20 -19.70
CA HIS C 17 -0.44 -2.26 -19.13
C HIS C 17 -0.95 -1.68 -17.80
N LEU C 18 -2.26 -1.40 -17.72
CA LEU C 18 -2.82 -0.95 -16.44
C LEU C 18 -2.53 -1.94 -15.34
N ARG C 19 -2.76 -3.23 -15.60
CA ARG C 19 -2.44 -4.25 -14.61
C ARG C 19 -0.97 -4.19 -14.21
N ARG C 20 -0.07 -4.11 -15.18
CA ARG C 20 1.36 -4.05 -14.88
C ARG C 20 1.71 -2.85 -14.01
N GLN C 21 1.01 -1.73 -14.18
CA GLN C 21 1.21 -0.55 -13.36
C GLN C 21 0.60 -0.69 -11.97
N GLY C 22 -0.10 -1.79 -11.70
CA GLY C 22 -0.87 -1.88 -10.47
C GLY C 22 -2.10 -1.02 -10.46
N ASP C 23 -2.59 -0.61 -11.63
CA ASP C 23 -3.75 0.27 -11.74
C ASP C 23 -4.98 -0.45 -12.26
N LEU C 24 -5.06 -1.77 -12.07
CA LEU C 24 -6.23 -2.52 -12.49
C LEU C 24 -6.56 -3.59 -11.46
N VAL C 25 -7.84 -3.75 -11.17
CA VAL C 25 -8.32 -4.84 -10.32
C VAL C 25 -9.14 -5.78 -11.17
N ASP C 26 -8.79 -7.07 -11.15
CA ASP C 26 -9.54 -8.10 -11.86
C ASP C 26 -10.63 -8.63 -10.93
N VAL C 27 -11.88 -8.27 -11.23
CA VAL C 27 -13.03 -8.66 -10.43
C VAL C 27 -13.53 -10.01 -10.95
N HIS C 28 -13.28 -11.07 -10.19
CA HIS C 28 -13.68 -12.41 -10.59
C HIS C 28 -15.05 -12.81 -10.07
N THR C 29 -15.54 -12.17 -9.01
CA THR C 29 -16.88 -12.45 -8.53
C THR C 29 -17.91 -12.08 -9.59
N GLU C 30 -19.04 -12.78 -9.57
CA GLU C 30 -20.12 -12.47 -10.48
C GLU C 30 -20.79 -11.16 -10.08
N VAL C 31 -20.99 -10.28 -11.07
CA VAL C 31 -21.62 -8.98 -10.83
C VAL C 31 -22.79 -8.82 -11.77
N ASP C 32 -23.75 -8.01 -11.34
CA ASP C 32 -24.97 -7.75 -12.07
C ASP C 32 -24.81 -6.47 -12.87
N ALA C 33 -25.04 -6.54 -14.19
CA ALA C 33 -25.08 -5.33 -14.99
C ALA C 33 -26.25 -4.43 -14.61
N ASN C 34 -27.17 -4.91 -13.79
CA ASN C 34 -28.28 -4.09 -13.30
C ASN C 34 -27.80 -3.36 -12.04
N LEU C 35 -27.27 -2.15 -12.26
CA LEU C 35 -26.87 -1.24 -11.19
C LEU C 35 -25.56 -1.58 -10.50
N GLU C 36 -25.25 -2.86 -10.29
CA GLU C 36 -24.09 -3.18 -9.45
C GLU C 36 -22.77 -2.78 -10.11
N ILE C 37 -22.60 -3.08 -11.39
CA ILE C 37 -21.40 -2.62 -12.09
C ILE C 37 -21.27 -1.11 -12.00
N GLY C 38 -22.38 -0.39 -12.21
CA GLY C 38 -22.32 1.05 -12.14
C GLY C 38 -21.95 1.55 -10.75
N ALA C 39 -22.54 0.95 -9.71
CA ALA C 39 -22.24 1.37 -8.35
C ALA C 39 -20.79 1.10 -7.97
N ILE C 40 -20.26 -0.07 -8.34
CA ILE C 40 -18.84 -0.32 -8.08
C ILE C 40 -17.98 0.73 -8.78
N THR C 41 -18.29 1.03 -10.05
CA THR C 41 -17.45 1.93 -10.81
C THR C 41 -17.56 3.37 -10.30
N ARG C 42 -18.78 3.78 -9.90
CA ARG C 42 -18.95 5.09 -9.29
C ARG C 42 -18.07 5.22 -8.05
N ARG C 43 -18.12 4.23 -7.17
CA ARG C 43 -17.23 4.26 -6.01
C ARG C 43 -15.77 4.26 -6.43
N VAL C 44 -15.43 3.58 -7.53
CA VAL C 44 -14.06 3.60 -8.03
C VAL C 44 -13.65 5.04 -8.37
N TYR C 45 -14.49 5.75 -9.14
CA TYR C 45 -14.22 7.15 -9.47
C TYR C 45 -14.00 7.97 -8.19
N GLU C 46 -14.94 7.85 -7.24
CA GLU C 46 -14.96 8.74 -6.10
C GLU C 46 -13.85 8.42 -5.10
N ARG C 47 -13.41 7.17 -5.03
CA ARG C 47 -12.27 6.82 -4.21
C ARG C 47 -10.97 6.83 -4.99
N ARG C 48 -11.00 7.11 -6.29
CA ARG C 48 -9.81 7.10 -7.13
C ARG C 48 -9.06 5.78 -6.98
N ALA C 49 -9.81 4.70 -7.08
CA ALA C 49 -9.29 3.34 -6.99
C ALA C 49 -8.82 2.86 -8.36
N PRO C 50 -8.19 1.68 -8.40
CA PRO C 50 -7.81 1.09 -9.69
C PRO C 50 -9.03 0.76 -10.54
N ALA C 51 -8.80 0.72 -11.85
CA ALA C 51 -9.89 0.44 -12.79
C ALA C 51 -10.33 -1.01 -12.64
N PRO C 52 -11.63 -1.27 -12.51
CA PRO C 52 -12.10 -2.66 -12.41
C PRO C 52 -12.31 -3.28 -13.78
N LEU C 53 -11.76 -4.48 -13.99
CA LEU C 53 -12.08 -5.31 -15.14
C LEU C 53 -12.99 -6.44 -14.65
N PHE C 54 -14.26 -6.37 -15.01
CA PHE C 54 -15.26 -7.36 -14.59
C PHE C 54 -15.20 -8.56 -15.50
N HIS C 55 -14.84 -9.73 -14.94
CA HIS C 55 -14.71 -10.96 -15.71
C HIS C 55 -16.00 -11.75 -15.81
N ASN C 56 -16.93 -11.57 -14.89
CA ASN C 56 -18.12 -12.42 -14.79
C ASN C 56 -19.34 -11.52 -14.56
N ILE C 57 -20.15 -11.35 -15.60
CA ILE C 57 -21.37 -10.55 -15.54
C ILE C 57 -22.55 -11.48 -15.78
N ARG C 58 -23.47 -11.52 -14.82
CA ARG C 58 -24.62 -12.42 -14.90
C ARG C 58 -25.36 -12.30 -16.24
N ASP C 59 -25.81 -13.42 -16.78
CA ASP C 59 -26.66 -13.46 -17.95
C ASP C 59 -26.05 -12.77 -19.16
N SER C 60 -24.73 -12.77 -19.25
CA SER C 60 -24.00 -12.14 -20.35
C SER C 60 -23.48 -13.20 -21.29
N LEU C 61 -23.17 -12.78 -22.51
CA LEU C 61 -22.45 -13.64 -23.44
C LEU C 61 -21.21 -14.20 -22.73
N PRO C 62 -21.09 -15.53 -22.60
CA PRO C 62 -19.97 -16.09 -21.84
C PRO C 62 -18.62 -15.58 -22.34
N GLY C 63 -17.80 -15.13 -21.38
CA GLY C 63 -16.51 -14.56 -21.70
C GLY C 63 -16.51 -13.06 -21.91
N ALA C 64 -17.69 -12.44 -22.01
CA ALA C 64 -17.76 -11.00 -22.19
C ALA C 64 -17.34 -10.30 -20.90
N ARG C 65 -16.63 -9.18 -21.05
CA ARG C 65 -16.07 -8.48 -19.92
C ARG C 65 -16.42 -7.00 -20.02
N VAL C 66 -16.33 -6.31 -18.87
CA VAL C 66 -16.58 -4.88 -18.78
C VAL C 66 -15.39 -4.22 -18.09
N LEU C 67 -14.98 -3.06 -18.60
CA LEU C 67 -13.95 -2.24 -17.95
C LEU C 67 -14.59 -0.94 -17.48
N GLY C 68 -14.64 -0.75 -16.16
CA GLY C 68 -15.11 0.51 -15.62
C GLY C 68 -13.97 1.49 -15.44
N ALA C 69 -14.31 2.78 -15.47
CA ALA C 69 -13.37 3.86 -15.18
C ALA C 69 -12.09 3.81 -16.03
N PRO C 70 -12.21 3.68 -17.35
CA PRO C 70 -11.01 3.62 -18.20
C PRO C 70 -10.12 4.86 -18.11
N ALA C 71 -10.62 6.01 -17.69
CA ALA C 71 -9.74 7.15 -17.45
C ALA C 71 -10.09 7.82 -16.13
N GLY C 72 -10.38 7.02 -15.11
CA GLY C 72 -10.51 7.55 -13.76
C GLY C 72 -9.17 8.06 -13.24
N LEU C 73 -9.23 8.78 -12.12
CA LEU C 73 -8.02 9.23 -11.46
C LEU C 73 -7.58 8.23 -10.38
N ARG C 74 -6.30 8.27 -10.05
CA ARG C 74 -5.72 7.46 -8.99
C ARG C 74 -5.48 8.30 -7.73
N ALA C 75 -5.50 7.63 -6.58
CA ALA C 75 -5.37 8.33 -5.31
C ALA C 75 -3.97 8.89 -5.12
N ASP C 76 -2.95 8.16 -5.57
CA ASP C 76 -1.57 8.62 -5.52
C ASP C 76 -1.42 9.90 -6.34
N ARG C 77 -1.23 11.03 -5.66
CA ARG C 77 -1.26 12.31 -6.35
C ARG C 77 -0.13 12.44 -7.36
N ALA C 78 1.00 11.78 -7.11
CA ALA C 78 2.10 11.82 -8.07
C ALA C 78 1.79 11.07 -9.35
N ARG C 79 0.83 10.14 -9.33
CA ARG C 79 0.43 9.38 -10.51
C ARG C 79 -1.05 9.54 -10.82
N ALA C 80 -1.68 10.63 -10.35
CA ALA C 80 -3.14 10.72 -10.39
C ALA C 80 -3.68 10.61 -11.81
N HIS C 81 -2.98 11.18 -12.79
CA HIS C 81 -3.47 11.22 -14.16
C HIS C 81 -2.89 10.11 -15.03
N SER C 82 -2.30 9.07 -14.42
CA SER C 82 -1.57 8.08 -15.21
C SER C 82 -2.49 7.34 -16.18
N ARG C 83 -3.68 6.96 -15.72
CA ARG C 83 -4.62 6.26 -16.59
C ARG C 83 -5.03 7.13 -17.77
N LEU C 84 -5.21 8.42 -17.53
CA LEU C 84 -5.47 9.35 -18.62
C LEU C 84 -4.23 9.51 -19.51
N ALA C 85 -3.07 9.70 -18.90
CA ALA C 85 -1.83 9.83 -19.67
C ALA C 85 -1.58 8.61 -20.55
N LEU C 86 -1.95 7.42 -20.10
CA LEU C 86 -1.69 6.22 -20.88
C LEU C 86 -2.48 6.20 -22.18
N HIS C 87 -3.60 6.94 -22.25
CA HIS C 87 -4.35 7.02 -23.49
C HIS C 87 -3.49 7.54 -24.63
N PHE C 88 -2.45 8.31 -24.30
CA PHE C 88 -1.54 8.85 -25.30
C PHE C 88 -0.14 8.25 -25.20
N GLY C 89 0.00 7.14 -24.48
CA GLY C 89 1.30 6.53 -24.26
C GLY C 89 2.25 7.32 -23.38
N LEU C 90 1.74 8.31 -22.65
CA LEU C 90 2.59 9.12 -21.79
C LEU C 90 2.86 8.41 -20.48
N PRO C 91 3.99 8.73 -19.83
CA PRO C 91 4.35 8.04 -18.58
C PRO C 91 3.39 8.38 -17.44
N GLU C 92 3.54 7.63 -16.34
CA GLU C 92 2.55 7.69 -15.27
C GLU C 92 2.61 8.98 -14.46
N HIS C 93 3.72 9.73 -14.53
CA HIS C 93 3.84 10.97 -13.78
C HIS C 93 3.43 12.20 -14.60
N SER C 94 2.89 12.00 -15.81
CA SER C 94 2.50 13.14 -16.62
C SER C 94 1.25 13.81 -16.05
N GLY C 95 1.26 15.14 -16.06
CA GLY C 95 0.15 15.90 -15.56
C GLY C 95 -0.57 16.69 -16.64
N PRO C 96 -1.60 17.43 -16.24
CA PRO C 96 -2.38 18.23 -17.19
C PRO C 96 -1.54 18.97 -18.23
N ARG C 97 -0.53 19.72 -17.78
CA ARG C 97 0.24 20.53 -18.72
C ARG C 97 0.99 19.66 -19.72
N ASP C 98 1.51 18.52 -19.28
CA ASP C 98 2.21 17.63 -20.19
C ASP C 98 1.27 17.10 -21.27
N ILE C 99 0.08 16.67 -20.86
CA ILE C 99 -0.91 16.17 -21.81
C ILE C 99 -1.31 17.27 -22.79
N VAL C 100 -1.54 18.48 -22.28
CA VAL C 100 -1.97 19.57 -23.15
C VAL C 100 -0.88 19.91 -24.16
N ALA C 101 0.38 19.91 -23.72
CA ALA C 101 1.47 20.22 -24.64
C ALA C 101 1.55 19.20 -25.76
N MET C 102 1.36 17.92 -25.45
CA MET C 102 1.40 16.89 -26.49
C MET C 102 0.20 16.98 -27.43
N LEU C 103 -0.97 17.30 -26.90
CA LEU C 103 -2.16 17.39 -27.76
C LEU C 103 -2.02 18.53 -28.75
N ARG C 104 -1.39 19.64 -28.34
CA ARG C 104 -1.22 20.80 -29.19
C ARG C 104 -0.14 20.57 -30.24
N ALA C 105 0.97 19.92 -29.86
CA ALA C 105 1.96 19.53 -30.85
C ALA C 105 1.34 18.66 -31.94
N ALA C 106 0.41 17.77 -31.57
CA ALA C 106 -0.27 16.97 -32.58
C ALA C 106 -1.11 17.81 -33.51
N MET C 107 -1.63 18.95 -33.03
CA MET C 107 -2.41 19.82 -33.90
C MET C 107 -1.53 20.43 -34.99
N ARG C 108 -0.29 20.76 -34.66
CA ARG C 108 0.64 21.33 -35.63
C ARG C 108 1.34 20.28 -36.48
N ALA C 109 1.19 19.01 -36.17
CA ALA C 109 1.83 17.95 -36.94
C ALA C 109 0.97 17.57 -38.14
N GLU C 110 1.62 17.09 -39.18
CA GLU C 110 0.88 16.67 -40.37
C GLU C 110 0.00 15.48 -40.02
N PRO C 111 -1.25 15.44 -40.51
CA PRO C 111 -2.09 14.27 -40.28
C PRO C 111 -1.45 13.03 -40.89
N ILE C 112 -1.59 11.91 -40.19
CA ILE C 112 -1.15 10.62 -40.71
C ILE C 112 -2.41 9.82 -41.01
N ALA C 113 -2.67 9.58 -42.30
CA ALA C 113 -3.87 8.86 -42.67
C ALA C 113 -3.84 7.46 -42.05
N PRO C 114 -5.01 6.88 -41.79
CA PRO C 114 -5.03 5.50 -41.29
C PRO C 114 -4.60 4.54 -42.38
N ARG C 115 -3.96 3.46 -41.97
CA ARG C 115 -3.50 2.45 -42.90
C ARG C 115 -4.54 1.34 -42.96
N ARG C 116 -5.11 1.13 -44.15
CA ARG C 116 -6.21 0.18 -44.31
C ARG C 116 -5.67 -1.23 -44.39
N LEU C 117 -6.26 -2.13 -43.61
CA LEU C 117 -5.87 -3.54 -43.57
C LEU C 117 -6.98 -4.40 -44.13
N GLU C 118 -6.63 -5.65 -44.41
CA GLU C 118 -7.56 -6.65 -44.93
C GLU C 118 -8.39 -7.28 -43.82
N ARG C 119 -7.76 -7.68 -42.73
CA ARG C 119 -8.45 -8.32 -41.61
C ARG C 119 -7.99 -7.67 -40.31
N GLY C 120 -8.66 -8.05 -39.22
CA GLY C 120 -8.34 -7.53 -37.92
C GLY C 120 -8.99 -8.34 -36.81
N PRO C 121 -8.47 -8.21 -35.59
CA PRO C 121 -9.06 -8.99 -34.47
C PRO C 121 -10.53 -8.68 -34.23
N VAL C 122 -11.01 -7.49 -34.57
CA VAL C 122 -12.41 -7.17 -34.33
C VAL C 122 -13.35 -8.08 -35.11
N GLN C 123 -12.84 -8.79 -36.11
CA GLN C 123 -13.67 -9.64 -36.97
C GLN C 123 -13.73 -11.09 -36.53
N GLU C 124 -13.09 -11.43 -35.39
CA GLU C 124 -13.07 -12.82 -34.94
C GLU C 124 -14.48 -13.37 -34.72
N ASN C 125 -15.45 -12.50 -34.46
CA ASN C 125 -16.85 -12.91 -34.33
C ASN C 125 -17.70 -11.90 -35.07
N VAL C 126 -18.63 -12.38 -35.90
CA VAL C 126 -19.45 -11.52 -36.74
C VAL C 126 -20.90 -11.98 -36.62
N TRP C 127 -21.79 -11.05 -36.27
CA TRP C 127 -23.22 -11.30 -36.22
C TRP C 127 -23.88 -10.46 -37.31
N LEU C 128 -24.62 -11.11 -38.20
CA LEU C 128 -25.28 -10.43 -39.31
C LEU C 128 -26.79 -10.50 -39.15
N GLY C 129 -27.47 -9.42 -39.53
CA GLY C 129 -28.92 -9.38 -39.55
C GLY C 129 -29.60 -9.87 -38.28
N GLU C 130 -30.27 -11.02 -38.37
CA GLU C 130 -31.04 -11.56 -37.26
C GLU C 130 -30.19 -12.20 -36.18
N GLN C 131 -28.90 -12.43 -36.43
CA GLN C 131 -28.03 -12.88 -35.35
C GLN C 131 -27.73 -11.77 -34.37
N VAL C 132 -27.86 -10.50 -34.78
CA VAL C 132 -27.59 -9.38 -33.90
C VAL C 132 -28.53 -9.44 -32.72
N ASP C 133 -27.98 -9.60 -31.52
CA ASP C 133 -28.75 -9.54 -30.28
C ASP C 133 -27.93 -8.73 -29.27
N LEU C 134 -28.16 -7.42 -29.25
CA LEU C 134 -27.39 -6.52 -28.39
C LEU C 134 -27.60 -6.83 -26.92
N THR C 135 -28.76 -7.39 -26.57
CA THR C 135 -29.06 -7.69 -25.18
C THR C 135 -28.24 -8.86 -24.63
N ARG C 136 -27.46 -9.54 -25.46
CA ARG C 136 -26.62 -10.62 -24.93
C ARG C 136 -25.27 -10.10 -24.46
N PHE C 137 -24.95 -8.85 -24.74
CA PHE C 137 -23.80 -8.22 -24.12
C PHE C 137 -24.15 -7.78 -22.70
N PRO C 138 -23.14 -7.57 -21.86
CA PRO C 138 -23.39 -7.11 -20.48
C PRO C 138 -23.71 -5.61 -20.43
N VAL C 139 -24.80 -5.24 -21.08
CA VAL C 139 -25.18 -3.83 -21.16
C VAL C 139 -25.69 -3.38 -19.79
N PRO C 140 -25.04 -2.42 -19.16
CA PRO C 140 -25.42 -2.04 -17.80
C PRO C 140 -26.59 -1.07 -17.75
N LEU C 141 -27.34 -1.17 -16.65
CA LEU C 141 -28.17 -0.09 -16.17
C LEU C 141 -27.30 0.72 -15.20
N LEU C 142 -26.90 1.92 -15.61
CA LEU C 142 -25.78 2.59 -14.97
C LEU C 142 -26.18 3.32 -13.69
N HIS C 143 -27.38 3.88 -13.65
CA HIS C 143 -27.91 4.61 -12.50
C HIS C 143 -29.35 4.19 -12.27
N GLU C 144 -29.77 4.25 -11.01
CA GLU C 144 -31.07 3.71 -10.63
C GLU C 144 -32.21 4.33 -11.42
N GLN C 145 -32.16 5.65 -11.62
CA GLN C 145 -33.24 6.37 -12.27
C GLN C 145 -33.00 6.58 -13.76
N ASP C 146 -32.04 5.87 -14.34
CA ASP C 146 -31.79 5.97 -15.77
C ASP C 146 -33.00 5.47 -16.56
N GLY C 147 -33.21 6.05 -17.74
CA GLY C 147 -34.33 5.65 -18.58
C GLY C 147 -34.14 4.33 -19.30
N GLY C 148 -32.96 3.75 -19.25
CA GLY C 148 -32.68 2.52 -19.96
C GLY C 148 -31.22 2.14 -19.80
N ARG C 149 -30.90 0.97 -20.30
CA ARG C 149 -29.52 0.48 -20.26
C ARG C 149 -28.73 1.06 -21.44
N TYR C 150 -27.47 1.40 -21.19
CA TYR C 150 -26.66 2.11 -22.17
C TYR C 150 -25.56 1.20 -22.71
N PHE C 151 -25.65 0.90 -24.01
CA PHE C 151 -24.61 0.13 -24.68
C PHE C 151 -23.37 0.98 -24.92
N GLY C 152 -23.54 2.21 -25.40
CA GLY C 152 -22.42 3.08 -25.65
C GLY C 152 -22.27 4.23 -24.68
N THR C 153 -21.28 4.14 -23.80
CA THR C 153 -20.87 5.26 -22.97
C THR C 153 -19.40 5.59 -23.11
N TYR C 154 -18.63 4.75 -23.82
CA TYR C 154 -17.21 4.97 -24.03
C TYR C 154 -16.80 4.47 -25.40
N GLY C 155 -17.64 4.71 -26.39
CA GLY C 155 -17.29 4.45 -27.77
C GLY C 155 -17.58 5.69 -28.60
N PHE C 156 -17.11 5.69 -29.84
CA PHE C 156 -17.32 6.83 -30.71
C PHE C 156 -18.05 6.41 -31.97
N HIS C 157 -18.89 7.31 -32.46
CA HIS C 157 -19.56 7.13 -33.73
C HIS C 157 -18.59 7.28 -34.88
N VAL C 158 -18.81 6.50 -35.93
CA VAL C 158 -18.06 6.61 -37.18
C VAL C 158 -19.06 7.00 -38.27
N VAL C 159 -18.83 8.14 -38.90
CA VAL C 159 -19.62 8.60 -40.03
C VAL C 159 -18.70 9.32 -41.00
N GLN C 160 -19.21 9.53 -42.21
CA GLN C 160 -18.43 10.15 -43.28
C GLN C 160 -19.34 11.05 -44.09
N THR C 161 -18.87 12.26 -44.39
CA THR C 161 -19.62 13.17 -45.25
C THR C 161 -19.87 12.48 -46.59
N PRO C 162 -21.04 12.68 -47.21
CA PRO C 162 -21.35 11.94 -48.45
C PRO C 162 -20.27 12.08 -49.51
N ASP C 163 -19.64 13.25 -49.61
CA ASP C 163 -18.58 13.47 -50.58
C ASP C 163 -17.25 12.84 -50.17
N GLY C 164 -17.17 12.23 -48.99
CA GLY C 164 -15.95 11.54 -48.59
C GLY C 164 -14.82 12.42 -48.14
N SER C 165 -15.08 13.70 -47.88
CA SER C 165 -13.98 14.59 -47.54
C SER C 165 -13.63 14.56 -46.06
N TRP C 166 -14.53 14.05 -45.22
CA TRP C 166 -14.44 14.22 -43.76
C TRP C 166 -14.87 12.93 -43.08
N ASP C 167 -13.91 12.28 -42.41
CA ASP C 167 -14.16 11.12 -41.56
C ASP C 167 -14.23 11.59 -40.12
N SER C 168 -15.42 11.50 -39.53
CA SER C 168 -15.68 12.03 -38.20
C SER C 168 -15.73 10.89 -37.18
N TRP C 169 -14.95 11.03 -36.10
CA TRP C 169 -14.98 10.14 -34.95
C TRP C 169 -15.39 10.97 -33.75
N SER C 170 -16.50 10.59 -33.09
CA SER C 170 -16.98 11.40 -31.98
C SER C 170 -17.65 10.52 -30.93
N VAL C 171 -17.38 10.83 -29.67
CA VAL C 171 -17.95 10.09 -28.54
C VAL C 171 -19.34 10.62 -28.25
N GLY C 172 -20.33 9.72 -28.25
CA GLY C 172 -21.69 10.07 -27.87
C GLY C 172 -22.38 8.83 -27.33
N ARG C 173 -23.31 9.06 -26.40
CA ARG C 173 -23.96 7.95 -25.71
C ARG C 173 -25.04 7.32 -26.58
N LEU C 174 -25.26 6.02 -26.36
CA LEU C 174 -26.25 5.25 -27.10
C LEU C 174 -27.00 4.33 -26.16
N MET C 175 -28.30 4.52 -26.06
CA MET C 175 -29.14 3.70 -25.19
C MET C 175 -29.67 2.49 -25.94
N LEU C 176 -29.85 1.40 -25.20
CA LEU C 176 -30.38 0.16 -25.77
C LEU C 176 -31.90 0.26 -25.89
N VAL C 177 -32.41 0.08 -27.11
CA VAL C 177 -33.85 0.09 -27.37
C VAL C 177 -34.41 -1.32 -27.47
N ASP C 178 -33.82 -2.15 -28.33
CA ASP C 178 -34.17 -3.58 -28.41
C ASP C 178 -32.96 -4.33 -28.96
N ARG C 179 -33.18 -5.56 -29.44
CA ARG C 179 -32.08 -6.46 -29.76
C ARG C 179 -31.19 -5.95 -30.88
N ASN C 180 -31.67 -5.00 -31.71
CA ASN C 180 -30.83 -4.47 -32.79
C ASN C 180 -31.09 -2.97 -33.03
N THR C 181 -31.51 -2.24 -32.01
CA THR C 181 -31.72 -0.80 -32.16
C THR C 181 -31.18 -0.07 -30.96
N LEU C 182 -30.55 1.07 -31.21
CA LEU C 182 -30.13 2.00 -30.18
C LEU C 182 -30.74 3.36 -30.46
N ALA C 183 -30.62 4.25 -29.48
CA ALA C 183 -31.07 5.63 -29.62
C ALA C 183 -30.14 6.54 -28.85
N GLY C 184 -29.85 7.72 -29.39
CA GLY C 184 -28.91 8.63 -28.77
C GLY C 184 -28.95 10.02 -29.37
N PRO C 185 -28.42 10.99 -28.64
CA PRO C 185 -28.47 12.39 -29.11
C PRO C 185 -27.45 12.68 -30.20
N THR C 186 -27.81 13.65 -31.05
CA THR C 186 -26.95 14.20 -32.10
C THR C 186 -27.14 15.72 -32.12
N ILE C 187 -26.69 16.38 -31.06
CA ILE C 187 -26.80 17.83 -30.93
C ILE C 187 -26.34 18.50 -32.22
N PRO C 188 -27.09 19.45 -32.77
CA PRO C 188 -26.78 20.00 -34.10
C PRO C 188 -25.41 20.67 -34.19
N THR C 189 -24.85 21.15 -33.08
CA THR C 189 -23.52 21.76 -33.11
C THR C 189 -22.39 20.73 -33.03
N GLN C 190 -22.69 19.48 -32.67
CA GLN C 190 -21.69 18.43 -32.69
C GLN C 190 -21.53 17.88 -34.11
N HIS C 191 -20.35 17.30 -34.37
CA HIS C 191 -19.99 16.99 -35.75
C HIS C 191 -20.83 15.86 -36.32
N ILE C 192 -21.29 14.93 -35.49
CA ILE C 192 -22.17 13.89 -36.02
C ILE C 192 -23.50 14.49 -36.45
N GLY C 193 -24.02 15.45 -35.68
CA GLY C 193 -25.25 16.13 -36.07
C GLY C 193 -25.09 16.92 -37.36
N ILE C 194 -23.90 17.50 -37.58
CA ILE C 194 -23.68 18.28 -38.79
C ILE C 194 -23.58 17.39 -40.02
N ILE C 195 -22.95 16.21 -39.88
CA ILE C 195 -22.82 15.32 -41.03
C ILE C 195 -24.10 14.53 -41.26
N ARG C 196 -24.74 14.09 -40.18
CA ARG C 196 -26.09 13.54 -40.30
C ARG C 196 -27.00 14.49 -41.08
N GLU C 197 -26.88 15.82 -40.83
CA GLU C 197 -27.66 16.81 -41.60
C GLU C 197 -27.15 17.03 -43.01
N GLN C 198 -25.94 16.58 -43.31
CA GLN C 198 -25.49 16.60 -44.69
C GLN C 198 -26.12 15.46 -45.48
N TRP C 199 -26.47 14.38 -44.78
CA TRP C 199 -27.17 13.28 -45.43
C TRP C 199 -28.66 13.55 -45.55
N ARG C 200 -29.21 14.36 -44.64
CA ARG C 200 -30.64 14.69 -44.69
C ARG C 200 -30.96 15.74 -45.76
N ARG C 201 -29.99 16.59 -46.13
CA ARG C 201 -30.14 17.42 -47.32
C ARG C 201 -30.18 16.58 -48.58
N LEU C 202 -29.94 15.28 -48.47
CA LEU C 202 -30.29 14.28 -49.48
C LEU C 202 -31.42 13.44 -48.89
N GLY C 203 -32.03 12.60 -49.71
CA GLY C 203 -33.10 11.78 -49.20
C GLY C 203 -32.63 10.57 -48.40
N LYS C 204 -31.46 10.68 -47.76
CA LYS C 204 -30.84 9.47 -47.25
C LYS C 204 -30.56 9.56 -45.75
N PRO C 205 -30.64 8.42 -45.05
CA PRO C 205 -30.10 8.33 -43.68
C PRO C 205 -28.57 8.25 -43.70
N THR C 206 -27.99 8.27 -42.51
CA THR C 206 -26.54 8.35 -42.37
C THR C 206 -25.93 6.97 -42.18
N PRO C 207 -25.02 6.53 -43.03
CA PRO C 207 -24.26 5.31 -42.72
C PRO C 207 -23.43 5.54 -41.48
N TRP C 208 -23.43 4.54 -40.59
CA TRP C 208 -22.91 4.78 -39.25
C TRP C 208 -22.27 3.51 -38.71
N ALA C 209 -21.25 3.71 -37.87
CA ALA C 209 -20.71 2.65 -37.05
C ALA C 209 -20.28 3.25 -35.72
N MET C 210 -20.17 2.39 -34.71
CA MET C 210 -19.61 2.77 -33.41
C MET C 210 -18.54 1.76 -33.01
N ALA C 211 -17.37 2.26 -32.63
CA ALA C 211 -16.28 1.43 -32.13
C ALA C 211 -16.23 1.55 -30.61
N LEU C 212 -16.31 0.41 -29.93
CA LEU C 212 -16.23 0.34 -28.46
C LEU C 212 -15.02 -0.48 -28.08
N GLY C 213 -14.25 0.02 -27.11
CA GLY C 213 -12.93 -0.56 -26.87
C GLY C 213 -11.97 -0.24 -27.99
N ALA C 214 -12.08 0.95 -28.57
CA ALA C 214 -11.18 1.39 -29.62
C ALA C 214 -9.82 1.73 -29.04
N PRO C 215 -8.81 1.92 -29.89
CA PRO C 215 -7.51 2.39 -29.42
C PRO C 215 -7.66 3.65 -28.57
N PRO C 216 -7.12 3.65 -27.35
CA PRO C 216 -7.36 4.77 -26.43
C PRO C 216 -7.05 6.14 -27.01
N ALA C 217 -5.99 6.27 -27.80
CA ALA C 217 -5.68 7.58 -28.38
C ALA C 217 -6.78 8.02 -29.33
N ALA C 218 -7.38 7.07 -30.05
CA ALA C 218 -8.49 7.39 -30.94
C ALA C 218 -9.73 7.81 -30.15
N LEU C 219 -10.03 7.11 -29.06
CA LEU C 219 -11.19 7.51 -28.27
C LEU C 219 -11.02 8.92 -27.73
N ALA C 220 -9.83 9.25 -27.23
CA ALA C 220 -9.60 10.60 -26.70
C ALA C 220 -9.78 11.65 -27.78
N ALA C 221 -9.29 11.38 -29.00
CA ALA C 221 -9.50 12.32 -30.09
C ALA C 221 -10.97 12.41 -30.45
N ALA C 222 -11.69 11.28 -30.36
CA ALA C 222 -13.12 11.34 -30.63
C ALA C 222 -13.84 12.20 -29.61
N GLY C 223 -13.31 12.27 -28.39
CA GLY C 223 -13.79 13.18 -27.38
C GLY C 223 -13.21 14.57 -27.44
N MET C 224 -12.52 14.92 -28.52
CA MET C 224 -11.86 16.21 -28.63
C MET C 224 -12.58 17.10 -29.63
N PRO C 225 -12.92 18.34 -29.26
CA PRO C 225 -13.59 19.25 -30.22
C PRO C 225 -12.62 19.85 -31.23
N LEU C 226 -12.05 18.99 -32.07
CA LEU C 226 -11.23 19.47 -33.16
C LEU C 226 -12.08 20.30 -34.12
N PRO C 227 -11.47 21.26 -34.83
CA PRO C 227 -12.25 22.12 -35.72
C PRO C 227 -13.05 21.32 -36.73
N GLU C 228 -14.09 21.95 -37.27
CA GLU C 228 -14.92 21.33 -38.28
C GLU C 228 -14.08 20.92 -39.49
N GLY C 229 -14.48 19.81 -40.12
CA GLY C 229 -13.77 19.31 -41.28
C GLY C 229 -12.49 18.55 -40.99
N VAL C 230 -11.98 18.60 -39.77
CA VAL C 230 -10.73 17.91 -39.43
C VAL C 230 -11.07 16.47 -39.05
N SER C 231 -10.45 15.52 -39.74
CA SER C 231 -10.74 14.11 -39.49
C SER C 231 -9.96 13.63 -38.27
N GLU C 232 -10.66 12.98 -37.34
CA GLU C 232 -10.03 12.58 -36.09
C GLU C 232 -8.92 11.56 -36.32
N ALA C 233 -9.14 10.60 -37.22
CA ALA C 233 -8.17 9.53 -37.43
C ALA C 233 -6.80 10.08 -37.80
N GLY C 234 -6.76 11.12 -38.64
CA GLY C 234 -5.48 11.69 -39.05
C GLY C 234 -4.78 12.42 -37.93
N TYR C 235 -5.55 13.04 -37.03
CA TYR C 235 -4.97 13.67 -35.85
C TYR C 235 -4.37 12.62 -34.92
N VAL C 236 -5.01 11.46 -34.79
CA VAL C 236 -4.49 10.39 -33.94
C VAL C 236 -3.14 9.92 -34.46
N GLY C 237 -3.07 9.65 -35.77
CA GLY C 237 -1.79 9.28 -36.36
C GLY C 237 -0.69 10.26 -36.01
N ALA C 238 -0.96 11.55 -36.20
CA ALA C 238 0.02 12.57 -35.83
C ALA C 238 0.31 12.55 -34.34
N LEU C 239 -0.68 12.22 -33.52
CA LEU C 239 -0.52 12.13 -32.07
C LEU C 239 0.52 11.10 -31.69
N VAL C 240 0.37 9.87 -32.20
CA VAL C 240 1.25 8.77 -31.82
C VAL C 240 2.38 8.52 -32.80
N GLY C 241 2.35 9.18 -33.96
CA GLY C 241 3.42 9.05 -34.93
C GLY C 241 3.29 7.90 -35.89
N GLU C 242 2.12 7.26 -35.99
CA GLU C 242 1.97 6.15 -36.91
C GLU C 242 0.50 5.93 -37.19
N PRO C 243 0.16 5.33 -38.33
CA PRO C 243 -1.25 5.24 -38.73
C PRO C 243 -2.04 4.35 -37.78
N VAL C 244 -3.32 4.66 -37.65
CA VAL C 244 -4.26 3.75 -37.02
C VAL C 244 -4.69 2.72 -38.06
N GLU C 245 -4.56 1.44 -37.71
CA GLU C 245 -4.93 0.37 -38.62
C GLU C 245 -6.42 0.15 -38.57
N VAL C 246 -7.07 0.21 -39.73
CA VAL C 246 -8.52 0.17 -39.82
C VAL C 246 -8.93 -0.90 -40.82
N VAL C 247 -10.12 -1.45 -40.61
CA VAL C 247 -10.73 -2.41 -41.50
C VAL C 247 -12.13 -1.91 -41.85
N ARG C 248 -12.70 -2.52 -42.87
CA ARG C 248 -13.98 -2.09 -43.36
C ARG C 248 -15.09 -2.85 -42.65
N THR C 249 -16.21 -2.17 -42.41
CA THR C 249 -17.35 -2.82 -41.77
C THR C 249 -17.87 -3.93 -42.68
N GLN C 250 -18.73 -4.77 -42.12
CA GLN C 250 -19.26 -5.89 -42.88
C GLN C 250 -20.38 -5.49 -43.82
N THR C 251 -20.99 -4.31 -43.65
CA THR C 251 -22.21 -4.00 -44.38
C THR C 251 -22.34 -2.59 -44.95
N ASN C 252 -21.40 -1.67 -44.69
CA ASN C 252 -21.62 -0.32 -45.18
C ASN C 252 -20.36 0.43 -45.62
N GLY C 253 -19.22 -0.22 -45.75
CA GLY C 253 -18.06 0.43 -46.33
C GLY C 253 -17.36 1.46 -45.46
N LEU C 254 -17.75 1.60 -44.20
CA LEU C 254 -17.02 2.48 -43.30
C LEU C 254 -15.78 1.77 -42.78
N TRP C 255 -14.78 2.57 -42.39
CA TRP C 255 -13.51 2.06 -41.90
C TRP C 255 -13.43 2.27 -40.39
N VAL C 256 -13.22 1.18 -39.65
CA VAL C 256 -13.13 1.23 -38.20
C VAL C 256 -11.79 0.66 -37.75
N PRO C 257 -11.28 1.05 -36.58
CA PRO C 257 -9.98 0.52 -36.14
C PRO C 257 -10.00 -1.00 -36.08
N ALA C 258 -8.90 -1.61 -36.52
CA ALA C 258 -8.85 -3.05 -36.74
C ALA C 258 -8.90 -3.83 -35.43
N ASN C 259 -8.31 -3.31 -34.36
CA ASN C 259 -8.25 -4.06 -33.11
C ASN C 259 -9.27 -3.57 -32.10
N THR C 260 -10.33 -2.89 -32.55
CA THR C 260 -11.44 -2.52 -31.70
C THR C 260 -12.05 -3.75 -31.04
N GLU C 261 -12.52 -3.60 -29.80
CA GLU C 261 -13.13 -4.72 -29.10
C GLU C 261 -14.48 -5.10 -29.72
N ILE C 262 -15.33 -4.10 -29.99
CA ILE C 262 -16.69 -4.33 -30.48
C ILE C 262 -17.04 -3.22 -31.47
N VAL C 263 -17.53 -3.61 -32.64
CA VAL C 263 -17.94 -2.67 -33.68
C VAL C 263 -19.40 -2.94 -34.01
N LEU C 264 -20.24 -1.93 -33.83
CA LEU C 264 -21.62 -1.95 -34.28
C LEU C 264 -21.72 -1.17 -35.59
N GLU C 265 -22.55 -1.64 -36.51
CA GLU C 265 -22.67 -0.98 -37.80
C GLU C 265 -24.12 -0.99 -38.24
N GLY C 266 -24.48 0.05 -38.99
CA GLY C 266 -25.85 0.21 -39.45
C GLY C 266 -26.05 1.60 -40.02
N GLU C 267 -27.10 2.28 -39.59
CA GLU C 267 -27.40 3.61 -40.08
C GLU C 267 -28.22 4.36 -39.03
N ILE C 268 -28.13 5.67 -39.06
CA ILE C 268 -28.95 6.52 -38.19
C ILE C 268 -30.19 6.93 -38.97
N SER C 269 -31.36 6.58 -38.45
CA SER C 269 -32.60 6.74 -39.20
C SER C 269 -32.90 8.21 -39.50
N LEU C 270 -33.66 8.44 -40.56
CA LEU C 270 -34.04 9.79 -40.97
C LEU C 270 -35.07 10.39 -40.02
N ASP C 271 -36.09 9.62 -39.64
CA ASP C 271 -37.19 10.19 -38.85
C ASP C 271 -37.69 9.30 -37.72
N GLU C 272 -37.26 8.05 -37.61
CA GLU C 272 -37.66 7.23 -36.47
C GLU C 272 -36.93 7.69 -35.21
N THR C 273 -37.66 7.71 -34.10
CA THR C 273 -37.13 8.16 -32.84
C THR C 273 -37.56 7.20 -31.74
N ALA C 274 -36.93 7.36 -30.58
CA ALA C 274 -37.33 6.62 -29.38
C ALA C 274 -37.02 7.50 -28.18
N LEU C 275 -37.83 7.35 -27.14
CA LEU C 275 -37.62 8.11 -25.91
C LEU C 275 -36.30 7.65 -25.30
N GLU C 276 -35.30 8.52 -25.33
CA GLU C 276 -33.96 8.20 -24.85
C GLU C 276 -33.69 8.96 -23.55
N GLY C 277 -32.94 8.33 -22.66
CA GLY C 277 -32.66 8.90 -21.36
C GLY C 277 -33.80 8.69 -20.40
N PRO C 278 -33.76 9.37 -19.25
CA PRO C 278 -32.63 10.23 -18.89
C PRO C 278 -31.44 9.42 -18.41
N MET C 279 -30.30 10.08 -18.24
CA MET C 279 -29.11 9.43 -17.73
C MET C 279 -28.33 10.42 -16.89
N GLY C 280 -27.71 9.93 -15.82
CA GLY C 280 -26.74 10.71 -15.07
C GLY C 280 -25.73 11.24 -16.07
N GLU C 281 -25.36 12.51 -15.96
CA GLU C 281 -24.58 13.16 -17.00
C GLU C 281 -23.40 13.88 -16.39
N TYR C 282 -22.57 14.43 -17.27
CA TYR C 282 -21.27 14.97 -16.87
C TYR C 282 -21.39 16.08 -15.83
N HIS C 283 -22.53 16.79 -15.80
CA HIS C 283 -22.66 17.89 -14.87
C HIS C 283 -22.92 17.41 -13.44
N GLY C 284 -23.06 16.11 -13.25
CA GLY C 284 -23.26 15.52 -11.94
C GLY C 284 -24.70 15.26 -11.55
N TYR C 285 -25.65 15.41 -12.48
CA TYR C 285 -27.06 15.31 -12.14
C TYR C 285 -27.77 14.30 -13.03
N SER C 286 -28.81 13.70 -12.47
CA SER C 286 -29.76 12.86 -13.20
C SER C 286 -31.07 13.62 -13.28
N PHE C 287 -31.34 14.22 -14.44
CA PHE C 287 -32.62 14.85 -14.63
C PHE C 287 -33.70 13.79 -14.82
N PRO C 288 -34.96 14.12 -14.55
CA PRO C 288 -35.98 13.07 -14.41
C PRO C 288 -36.62 12.58 -15.70
N ILE C 289 -36.57 13.34 -16.79
CA ILE C 289 -37.36 13.00 -17.97
C ILE C 289 -36.46 12.87 -19.20
N GLY C 290 -36.74 11.85 -20.02
CA GLY C 290 -36.06 11.66 -21.27
C GLY C 290 -36.67 12.50 -22.38
N LYS C 291 -36.10 12.36 -23.58
CA LYS C 291 -36.56 13.08 -24.75
C LYS C 291 -36.35 12.21 -25.98
N PRO C 292 -37.17 12.39 -27.02
CA PRO C 292 -37.02 11.58 -28.23
C PRO C 292 -35.70 11.84 -28.94
N GLN C 293 -35.09 10.78 -29.43
CA GLN C 293 -33.77 10.84 -30.06
C GLN C 293 -33.74 9.91 -31.27
N PRO C 294 -32.87 10.16 -32.24
CA PRO C 294 -32.84 9.34 -33.45
C PRO C 294 -32.50 7.88 -33.13
N LEU C 295 -33.11 6.99 -33.90
CA LEU C 295 -32.83 5.56 -33.79
C LEU C 295 -31.58 5.21 -34.59
N PHE C 296 -30.70 4.41 -33.99
CA PHE C 296 -29.56 3.83 -34.68
C PHE C 296 -29.89 2.35 -34.92
N HIS C 297 -30.14 2.01 -36.19
CA HIS C 297 -30.39 0.61 -36.55
C HIS C 297 -29.07 -0.13 -36.69
N VAL C 298 -28.97 -1.29 -36.06
CA VAL C 298 -27.75 -2.10 -36.06
C VAL C 298 -28.00 -3.29 -36.98
N HIS C 299 -27.42 -3.25 -38.18
CA HIS C 299 -27.56 -4.35 -39.11
C HIS C 299 -26.55 -5.47 -38.88
N ALA C 300 -25.38 -5.14 -38.32
CA ALA C 300 -24.32 -6.11 -38.11
C ALA C 300 -23.41 -5.64 -36.99
N LEU C 301 -22.74 -6.59 -36.34
CA LEU C 301 -21.73 -6.26 -35.34
C LEU C 301 -20.64 -7.32 -35.34
N SER C 302 -19.43 -6.90 -34.96
CA SER C 302 -18.31 -7.81 -34.84
C SER C 302 -17.54 -7.47 -33.57
N PHE C 303 -16.86 -8.47 -33.01
CA PHE C 303 -16.16 -8.27 -31.75
C PHE C 303 -15.03 -9.30 -31.61
N ARG C 304 -14.03 -8.91 -30.83
CA ARG C 304 -12.95 -9.81 -30.45
C ARG C 304 -13.46 -10.91 -29.54
N ASP C 305 -12.74 -12.03 -29.52
CA ASP C 305 -13.05 -13.08 -28.57
C ASP C 305 -12.95 -12.54 -27.15
N GLN C 306 -13.91 -12.91 -26.31
CA GLN C 306 -14.03 -12.38 -24.96
C GLN C 306 -13.94 -10.86 -24.98
N PRO C 307 -14.91 -10.19 -25.60
CA PRO C 307 -14.76 -8.75 -25.84
C PRO C 307 -14.87 -7.95 -24.55
N ILE C 308 -14.08 -6.89 -24.46
CA ILE C 308 -14.12 -5.98 -23.32
C ILE C 308 -14.96 -4.77 -23.70
N LEU C 309 -16.10 -4.60 -23.03
CA LEU C 309 -16.92 -3.41 -23.20
C LEU C 309 -16.53 -2.37 -22.16
N PRO C 310 -15.82 -1.30 -22.53
CA PRO C 310 -15.56 -0.23 -21.57
C PRO C 310 -16.81 0.60 -21.36
N ILE C 311 -16.95 1.13 -20.14
CA ILE C 311 -18.09 1.97 -19.81
C ILE C 311 -17.59 3.20 -19.08
N CYS C 312 -18.42 4.24 -19.10
CA CYS C 312 -18.25 5.41 -18.27
C CYS C 312 -19.56 5.61 -17.51
N VAL C 313 -19.47 5.74 -16.19
CA VAL C 313 -20.64 5.93 -15.34
C VAL C 313 -20.66 7.42 -14.99
N ALA C 314 -21.40 8.19 -15.78
CA ALA C 314 -21.34 9.64 -15.69
C ALA C 314 -21.89 10.12 -14.35
N GLY C 315 -21.46 11.31 -13.93
CA GLY C 315 -21.88 11.79 -12.63
C GLY C 315 -20.93 12.84 -12.09
N THR C 316 -21.01 13.04 -10.78
CA THR C 316 -20.13 13.99 -10.11
C THR C 316 -18.66 13.65 -10.43
N PRO C 317 -17.79 14.66 -10.47
CA PRO C 317 -16.42 14.44 -10.96
C PRO C 317 -15.59 13.65 -9.95
N PRO C 318 -14.49 13.01 -10.41
CA PRO C 318 -14.02 13.05 -11.79
C PRO C 318 -14.23 11.72 -12.52
N GLU C 319 -14.96 11.75 -13.62
CA GLU C 319 -15.05 10.62 -14.54
C GLU C 319 -14.56 11.09 -15.92
N GLU C 320 -14.79 10.27 -16.94
CA GLU C 320 -14.18 10.52 -18.26
C GLU C 320 -14.79 11.73 -18.98
N HIS C 321 -16.02 12.13 -18.66
CA HIS C 321 -16.52 13.41 -19.16
C HIS C 321 -15.66 14.57 -18.69
N HIS C 322 -14.88 14.37 -17.64
CA HIS C 322 -13.98 15.41 -17.16
C HIS C 322 -12.53 15.13 -17.52
N THR C 323 -12.03 13.94 -17.21
CA THR C 323 -10.63 13.63 -17.47
C THR C 323 -10.33 13.56 -18.97
N ILE C 324 -11.27 13.06 -19.78
CA ILE C 324 -11.04 13.03 -21.22
C ILE C 324 -11.58 14.29 -21.87
N TRP C 325 -12.91 14.46 -21.81
CA TRP C 325 -13.56 15.60 -22.48
C TRP C 325 -12.94 16.92 -22.04
N GLY C 326 -12.93 17.18 -20.73
CA GLY C 326 -12.40 18.44 -20.24
C GLY C 326 -10.97 18.67 -20.68
N THR C 327 -10.13 17.64 -20.55
CA THR C 327 -8.74 17.73 -20.97
C THR C 327 -8.63 18.12 -22.44
N MET C 328 -9.37 17.42 -23.30
CA MET C 328 -9.31 17.72 -24.73
C MET C 328 -9.84 19.12 -25.01
N ILE C 329 -10.90 19.52 -24.31
CA ILE C 329 -11.42 20.89 -24.47
C ILE C 329 -10.35 21.91 -24.11
N SER C 330 -9.67 21.70 -22.99
CA SER C 330 -8.69 22.66 -22.51
C SER C 330 -7.59 22.86 -23.55
N ALA C 331 -7.11 21.77 -24.15
CA ALA C 331 -6.05 21.88 -25.15
C ALA C 331 -6.53 22.64 -26.37
N GLN C 332 -7.74 22.34 -26.86
CA GLN C 332 -8.28 23.07 -28.01
C GLN C 332 -8.46 24.55 -27.70
N LEU C 333 -8.98 24.87 -26.52
CA LEU C 333 -9.20 26.26 -26.14
C LEU C 333 -7.89 27.02 -26.03
N LEU C 334 -6.84 26.37 -25.52
CA LEU C 334 -5.56 27.03 -25.48
C LEU C 334 -5.09 27.37 -26.89
N ASP C 335 -5.29 26.44 -27.83
CA ASP C 335 -4.90 26.70 -29.20
C ASP C 335 -5.76 27.80 -29.84
N VAL C 336 -7.07 27.75 -29.62
CA VAL C 336 -7.94 28.83 -30.09
C VAL C 336 -7.45 30.18 -29.56
N ALA C 337 -7.21 30.26 -28.25
CA ALA C 337 -6.88 31.56 -27.64
C ALA C 337 -5.55 32.10 -28.15
N GLN C 338 -4.51 31.24 -28.15
CA GLN C 338 -3.20 31.71 -28.60
C GLN C 338 -3.24 32.11 -30.07
N ASN C 339 -3.89 31.30 -30.91
CA ASN C 339 -3.97 31.64 -32.33
C ASN C 339 -4.64 32.98 -32.56
N ALA C 340 -5.59 33.34 -31.70
CA ALA C 340 -6.31 34.61 -31.83
C ALA C 340 -5.54 35.78 -31.25
N GLY C 341 -4.35 35.56 -30.74
CA GLY C 341 -3.57 36.64 -30.17
C GLY C 341 -3.86 36.95 -28.72
N LEU C 342 -4.69 36.15 -28.05
CA LEU C 342 -4.94 36.39 -26.64
C LEU C 342 -3.72 35.99 -25.81
N PRO C 343 -3.40 36.75 -24.75
CA PRO C 343 -2.20 36.46 -23.94
C PRO C 343 -2.45 35.38 -22.91
N VAL C 344 -2.77 34.18 -23.40
CA VAL C 344 -3.16 33.04 -22.59
C VAL C 344 -2.06 31.98 -22.72
N ASP C 345 -1.51 31.54 -21.60
CA ASP C 345 -0.50 30.49 -21.64
C ASP C 345 -1.01 29.13 -21.16
N MET C 346 -2.23 29.05 -20.66
CA MET C 346 -2.79 27.75 -20.29
C MET C 346 -4.30 27.91 -20.16
N VAL C 347 -5.02 26.84 -20.49
CA VAL C 347 -6.44 26.73 -20.20
C VAL C 347 -6.67 25.41 -19.47
N TRP C 348 -7.54 25.43 -18.45
CA TRP C 348 -7.86 24.19 -17.75
C TRP C 348 -9.32 24.19 -17.29
N CYS C 349 -10.07 23.18 -17.72
CA CYS C 349 -11.45 22.96 -17.30
C CYS C 349 -11.39 22.11 -16.03
N SER C 350 -11.33 22.79 -14.87
CA SER C 350 -11.19 22.10 -13.59
C SER C 350 -12.16 20.93 -13.49
N TYR C 351 -11.62 19.73 -13.23
CA TYR C 351 -12.49 18.56 -13.10
C TYR C 351 -13.55 18.78 -12.02
N GLU C 352 -13.19 19.48 -10.95
CA GLU C 352 -14.12 19.72 -9.86
C GLU C 352 -15.33 20.54 -10.30
N ALA C 353 -15.18 21.37 -11.34
CA ALA C 353 -16.30 22.14 -11.89
C ALA C 353 -17.11 21.35 -12.91
N ALA C 354 -16.83 20.05 -13.09
CA ALA C 354 -17.65 19.17 -13.93
C ALA C 354 -17.80 19.70 -15.35
N THR C 355 -16.69 20.19 -15.91
CA THR C 355 -16.64 20.75 -17.26
C THR C 355 -17.67 21.85 -17.47
N CYS C 356 -17.96 22.61 -16.41
CA CYS C 356 -18.83 23.76 -16.52
C CYS C 356 -18.07 25.07 -16.41
N TRP C 357 -16.75 25.03 -16.18
CA TRP C 357 -15.98 26.25 -16.38
C TRP C 357 -14.59 25.92 -16.90
N ALA C 358 -13.97 26.94 -17.48
CA ALA C 358 -12.60 26.85 -17.95
C ALA C 358 -11.84 28.02 -17.35
N VAL C 359 -10.66 27.73 -16.82
CA VAL C 359 -9.82 28.76 -16.21
C VAL C 359 -8.73 29.11 -17.22
N LEU C 360 -8.63 30.39 -17.56
CA LEU C 360 -7.65 30.88 -18.51
C LEU C 360 -6.52 31.55 -17.75
N SER C 361 -5.30 31.02 -17.91
CA SER C 361 -4.10 31.57 -17.32
C SER C 361 -3.59 32.70 -18.22
N ILE C 362 -3.59 33.93 -17.70
CA ILE C 362 -3.27 35.12 -18.49
C ILE C 362 -1.81 35.49 -18.27
N ASP C 363 -1.06 35.60 -19.37
CA ASP C 363 0.35 36.01 -19.36
C ASP C 363 0.42 37.50 -19.02
N VAL C 364 0.68 37.81 -17.75
CA VAL C 364 0.63 39.19 -17.29
C VAL C 364 1.71 40.06 -17.93
N GLN C 365 2.77 39.46 -18.47
CA GLN C 365 3.81 40.24 -19.15
C GLN C 365 3.35 40.78 -20.50
N ARG C 366 2.23 40.31 -21.02
CA ARG C 366 1.68 40.79 -22.28
C ARG C 366 0.42 41.64 -22.09
N LEU C 367 -0.11 41.70 -20.88
CA LEU C 367 -1.40 42.36 -20.68
C LEU C 367 -1.30 43.86 -20.88
N ALA C 368 -0.20 44.48 -20.42
CA ALA C 368 -0.12 45.94 -20.48
C ALA C 368 -0.16 46.46 -21.91
N ALA C 369 0.49 45.75 -22.84
CA ALA C 369 0.57 46.22 -24.21
C ALA C 369 -0.79 46.32 -24.88
N LEU C 370 -1.81 45.62 -24.38
CA LEU C 370 -3.12 45.68 -25.02
C LEU C 370 -3.82 47.01 -24.79
N GLY C 371 -3.38 47.79 -23.79
CA GLY C 371 -4.03 49.04 -23.47
C GLY C 371 -5.52 48.90 -23.22
N THR C 372 -5.92 47.87 -22.49
CA THR C 372 -7.35 47.55 -22.36
C THR C 372 -7.75 47.60 -20.88
N ASP C 373 -8.94 47.07 -20.58
CA ASP C 373 -9.42 46.97 -19.22
C ASP C 373 -10.31 45.72 -19.11
N ALA C 374 -10.69 45.40 -17.86
CA ALA C 374 -11.36 44.12 -17.59
C ALA C 374 -12.59 43.94 -18.46
N ALA C 375 -13.46 44.95 -18.53
CA ALA C 375 -14.71 44.81 -19.27
C ALA C 375 -14.43 44.54 -20.75
N ALA C 376 -13.57 45.35 -21.37
CA ALA C 376 -13.24 45.11 -22.77
C ALA C 376 -12.55 43.77 -22.95
N PHE C 377 -11.61 43.43 -22.05
CA PHE C 377 -10.91 42.17 -22.20
C PHE C 377 -11.87 40.98 -22.10
N ALA C 378 -12.81 41.03 -21.14
CA ALA C 378 -13.76 39.93 -20.99
C ALA C 378 -14.59 39.72 -22.26
N ALA C 379 -15.03 40.81 -22.89
CA ALA C 379 -15.83 40.69 -24.10
C ALA C 379 -15.02 40.09 -25.24
N ARG C 380 -13.75 40.52 -25.38
CA ARG C 380 -12.90 39.94 -26.42
C ARG C 380 -12.69 38.45 -26.20
N VAL C 381 -12.38 38.06 -24.96
CA VAL C 381 -12.22 36.63 -24.65
C VAL C 381 -13.52 35.87 -24.92
N ALA C 382 -14.65 36.41 -24.45
CA ALA C 382 -15.93 35.73 -24.64
C ALA C 382 -16.21 35.46 -26.11
N GLU C 383 -16.01 36.48 -26.95
CA GLU C 383 -16.31 36.32 -28.37
C GLU C 383 -15.42 35.26 -29.01
N THR C 384 -14.12 35.32 -28.71
CA THR C 384 -13.20 34.34 -29.28
C THR C 384 -13.45 32.94 -28.75
N VAL C 385 -13.56 32.79 -27.43
CA VAL C 385 -13.68 31.45 -26.86
C VAL C 385 -15.06 30.87 -27.13
N PHE C 386 -16.13 31.62 -26.81
CA PHE C 386 -17.48 31.08 -26.99
C PHE C 386 -17.83 30.88 -28.46
N GLY C 387 -17.22 31.67 -29.36
CA GLY C 387 -17.42 31.48 -30.79
C GLY C 387 -16.76 30.25 -31.38
N SER C 388 -15.86 29.60 -30.65
CA SER C 388 -15.19 28.41 -31.16
C SER C 388 -16.02 27.16 -30.87
N HIS C 389 -15.73 26.10 -31.63
CA HIS C 389 -16.42 24.83 -31.40
C HIS C 389 -16.13 24.29 -30.01
N ALA C 390 -14.87 24.40 -29.55
CA ALA C 390 -14.54 23.91 -28.22
C ALA C 390 -15.16 24.77 -27.13
N GLY C 391 -15.14 26.10 -27.32
CA GLY C 391 -15.60 27.01 -26.28
C GLY C 391 -17.11 27.10 -26.15
N HIS C 392 -17.82 26.73 -27.22
CA HIS C 392 -19.28 26.64 -27.13
C HIS C 392 -19.72 25.68 -26.05
N LEU C 393 -18.88 24.70 -25.72
CA LEU C 393 -19.25 23.64 -24.78
C LEU C 393 -19.20 24.07 -23.32
N VAL C 394 -18.52 25.17 -23.01
CA VAL C 394 -18.22 25.55 -21.63
C VAL C 394 -18.87 26.90 -21.36
N PRO C 395 -19.78 27.00 -20.38
CA PRO C 395 -20.52 28.25 -20.19
C PRO C 395 -19.79 29.31 -19.39
N LYS C 396 -18.85 28.95 -18.53
CA LYS C 396 -18.21 29.90 -17.65
C LYS C 396 -16.70 29.92 -17.88
N LEU C 397 -16.14 31.12 -17.97
CA LEU C 397 -14.71 31.31 -18.09
C LEU C 397 -14.22 32.12 -16.91
N ILE C 398 -13.10 31.69 -16.34
CA ILE C 398 -12.41 32.42 -15.28
C ILE C 398 -11.10 32.91 -15.87
N LEU C 399 -10.84 34.20 -15.77
CA LEU C 399 -9.57 34.77 -16.23
C LEU C 399 -8.73 35.15 -15.02
N VAL C 400 -7.53 34.61 -14.95
CA VAL C 400 -6.65 34.88 -13.81
C VAL C 400 -5.21 34.96 -14.30
N GLY C 401 -4.42 35.78 -13.60
CA GLY C 401 -3.02 35.89 -13.96
C GLY C 401 -2.29 34.57 -13.79
N ASN C 402 -1.22 34.41 -14.57
CA ASN C 402 -0.48 33.15 -14.59
C ASN C 402 0.49 33.01 -13.41
N ASP C 403 0.38 33.85 -12.37
CA ASP C 403 1.09 33.55 -11.14
C ASP C 403 0.53 32.34 -10.42
N ILE C 404 -0.74 32.01 -10.62
CA ILE C 404 -1.31 30.80 -10.03
C ILE C 404 -1.26 29.68 -11.06
N ASP C 405 -1.29 28.45 -10.56
CA ASP C 405 -1.33 27.25 -11.39
C ASP C 405 -2.80 26.92 -11.58
N VAL C 406 -3.34 27.24 -12.76
CA VAL C 406 -4.77 27.10 -12.97
C VAL C 406 -5.23 25.65 -12.99
N THR C 407 -4.30 24.68 -12.95
CA THR C 407 -4.68 23.28 -12.84
C THR C 407 -4.95 22.84 -11.40
N GLU C 408 -4.66 23.69 -10.42
CA GLU C 408 -4.82 23.36 -9.00
C GLU C 408 -6.04 24.10 -8.47
N ILE C 409 -7.09 23.36 -8.12
CA ILE C 409 -8.35 24.00 -7.78
C ILE C 409 -8.21 24.88 -6.55
N ASP C 410 -7.34 24.51 -5.61
CA ASP C 410 -7.12 25.34 -4.42
C ASP C 410 -6.59 26.72 -4.80
N GLN C 411 -5.74 26.81 -5.82
CA GLN C 411 -5.22 28.11 -6.20
C GLN C 411 -6.26 28.92 -6.97
N VAL C 412 -7.06 28.26 -7.81
CA VAL C 412 -8.16 28.93 -8.48
C VAL C 412 -9.15 29.48 -7.46
N VAL C 413 -9.45 28.69 -6.42
CA VAL C 413 -10.37 29.15 -5.38
C VAL C 413 -9.81 30.39 -4.69
N TRP C 414 -8.54 30.32 -4.30
CA TRP C 414 -7.87 31.47 -3.68
C TRP C 414 -8.03 32.72 -4.54
N ALA C 415 -7.79 32.61 -5.86
CA ALA C 415 -7.89 33.79 -6.72
C ALA C 415 -9.33 34.27 -6.89
N LEU C 416 -10.29 33.34 -7.04
CA LEU C 416 -11.68 33.75 -7.06
C LEU C 416 -12.04 34.55 -5.81
N ALA C 417 -11.66 34.03 -4.65
CA ALA C 417 -12.10 34.62 -3.39
C ALA C 417 -11.46 35.98 -3.14
N THR C 418 -10.21 36.15 -3.56
CA THR C 418 -9.44 37.32 -3.16
C THR C 418 -9.25 38.35 -4.27
N ARG C 419 -9.60 38.03 -5.51
CA ARG C 419 -9.37 38.96 -6.62
C ARG C 419 -10.64 39.41 -7.33
N ALA C 420 -11.69 38.59 -7.35
CA ALA C 420 -12.92 38.95 -8.07
C ALA C 420 -13.73 39.95 -7.25
N HIS C 421 -13.79 41.20 -7.73
CA HIS C 421 -14.54 42.24 -7.04
C HIS C 421 -16.03 42.13 -7.36
N PRO C 422 -16.89 42.09 -6.35
CA PRO C 422 -18.33 41.83 -6.61
C PRO C 422 -19.01 42.86 -7.51
N LEU C 423 -18.51 44.09 -7.55
CA LEU C 423 -19.18 45.10 -8.34
C LEU C 423 -18.62 45.23 -9.76
N HIS C 424 -17.47 44.62 -10.05
CA HIS C 424 -16.76 44.92 -11.27
C HIS C 424 -16.34 43.72 -12.13
N ASP C 425 -16.36 42.49 -11.60
CA ASP C 425 -15.70 41.39 -12.28
C ASP C 425 -16.64 40.25 -12.69
N HIS C 426 -17.94 40.47 -12.65
CA HIS C 426 -18.93 39.46 -13.00
C HIS C 426 -19.58 39.88 -14.33
N PHE C 427 -19.08 39.33 -15.44
CA PHE C 427 -19.48 39.75 -16.79
C PHE C 427 -20.38 38.66 -17.41
N ALA C 428 -21.69 38.84 -17.29
CA ALA C 428 -22.59 37.94 -17.99
C ALA C 428 -22.68 38.34 -19.46
N PHE C 429 -22.89 37.35 -20.31
CA PHE C 429 -23.04 37.55 -21.75
C PHE C 429 -24.34 36.89 -22.19
N PRO C 430 -25.48 37.51 -21.88
CA PRO C 430 -26.78 36.84 -22.08
C PRO C 430 -27.19 36.70 -23.54
N GLN C 431 -26.48 37.32 -24.48
CA GLN C 431 -26.81 37.19 -25.89
C GLN C 431 -26.04 36.08 -26.60
N ILE C 432 -25.06 35.46 -25.94
CA ILE C 432 -24.30 34.38 -26.56
C ILE C 432 -25.05 33.07 -26.36
N ARG C 433 -25.21 32.30 -27.43
CA ARG C 433 -26.00 31.09 -27.39
C ARG C 433 -25.37 30.04 -26.47
N ASP C 434 -26.23 29.30 -25.77
CA ASP C 434 -25.82 28.34 -24.76
C ASP C 434 -25.62 26.95 -25.33
N PHE C 435 -24.73 26.20 -24.72
CA PHE C 435 -24.74 24.75 -24.84
C PHE C 435 -25.94 24.21 -24.08
N PRO C 436 -26.76 23.35 -24.69
CA PRO C 436 -28.09 23.06 -24.11
C PRO C 436 -28.05 22.20 -22.85
N MET C 437 -26.95 21.50 -22.55
CA MET C 437 -26.91 20.59 -21.42
C MET C 437 -26.57 21.26 -20.09
N VAL C 438 -26.25 22.55 -20.08
CA VAL C 438 -25.81 23.22 -18.85
C VAL C 438 -26.89 23.12 -17.78
N PRO C 439 -26.58 22.64 -16.57
CA PRO C 439 -27.64 22.22 -15.63
C PRO C 439 -28.43 23.36 -14.99
N TYR C 440 -27.92 24.60 -14.95
CA TYR C 440 -28.61 25.67 -14.25
C TYR C 440 -29.51 26.52 -15.16
N LEU C 441 -29.55 26.25 -16.46
CA LEU C 441 -30.45 27.02 -17.32
C LEU C 441 -31.89 26.85 -16.87
N ASP C 442 -32.67 27.93 -16.98
CA ASP C 442 -34.08 27.91 -16.64
C ASP C 442 -34.93 27.89 -17.90
N ALA C 443 -36.26 27.85 -17.72
CA ALA C 443 -37.17 27.82 -18.87
C ALA C 443 -36.96 29.03 -19.78
N GLU C 444 -36.67 30.19 -19.22
CA GLU C 444 -36.46 31.35 -20.09
C GLU C 444 -35.17 31.19 -20.92
N ASP C 445 -34.10 30.68 -20.31
CA ASP C 445 -32.89 30.39 -21.08
C ASP C 445 -33.17 29.40 -22.21
N LYS C 446 -33.98 28.36 -21.94
CA LYS C 446 -34.26 27.34 -22.95
C LYS C 446 -35.12 27.89 -24.10
N ALA C 447 -35.96 28.90 -23.85
CA ALA C 447 -36.75 29.49 -24.92
C ALA C 447 -35.92 30.43 -25.78
N ARG C 448 -35.08 31.26 -25.16
CA ARG C 448 -34.25 32.19 -25.91
C ARG C 448 -33.05 31.52 -26.57
N GLY C 449 -32.56 30.43 -25.99
CA GLY C 449 -31.33 29.83 -26.47
C GLY C 449 -30.07 30.49 -25.97
N SER C 450 -30.16 31.32 -24.94
CA SER C 450 -29.01 32.02 -24.39
C SER C 450 -29.35 32.43 -22.96
N GLY C 451 -28.33 32.91 -22.25
CA GLY C 451 -28.52 33.39 -20.89
C GLY C 451 -27.52 32.86 -19.87
N GLY C 452 -26.91 31.72 -20.16
CA GLY C 452 -26.03 31.06 -19.21
C GLY C 452 -24.56 31.41 -19.26
N ARG C 453 -24.11 32.24 -20.21
CA ARG C 453 -22.68 32.46 -20.40
C ARG C 453 -22.13 33.50 -19.43
N LEU C 454 -20.89 33.30 -19.00
CA LEU C 454 -20.31 34.19 -18.01
C LEU C 454 -18.80 34.20 -18.11
N VAL C 455 -18.22 35.39 -17.91
CA VAL C 455 -16.79 35.55 -17.71
C VAL C 455 -16.60 36.16 -16.32
N ILE C 456 -15.83 35.47 -15.49
CA ILE C 456 -15.47 35.98 -14.17
C ILE C 456 -14.03 36.47 -14.25
N ASN C 457 -13.84 37.75 -13.99
CA ASN C 457 -12.51 38.35 -14.08
C ASN C 457 -11.82 38.31 -12.72
N CYS C 458 -10.63 37.72 -12.66
CA CYS C 458 -9.80 37.69 -11.46
C CYS C 458 -8.50 38.47 -11.66
N LEU C 459 -8.43 39.32 -12.68
CA LEU C 459 -7.28 40.18 -12.90
C LEU C 459 -7.52 41.52 -12.24
N TYR C 460 -6.70 41.84 -11.25
CA TYR C 460 -6.79 43.14 -10.62
C TYR C 460 -6.71 44.26 -11.66
N PRO C 461 -7.35 45.40 -11.42
CA PRO C 461 -7.30 46.49 -12.42
C PRO C 461 -5.88 46.90 -12.77
N GLU C 462 -4.98 47.00 -11.79
CA GLU C 462 -3.61 47.43 -12.06
C GLU C 462 -2.86 46.46 -12.97
N GLN C 463 -3.31 45.22 -13.09
CA GLN C 463 -2.61 44.27 -13.94
C GLN C 463 -2.73 44.62 -15.42
N PHE C 464 -3.76 45.38 -15.80
CA PHE C 464 -3.84 45.84 -17.18
C PHE C 464 -2.84 46.94 -17.48
N ALA C 465 -2.21 47.52 -16.47
CA ALA C 465 -1.08 48.42 -16.65
C ALA C 465 0.25 47.76 -16.28
N GLY C 466 0.28 46.43 -16.18
CA GLY C 466 1.50 45.72 -15.86
C GLY C 466 1.94 45.76 -14.41
N GLN C 467 1.05 46.11 -13.48
CA GLN C 467 1.40 46.21 -12.07
C GLN C 467 0.65 45.15 -11.27
N MET C 468 0.96 45.09 -9.97
CA MET C 468 0.28 44.19 -9.05
C MET C 468 0.27 44.85 -7.68
N ARG C 469 -0.90 44.88 -7.02
CA ARG C 469 -1.01 45.62 -5.77
C ARG C 469 -0.16 45.01 -4.66
N ALA C 470 0.09 43.71 -4.70
CA ALA C 470 0.74 43.04 -3.59
C ALA C 470 1.38 41.75 -4.06
N ALA C 471 2.50 41.41 -3.42
CA ALA C 471 3.13 40.13 -3.68
C ALA C 471 2.39 39.00 -2.95
N THR C 472 2.72 37.77 -3.32
CA THR C 472 2.09 36.60 -2.73
C THR C 472 2.91 36.10 -1.54
N ALA C 473 2.25 35.89 -0.40
CA ALA C 473 2.93 35.46 0.81
C ALA C 473 2.92 33.93 0.85
N SER C 474 3.80 33.35 0.04
CA SER C 474 3.95 31.91 -0.04
C SER C 474 5.44 31.58 0.04
N PHE C 475 5.74 30.29 0.22
CA PHE C 475 7.13 29.87 0.24
C PHE C 475 7.85 30.31 -1.03
N ARG C 476 7.21 30.15 -2.19
CA ARG C 476 7.89 30.45 -3.44
C ARG C 476 8.15 31.95 -3.60
N HIS C 477 7.23 32.80 -3.13
CA HIS C 477 7.25 34.21 -3.46
C HIS C 477 7.59 35.13 -2.30
N ALA C 478 7.77 34.60 -1.09
CA ALA C 478 8.04 35.45 0.06
C ALA C 478 9.45 35.28 0.62
N TYR C 479 10.31 34.56 -0.09
CA TYR C 479 11.67 34.30 0.37
C TYR C 479 12.61 34.29 -0.83
N PRO C 480 13.83 34.79 -0.65
CA PRO C 480 14.77 34.85 -1.77
C PRO C 480 15.16 33.47 -2.29
N THR C 481 15.59 33.44 -3.55
CA THR C 481 15.91 32.19 -4.22
C THR C 481 16.96 31.39 -3.46
N ALA C 482 18.00 32.06 -2.95
CA ALA C 482 19.06 31.36 -2.24
C ALA C 482 18.53 30.63 -1.01
N LEU C 483 17.58 31.23 -0.31
CA LEU C 483 17.05 30.60 0.89
C LEU C 483 16.12 29.44 0.55
N ARG C 484 15.26 29.62 -0.46
CA ARG C 484 14.41 28.53 -0.92
C ARG C 484 15.25 27.30 -1.29
N ARG C 485 16.33 27.51 -2.06
CA ARG C 485 17.20 26.39 -2.38
C ARG C 485 17.73 25.73 -1.11
N ARG C 486 18.16 26.54 -0.14
CA ARG C 486 18.76 25.99 1.08
C ARG C 486 17.72 25.19 1.87
N VAL C 487 16.49 25.69 1.95
CA VAL C 487 15.45 24.99 2.71
C VAL C 487 15.09 23.69 2.02
N GLU C 488 14.97 23.70 0.70
CA GLU C 488 14.70 22.48 -0.05
C GLU C 488 15.85 21.48 0.09
N GLU C 489 17.09 21.99 0.06
CA GLU C 489 18.25 21.10 0.17
C GLU C 489 18.33 20.44 1.54
N ARG C 490 18.15 21.23 2.60
CA ARG C 490 18.29 20.74 3.96
C ARG C 490 17.01 20.14 4.53
N TRP C 491 15.94 20.03 3.72
CA TRP C 491 14.63 19.66 4.24
C TRP C 491 14.69 18.38 5.08
N SER C 492 15.17 17.29 4.49
CA SER C 492 15.21 16.03 5.22
C SER C 492 16.19 16.08 6.38
N ASP C 493 17.28 16.84 6.23
CA ASP C 493 18.26 16.96 7.30
C ASP C 493 17.74 17.79 8.47
N TYR C 494 16.81 18.71 8.22
CA TYR C 494 16.10 19.33 9.35
C TYR C 494 15.40 18.28 10.20
N GLY C 495 14.98 17.17 9.59
CA GLY C 495 14.22 16.15 10.27
C GLY C 495 12.92 15.77 9.58
N PHE C 496 12.55 16.45 8.49
CA PHE C 496 11.25 16.22 7.85
C PHE C 496 11.25 14.97 6.99
N GLY C 497 12.33 14.69 6.26
CA GLY C 497 12.34 13.57 5.34
C GLY C 497 11.37 13.71 4.19
N ASP C 498 10.29 12.92 4.22
CA ASP C 498 9.31 12.92 3.15
C ASP C 498 8.26 14.02 3.32
N ALA C 499 7.97 14.38 4.56
CA ALA C 499 6.93 15.34 4.89
C ALA C 499 6.97 16.57 3.99
N GLN D 2 -7.54 13.12 28.49
CA GLN D 2 -6.38 12.55 29.13
C GLN D 2 -5.16 13.41 28.88
N SER D 3 -4.26 12.90 28.05
CA SER D 3 -3.19 13.75 27.51
C SER D 3 -3.77 14.86 26.64
N MET D 4 -4.85 14.57 25.91
CA MET D 4 -5.44 15.60 25.07
C MET D 4 -6.27 16.60 25.88
N ASN D 5 -6.74 16.21 27.07
CA ASN D 5 -7.35 17.20 27.96
C ASN D 5 -6.30 18.13 28.55
N ARG D 6 -5.12 17.60 28.89
CA ARG D 6 -4.00 18.45 29.28
C ARG D 6 -3.52 19.34 28.14
N SER D 7 -3.48 18.79 26.92
CA SER D 7 -2.97 19.57 25.79
C SER D 7 -3.77 20.85 25.61
N ALA D 8 -5.08 20.80 25.86
CA ALA D 8 -5.91 21.99 25.71
C ALA D 8 -5.56 23.06 26.73
N LEU D 9 -5.04 22.66 27.89
CA LEU D 9 -4.79 23.59 28.99
C LEU D 9 -3.31 23.87 29.25
N ASP D 10 -2.40 23.27 28.47
CA ASP D 10 -0.98 23.33 28.79
C ASP D 10 -0.20 23.27 27.49
N PHE D 11 0.41 24.39 27.09
CA PHE D 11 1.12 24.43 25.82
C PHE D 11 2.26 23.42 25.80
N ARG D 12 3.03 23.36 26.88
CA ARG D 12 4.15 22.42 26.93
C ARG D 12 3.68 20.98 26.77
N HIS D 13 2.54 20.62 27.37
CA HIS D 13 2.02 19.27 27.18
C HIS D 13 1.50 19.08 25.76
N PHE D 14 0.91 20.14 25.18
CA PHE D 14 0.44 20.08 23.81
C PHE D 14 1.59 19.71 22.87
N VAL D 15 2.73 20.37 23.02
CA VAL D 15 3.91 20.06 22.22
C VAL D 15 4.34 18.61 22.43
N ASP D 16 4.41 18.17 23.70
CA ASP D 16 4.80 16.79 23.97
C ASP D 16 3.79 15.81 23.37
N HIS D 17 2.52 16.18 23.39
CA HIS D 17 1.51 15.33 22.77
C HIS D 17 1.71 15.24 21.26
N LEU D 18 1.99 16.38 20.61
CA LEU D 18 2.26 16.36 19.17
C LEU D 18 3.37 15.39 18.83
N ARG D 19 4.45 15.42 19.61
CA ARG D 19 5.56 14.51 19.35
C ARG D 19 5.14 13.06 19.53
N ARG D 20 4.35 12.78 20.56
CA ARG D 20 3.85 11.42 20.77
C ARG D 20 3.02 10.94 19.59
N GLN D 21 2.27 11.83 18.96
CA GLN D 21 1.45 11.50 17.80
C GLN D 21 2.29 11.27 16.54
N GLY D 22 3.58 11.58 16.57
CA GLY D 22 4.33 11.64 15.33
C GLY D 22 4.07 12.88 14.51
N ASP D 23 3.50 13.92 15.10
CA ASP D 23 3.17 15.16 14.40
C ASP D 23 4.11 16.31 14.77
N LEU D 24 5.30 16.00 15.30
CA LEU D 24 6.27 17.05 15.63
C LEU D 24 7.66 16.63 15.15
N VAL D 25 8.37 17.56 14.54
CA VAL D 25 9.75 17.36 14.13
C VAL D 25 10.64 18.24 15.00
N ASP D 26 11.65 17.64 15.63
CA ASP D 26 12.61 18.38 16.42
C ASP D 26 13.78 18.78 15.52
N VAL D 27 13.89 20.08 15.23
CA VAL D 27 14.94 20.60 14.37
C VAL D 27 16.13 20.97 15.25
N HIS D 28 17.19 20.15 15.19
CA HIS D 28 18.42 20.42 15.93
C HIS D 28 19.47 21.13 15.09
N THR D 29 19.32 21.12 13.76
CA THR D 29 20.13 21.97 12.90
C THR D 29 20.00 23.42 13.35
N GLU D 30 21.11 24.14 13.32
CA GLU D 30 21.08 25.57 13.61
C GLU D 30 20.31 26.29 12.52
N VAL D 31 19.36 27.12 12.92
CA VAL D 31 18.54 27.86 11.97
C VAL D 31 18.60 29.33 12.34
N ASP D 32 18.40 30.17 11.33
CA ASP D 32 18.42 31.62 11.48
C ASP D 32 16.99 32.12 11.58
N ALA D 33 16.68 32.83 12.67
CA ALA D 33 15.39 33.48 12.79
C ALA D 33 15.20 34.57 11.76
N ASN D 34 16.27 34.94 11.06
CA ASN D 34 16.20 35.87 9.94
C ASN D 34 15.75 35.08 8.71
N LEU D 35 14.44 35.04 8.50
CA LEU D 35 13.82 34.46 7.31
C LEU D 35 13.81 32.93 7.29
N GLU D 36 14.87 32.26 7.78
CA GLU D 36 14.94 30.81 7.58
C GLU D 36 13.85 30.09 8.37
N ILE D 37 13.66 30.46 9.64
CA ILE D 37 12.55 29.86 10.40
C ILE D 37 11.23 30.08 9.68
N GLY D 38 11.01 31.30 9.19
CA GLY D 38 9.78 31.56 8.45
C GLY D 38 9.66 30.73 7.20
N ALA D 39 10.75 30.61 6.42
CA ALA D 39 10.70 29.87 5.16
C ALA D 39 10.42 28.39 5.41
N ILE D 40 11.08 27.80 6.41
CA ILE D 40 10.79 26.42 6.77
C ILE D 40 9.32 26.27 7.16
N THR D 41 8.86 27.11 8.08
CA THR D 41 7.48 26.96 8.56
C THR D 41 6.46 27.21 7.45
N ARG D 42 6.73 28.19 6.57
CA ARG D 42 5.84 28.38 5.44
C ARG D 42 5.76 27.11 4.60
N ARG D 43 6.90 26.46 4.35
CA ARG D 43 6.85 25.23 3.58
C ARG D 43 6.10 24.14 4.32
N VAL D 44 6.22 24.12 5.66
CA VAL D 44 5.48 23.16 6.47
C VAL D 44 3.99 23.29 6.21
N TYR D 45 3.45 24.51 6.27
CA TYR D 45 2.03 24.69 6.01
C TYR D 45 1.64 24.13 4.65
N GLU D 46 2.40 24.50 3.61
CA GLU D 46 2.02 24.19 2.24
C GLU D 46 2.17 22.71 1.92
N ARG D 47 3.11 22.02 2.57
CA ARG D 47 3.24 20.58 2.42
C ARG D 47 2.45 19.82 3.48
N ARG D 48 1.83 20.51 4.43
CA ARG D 48 1.06 19.88 5.52
C ARG D 48 1.93 18.87 6.25
N ALA D 49 3.12 19.32 6.62
CA ALA D 49 4.09 18.52 7.33
C ALA D 49 3.86 18.62 8.84
N PRO D 50 4.57 17.82 9.63
CA PRO D 50 4.53 17.99 11.09
C PRO D 50 5.06 19.35 11.52
N ALA D 51 4.56 19.82 12.65
CA ALA D 51 5.03 21.06 13.24
C ALA D 51 6.51 20.97 13.58
N PRO D 52 7.33 21.95 13.20
CA PRO D 52 8.73 21.96 13.63
C PRO D 52 8.91 22.63 14.98
N LEU D 53 9.73 22.02 15.84
CA LEU D 53 10.20 22.65 17.07
C LEU D 53 11.68 22.93 16.88
N PHE D 54 12.04 24.20 16.75
CA PHE D 54 13.42 24.60 16.52
C PHE D 54 14.15 24.73 17.84
N HIS D 55 15.22 23.96 18.01
CA HIS D 55 16.01 23.94 19.23
C HIS D 55 17.26 24.81 19.17
N ASN D 56 17.76 25.14 17.97
CA ASN D 56 19.08 25.74 17.81
C ASN D 56 18.95 26.95 16.88
N ILE D 57 18.86 28.14 17.47
CA ILE D 57 18.59 29.38 16.74
C ILE D 57 19.68 30.41 17.05
N ARG D 58 20.33 30.93 16.01
CA ARG D 58 21.38 31.92 16.18
C ARG D 58 20.93 33.08 17.06
N ASP D 59 21.87 33.62 17.86
CA ASP D 59 21.66 34.89 18.57
C ASP D 59 20.39 34.86 19.41
N SER D 60 20.09 33.72 20.03
CA SER D 60 18.88 33.60 20.82
C SER D 60 19.22 33.26 22.27
N LEU D 61 18.39 33.77 23.17
CA LEU D 61 18.39 33.40 24.58
C LEU D 61 18.59 31.88 24.72
N PRO D 62 19.68 31.43 25.33
CA PRO D 62 19.94 29.98 25.44
C PRO D 62 18.78 29.22 26.09
N GLY D 63 18.42 28.10 25.48
CA GLY D 63 17.26 27.34 25.88
C GLY D 63 15.96 27.73 25.21
N ALA D 64 15.89 28.90 24.58
CA ALA D 64 14.65 29.33 23.94
C ALA D 64 14.40 28.56 22.65
N ARG D 65 13.15 28.19 22.42
CA ARG D 65 12.76 27.40 21.27
C ARG D 65 11.61 28.10 20.55
N VAL D 66 11.39 27.72 19.29
CA VAL D 66 10.33 28.26 18.46
C VAL D 66 9.51 27.10 17.94
N LEU D 67 8.20 27.20 18.04
CA LEU D 67 7.28 26.22 17.46
C LEU D 67 6.60 26.86 16.25
N GLY D 68 6.87 26.31 15.07
CA GLY D 68 6.18 26.74 13.87
C GLY D 68 4.92 25.94 13.64
N ALA D 69 3.95 26.57 12.95
CA ALA D 69 2.72 25.92 12.53
C ALA D 69 1.97 25.19 13.66
N PRO D 70 1.74 25.86 14.80
CA PRO D 70 1.03 25.18 15.89
C PRO D 70 -0.35 24.64 15.52
N ALA D 71 -1.01 25.16 14.49
CA ALA D 71 -2.28 24.56 14.06
C ALA D 71 -2.33 24.40 12.54
N GLY D 72 -1.20 24.04 11.93
CA GLY D 72 -1.21 23.67 10.53
C GLY D 72 -1.88 22.32 10.31
N LEU D 73 -2.14 22.00 9.04
CA LEU D 73 -2.79 20.75 8.70
C LEU D 73 -1.76 19.65 8.42
N ARG D 74 -2.22 18.41 8.49
CA ARG D 74 -1.41 17.24 8.18
C ARG D 74 -1.79 16.66 6.84
N ALA D 75 -0.83 16.01 6.19
CA ALA D 75 -1.08 15.44 4.87
C ALA D 75 -2.06 14.27 4.95
N ASP D 76 -2.00 13.49 6.03
CA ASP D 76 -2.95 12.40 6.25
C ASP D 76 -4.38 12.94 6.33
N ARG D 77 -5.18 12.67 5.29
CA ARG D 77 -6.51 13.28 5.24
C ARG D 77 -7.40 12.79 6.36
N ALA D 78 -7.17 11.57 6.87
CA ALA D 78 -7.96 11.09 8.00
C ALA D 78 -7.60 11.78 9.30
N ARG D 79 -6.40 12.37 9.39
CA ARG D 79 -5.97 13.11 10.58
C ARG D 79 -5.62 14.55 10.26
N ALA D 80 -6.15 15.10 9.15
CA ALA D 80 -5.68 16.40 8.67
C ALA D 80 -5.81 17.48 9.74
N HIS D 81 -6.90 17.46 10.50
CA HIS D 81 -7.21 18.51 11.47
C HIS D 81 -6.79 18.13 12.90
N SER D 82 -5.94 17.11 13.05
CA SER D 82 -5.53 16.65 14.38
C SER D 82 -4.91 17.79 15.21
N ARG D 83 -3.92 18.50 14.65
CA ARG D 83 -3.24 19.56 15.39
C ARG D 83 -4.21 20.64 15.81
N LEU D 84 -5.17 20.98 14.94
CA LEU D 84 -6.21 21.92 15.30
C LEU D 84 -7.15 21.33 16.35
N ALA D 85 -7.58 20.08 16.14
CA ALA D 85 -8.48 19.44 17.10
C ALA D 85 -7.85 19.34 18.48
N LEU D 86 -6.53 19.19 18.56
CA LEU D 86 -5.87 19.06 19.85
C LEU D 86 -5.91 20.35 20.66
N HIS D 87 -6.14 21.51 20.00
CA HIS D 87 -6.29 22.74 20.76
C HIS D 87 -7.47 22.65 21.72
N PHE D 88 -8.44 21.80 21.40
CA PHE D 88 -9.66 21.64 22.19
C PHE D 88 -9.72 20.29 22.88
N GLY D 89 -8.63 19.53 22.88
CA GLY D 89 -8.62 18.22 23.51
C GLY D 89 -9.31 17.15 22.71
N LEU D 90 -9.63 17.41 21.43
CA LEU D 90 -10.36 16.45 20.63
C LEU D 90 -9.44 15.44 19.96
N PRO D 91 -9.95 14.26 19.68
CA PRO D 91 -9.12 13.20 19.11
C PRO D 91 -8.62 13.53 17.71
N GLU D 92 -7.70 12.68 17.23
CA GLU D 92 -6.97 12.98 16.00
C GLU D 92 -7.86 12.95 14.77
N HIS D 93 -8.96 12.22 14.79
CA HIS D 93 -9.81 12.08 13.61
C HIS D 93 -10.94 13.09 13.57
N SER D 94 -10.97 14.04 14.50
CA SER D 94 -12.03 15.03 14.52
C SER D 94 -11.87 16.00 13.36
N GLY D 95 -12.98 16.29 12.68
CA GLY D 95 -12.97 17.19 11.55
C GLY D 95 -13.73 18.46 11.83
N PRO D 96 -13.87 19.31 10.81
CA PRO D 96 -14.56 20.60 10.99
C PRO D 96 -15.87 20.52 11.76
N ARG D 97 -16.74 19.58 11.41
CA ARG D 97 -18.06 19.52 12.04
C ARG D 97 -17.97 19.18 13.53
N ASP D 98 -17.09 18.24 13.90
CA ASP D 98 -16.92 17.93 15.31
C ASP D 98 -16.43 19.14 16.10
N ILE D 99 -15.50 19.90 15.52
CA ILE D 99 -14.98 21.07 16.20
C ILE D 99 -16.06 22.13 16.34
N VAL D 100 -16.81 22.39 15.26
CA VAL D 100 -17.87 23.38 15.31
C VAL D 100 -18.89 23.00 16.37
N ALA D 101 -19.27 21.71 16.41
CA ALA D 101 -20.29 21.26 17.36
C ALA D 101 -19.83 21.47 18.80
N MET D 102 -18.54 21.22 19.08
CA MET D 102 -18.04 21.43 20.44
C MET D 102 -17.98 22.90 20.79
N LEU D 103 -17.59 23.75 19.84
CA LEU D 103 -17.52 25.18 20.13
C LEU D 103 -18.91 25.74 20.42
N ARG D 104 -19.94 25.22 19.74
CA ARG D 104 -21.29 25.73 19.96
C ARG D 104 -21.87 25.21 21.28
N ALA D 105 -21.58 23.96 21.64
CA ALA D 105 -21.98 23.48 22.96
C ALA D 105 -21.38 24.35 24.06
N ALA D 106 -20.15 24.82 23.84
CA ALA D 106 -19.52 25.72 24.80
C ALA D 106 -20.27 27.05 24.90
N MET D 107 -20.88 27.52 23.79
CA MET D 107 -21.60 28.79 23.84
C MET D 107 -22.84 28.68 24.71
N ARG D 108 -23.51 27.52 24.69
CA ARG D 108 -24.69 27.28 25.50
C ARG D 108 -24.36 26.84 26.92
N ALA D 109 -23.13 26.47 27.20
CA ALA D 109 -22.75 26.03 28.53
C ALA D 109 -22.41 27.22 29.42
N GLU D 110 -22.69 27.07 30.71
CA GLU D 110 -22.42 28.14 31.65
C GLU D 110 -20.91 28.42 31.69
N PRO D 111 -20.51 29.69 31.71
CA PRO D 111 -19.07 29.98 31.81
C PRO D 111 -18.50 29.46 33.11
N ILE D 112 -17.25 29.03 33.05
CA ILE D 112 -16.48 28.63 34.23
C ILE D 112 -15.38 29.66 34.42
N ALA D 113 -15.47 30.43 35.49
CA ALA D 113 -14.48 31.47 35.73
C ALA D 113 -13.10 30.86 35.94
N PRO D 114 -12.04 31.58 35.61
CA PRO D 114 -10.69 31.07 35.88
C PRO D 114 -10.44 30.93 37.36
N ARG D 115 -9.59 29.97 37.70
CA ARG D 115 -9.17 29.75 39.08
C ARG D 115 -7.88 30.51 39.34
N ARG D 116 -7.93 31.46 40.27
CA ARG D 116 -6.78 32.30 40.56
C ARG D 116 -5.78 31.54 41.41
N LEU D 117 -4.52 31.50 40.95
CA LEU D 117 -3.42 30.85 41.64
C LEU D 117 -2.45 31.91 42.17
N GLU D 118 -1.60 31.49 43.10
CA GLU D 118 -0.57 32.37 43.63
C GLU D 118 0.69 32.35 42.80
N ARG D 119 1.11 31.18 42.31
CA ARG D 119 2.32 31.04 41.53
C ARG D 119 2.04 30.12 40.34
N GLY D 120 3.00 30.06 39.41
CA GLY D 120 2.88 29.24 38.23
C GLY D 120 4.16 29.21 37.42
N PRO D 121 4.27 28.23 36.51
CA PRO D 121 5.53 28.05 35.77
C PRO D 121 5.96 29.27 34.97
N VAL D 122 5.02 30.11 34.55
CA VAL D 122 5.37 31.27 33.73
C VAL D 122 6.27 32.24 34.48
N GLN D 123 6.37 32.11 35.80
CA GLN D 123 7.15 33.04 36.62
C GLN D 123 8.55 32.55 36.92
N GLU D 124 8.98 31.46 36.30
CA GLU D 124 10.31 30.92 36.58
C GLU D 124 11.42 31.89 36.21
N ASN D 125 11.17 32.82 35.28
CA ASN D 125 12.14 33.86 34.94
C ASN D 125 11.39 35.18 34.79
N VAL D 126 11.92 36.24 35.40
CA VAL D 126 11.25 37.53 35.45
C VAL D 126 12.25 38.62 35.12
N TRP D 127 11.90 39.45 34.13
CA TRP D 127 12.68 40.61 33.75
C TRP D 127 11.86 41.86 34.03
N LEU D 128 12.39 42.76 34.86
CA LEU D 128 11.71 43.99 35.24
C LEU D 128 12.45 45.18 34.66
N GLY D 129 11.69 46.19 34.24
CA GLY D 129 12.23 47.46 33.79
C GLY D 129 13.38 47.36 32.80
N GLU D 130 14.58 47.74 33.25
CA GLU D 130 15.73 47.81 32.34
C GLU D 130 16.25 46.44 31.93
N GLN D 131 15.81 45.37 32.60
CA GLN D 131 16.21 44.03 32.16
C GLN D 131 15.40 43.55 30.97
N VAL D 132 14.24 44.15 30.70
CA VAL D 132 13.40 43.78 29.58
C VAL D 132 14.17 44.02 28.29
N ASP D 133 14.53 42.94 27.59
CA ASP D 133 15.21 43.04 26.30
C ASP D 133 14.57 42.03 25.34
N LEU D 134 13.62 42.50 24.55
CA LEU D 134 12.89 41.60 23.64
C LEU D 134 13.80 41.02 22.58
N THR D 135 14.90 41.70 22.24
CA THR D 135 15.76 41.24 21.17
C THR D 135 16.59 40.02 21.55
N ARG D 136 16.56 39.60 22.81
CA ARG D 136 17.29 38.41 23.22
C ARG D 136 16.57 37.13 22.80
N PHE D 137 15.26 37.19 22.64
CA PHE D 137 14.49 36.07 22.12
C PHE D 137 14.76 35.89 20.63
N PRO D 138 14.48 34.69 20.10
CA PRO D 138 14.63 34.45 18.64
C PRO D 138 13.48 35.05 17.84
N VAL D 139 13.36 36.38 17.89
CA VAL D 139 12.28 37.09 17.22
C VAL D 139 12.51 37.00 15.72
N PRO D 140 11.58 36.44 14.95
CA PRO D 140 11.83 36.18 13.54
C PRO D 140 11.47 37.33 12.61
N LEU D 141 12.22 37.40 11.52
CA LEU D 141 11.77 38.09 10.32
C LEU D 141 11.02 37.05 9.48
N LEU D 142 9.71 37.18 9.39
CA LEU D 142 8.88 36.07 8.93
C LEU D 142 8.74 35.99 7.42
N HIS D 143 8.79 37.13 6.73
CA HIS D 143 8.72 37.20 5.28
C HIS D 143 9.77 38.18 4.79
N GLU D 144 10.28 37.92 3.60
CA GLU D 144 11.39 38.71 3.07
C GLU D 144 11.08 40.21 3.09
N GLN D 145 9.87 40.59 2.69
CA GLN D 145 9.54 42.01 2.58
C GLN D 145 8.75 42.53 3.79
N ASP D 146 8.78 41.83 4.91
CA ASP D 146 8.11 42.34 6.10
C ASP D 146 8.78 43.62 6.60
N GLY D 147 7.98 44.49 7.22
CA GLY D 147 8.49 45.75 7.71
C GLY D 147 9.32 45.67 8.96
N GLY D 148 9.34 44.52 9.61
CA GLY D 148 10.05 44.37 10.86
C GLY D 148 9.89 42.95 11.38
N ARG D 149 10.60 42.66 12.46
CA ARG D 149 10.47 41.38 13.12
C ARG D 149 9.24 41.37 14.01
N TYR D 150 8.55 40.23 14.07
CA TYR D 150 7.29 40.11 14.79
C TYR D 150 7.47 39.19 16.00
N PHE D 151 7.33 39.76 17.19
CA PHE D 151 7.40 38.97 18.42
C PHE D 151 6.12 38.17 18.62
N GLY D 152 4.97 38.80 18.40
CA GLY D 152 3.70 38.14 18.60
C GLY D 152 2.92 37.90 17.32
N THR D 153 2.90 36.65 16.88
CA THR D 153 1.99 36.21 15.83
C THR D 153 1.05 35.11 16.28
N TYR D 154 1.30 34.50 17.43
CA TYR D 154 0.45 33.44 17.97
C TYR D 154 0.27 33.63 19.48
N GLY D 155 -0.03 34.87 19.89
CA GLY D 155 -0.38 35.16 21.26
C GLY D 155 -1.61 36.03 21.30
N PHE D 156 -2.15 36.25 22.50
CA PHE D 156 -3.34 37.07 22.62
C PHE D 156 -3.12 38.21 23.61
N HIS D 157 -3.69 39.36 23.28
CA HIS D 157 -3.72 40.49 24.20
C HIS D 157 -4.62 40.18 25.37
N VAL D 158 -4.27 40.70 26.54
CA VAL D 158 -5.14 40.64 27.72
C VAL D 158 -5.40 42.07 28.16
N VAL D 159 -6.67 42.47 28.16
CA VAL D 159 -7.09 43.78 28.65
C VAL D 159 -8.41 43.59 29.39
N GLN D 160 -8.79 44.63 30.13
CA GLN D 160 -10.00 44.60 30.93
C GLN D 160 -10.69 45.94 30.89
N THR D 161 -12.02 45.89 30.80
CA THR D 161 -12.85 47.07 30.98
C THR D 161 -12.42 47.81 32.23
N PRO D 162 -12.40 49.15 32.22
CA PRO D 162 -12.02 49.88 33.44
C PRO D 162 -12.83 49.48 34.66
N ASP D 163 -14.12 49.21 34.48
CA ASP D 163 -14.97 48.81 35.60
C ASP D 163 -14.83 47.34 35.97
N GLY D 164 -13.91 46.61 35.35
CA GLY D 164 -13.77 45.19 35.64
C GLY D 164 -14.90 44.34 35.11
N SER D 165 -15.70 44.88 34.19
CA SER D 165 -16.88 44.17 33.69
C SER D 165 -16.47 43.00 32.79
N TRP D 166 -15.44 43.18 31.99
CA TRP D 166 -15.21 42.36 30.81
C TRP D 166 -13.72 42.11 30.64
N ASP D 167 -13.33 40.84 30.67
CA ASP D 167 -11.95 40.42 30.42
C ASP D 167 -11.88 39.90 28.99
N SER D 168 -11.13 40.61 28.14
CA SER D 168 -11.04 40.29 26.73
C SER D 168 -9.69 39.66 26.43
N TRP D 169 -9.71 38.53 25.73
CA TRP D 169 -8.51 37.86 25.22
C TRP D 169 -8.65 37.78 23.71
N SER D 170 -7.74 38.43 22.99
CA SER D 170 -7.85 38.52 21.54
C SER D 170 -6.48 38.42 20.89
N VAL D 171 -6.40 37.60 19.84
CA VAL D 171 -5.14 37.40 19.13
C VAL D 171 -4.88 38.57 18.20
N GLY D 172 -3.69 39.15 18.31
CA GLY D 172 -3.28 40.23 17.43
C GLY D 172 -1.78 40.26 17.26
N ARG D 173 -1.33 40.64 16.07
CA ARG D 173 0.10 40.66 15.79
C ARG D 173 0.77 41.85 16.47
N LEU D 174 2.03 41.65 16.84
CA LEU D 174 2.82 42.70 17.49
C LEU D 174 4.23 42.66 16.91
N MET D 175 4.62 43.77 16.29
CA MET D 175 5.94 43.90 15.68
C MET D 175 6.94 44.46 16.67
N LEU D 176 8.20 44.03 16.53
CA LEU D 176 9.28 44.48 17.40
C LEU D 176 9.71 45.88 17.00
N VAL D 177 9.62 46.81 17.93
CA VAL D 177 10.05 48.20 17.71
C VAL D 177 11.45 48.42 18.26
N ASP D 178 11.67 48.11 19.54
CA ASP D 178 13.00 48.14 20.14
C ASP D 178 13.02 47.15 21.31
N ARG D 179 14.00 47.30 22.20
CA ARG D 179 14.23 46.29 23.23
C ARG D 179 13.07 46.16 24.21
N ASN D 180 12.19 47.16 24.31
CA ASN D 180 11.06 47.04 25.22
C ASN D 180 9.80 47.73 24.68
N THR D 181 9.67 47.81 23.35
CA THR D 181 8.48 48.37 22.72
C THR D 181 8.06 47.49 21.55
N LEU D 182 6.75 47.29 21.44
CA LEU D 182 6.14 46.63 20.30
C LEU D 182 5.08 47.55 19.70
N ALA D 183 4.61 47.19 18.52
CA ALA D 183 3.58 47.96 17.82
C ALA D 183 2.70 47.02 17.03
N GLY D 184 1.40 47.28 17.03
CA GLY D 184 0.45 46.43 16.37
C GLY D 184 -0.92 47.05 16.25
N PRO D 185 -1.75 46.49 15.37
CA PRO D 185 -3.05 47.09 15.10
C PRO D 185 -4.08 46.78 16.16
N THR D 186 -5.01 47.72 16.35
CA THR D 186 -6.15 47.57 17.25
C THR D 186 -7.41 48.07 16.52
N ILE D 187 -7.82 47.33 15.50
CA ILE D 187 -8.95 47.69 14.65
C ILE D 187 -10.16 48.08 15.51
N PRO D 188 -10.82 49.20 15.22
CA PRO D 188 -11.89 49.68 16.12
C PRO D 188 -13.07 48.74 16.25
N THR D 189 -13.31 47.86 15.27
CA THR D 189 -14.39 46.88 15.38
C THR D 189 -13.98 45.65 16.20
N GLN D 190 -12.69 45.45 16.44
CA GLN D 190 -12.23 44.36 17.29
C GLN D 190 -12.30 44.78 18.76
N HIS D 191 -12.34 43.78 19.64
CA HIS D 191 -12.70 44.07 21.03
C HIS D 191 -11.57 44.75 21.78
N ILE D 192 -10.32 44.51 21.38
CA ILE D 192 -9.23 45.31 21.94
C ILE D 192 -9.43 46.78 21.64
N GLY D 193 -9.80 47.10 20.39
CA GLY D 193 -10.03 48.50 20.02
C GLY D 193 -11.21 49.11 20.73
N ILE D 194 -12.24 48.32 21.01
CA ILE D 194 -13.38 48.81 21.77
C ILE D 194 -12.96 49.14 23.20
N ILE D 195 -12.18 48.26 23.83
CA ILE D 195 -11.79 48.49 25.23
C ILE D 195 -10.71 49.58 25.29
N ARG D 196 -9.86 49.66 24.27
CA ARG D 196 -8.96 50.80 24.12
C ARG D 196 -9.73 52.11 24.22
N GLU D 197 -10.84 52.22 23.48
CA GLU D 197 -11.65 53.43 23.46
C GLU D 197 -12.34 53.71 24.79
N GLN D 198 -12.59 52.68 25.60
CA GLN D 198 -13.19 52.89 26.92
C GLN D 198 -12.20 53.51 27.89
N TRP D 199 -10.90 53.22 27.73
CA TRP D 199 -9.87 53.86 28.53
C TRP D 199 -9.57 55.27 28.03
N ARG D 200 -9.67 55.49 26.71
CA ARG D 200 -9.38 56.80 26.15
C ARG D 200 -10.43 57.84 26.54
N ARG D 201 -11.65 57.41 26.87
CA ARG D 201 -12.70 58.30 27.35
C ARG D 201 -12.45 58.74 28.80
N LEU D 202 -11.38 58.25 29.42
CA LEU D 202 -10.92 58.74 30.72
C LEU D 202 -9.56 59.42 30.62
N GLY D 203 -8.94 59.47 29.44
CA GLY D 203 -7.64 60.08 29.25
C GLY D 203 -6.46 59.24 29.69
N LYS D 204 -6.65 57.95 29.92
CA LYS D 204 -5.60 57.07 30.41
C LYS D 204 -5.29 55.97 29.41
N PRO D 205 -4.06 55.46 29.37
CA PRO D 205 -3.74 54.34 28.48
C PRO D 205 -4.34 53.04 29.01
N THR D 206 -4.34 52.03 28.15
CA THR D 206 -5.00 50.77 28.45
C THR D 206 -4.01 49.78 29.05
N PRO D 207 -4.20 49.33 30.29
CA PRO D 207 -3.31 48.30 30.84
C PRO D 207 -3.40 47.01 30.02
N TRP D 208 -2.25 46.43 29.72
CA TRP D 208 -2.18 45.40 28.70
C TRP D 208 -1.20 44.30 29.08
N ALA D 209 -1.50 43.09 28.63
CA ALA D 209 -0.59 41.96 28.70
C ALA D 209 -0.76 41.13 27.44
N MET D 210 0.28 40.37 27.07
CA MET D 210 0.19 39.39 26.00
C MET D 210 0.72 38.04 26.47
N ALA D 211 -0.07 36.99 26.26
CA ALA D 211 0.32 35.62 26.58
C ALA D 211 0.75 34.93 25.28
N LEU D 212 1.98 34.42 25.27
CA LEU D 212 2.54 33.69 24.15
C LEU D 212 2.88 32.27 24.59
N GLY D 213 2.52 31.29 23.76
CA GLY D 213 2.59 29.92 24.21
C GLY D 213 1.55 29.68 25.29
N ALA D 214 0.38 30.28 25.13
CA ALA D 214 -0.69 30.15 26.09
C ALA D 214 -1.32 28.77 25.99
N PRO D 215 -2.17 28.39 26.94
CA PRO D 215 -2.97 27.18 26.78
C PRO D 215 -3.69 27.18 25.44
N PRO D 216 -3.55 26.09 24.67
CA PRO D 216 -4.13 26.07 23.32
C PRO D 216 -5.61 26.42 23.26
N ALA D 217 -6.41 25.92 24.22
CA ALA D 217 -7.84 26.22 24.18
C ALA D 217 -8.12 27.70 24.37
N ALA D 218 -7.31 28.37 25.21
CA ALA D 218 -7.47 29.80 25.42
C ALA D 218 -7.11 30.58 24.17
N LEU D 219 -6.04 30.18 23.49
CA LEU D 219 -5.65 30.86 22.28
C LEU D 219 -6.73 30.77 21.22
N ALA D 220 -7.34 29.59 21.06
CA ALA D 220 -8.39 29.43 20.07
C ALA D 220 -9.58 30.35 20.36
N ALA D 221 -9.97 30.46 21.64
CA ALA D 221 -11.07 31.35 21.99
C ALA D 221 -10.70 32.81 21.74
N ALA D 222 -9.45 33.18 22.06
CA ALA D 222 -9.00 34.54 21.80
C ALA D 222 -9.06 34.86 20.31
N GLY D 223 -8.98 33.84 19.45
CA GLY D 223 -9.16 33.97 18.03
C GLY D 223 -10.59 33.77 17.56
N MET D 224 -11.53 33.74 18.50
CA MET D 224 -12.93 33.52 18.19
C MET D 224 -13.72 34.80 18.36
N PRO D 225 -14.52 35.19 17.37
CA PRO D 225 -15.32 36.42 17.51
C PRO D 225 -16.56 36.20 18.35
N LEU D 226 -16.35 35.97 19.65
CA LEU D 226 -17.48 35.90 20.56
C LEU D 226 -18.14 37.27 20.68
N PRO D 227 -19.43 37.31 20.99
CA PRO D 227 -20.13 38.61 21.04
C PRO D 227 -19.48 39.55 22.04
N GLU D 228 -19.74 40.85 21.83
CA GLU D 228 -19.19 41.87 22.71
C GLU D 228 -19.65 41.62 24.16
N GLY D 229 -18.76 41.94 25.10
CA GLY D 229 -19.05 41.74 26.50
C GLY D 229 -18.89 40.32 27.01
N VAL D 230 -18.69 39.34 26.13
CA VAL D 230 -18.50 37.95 26.54
C VAL D 230 -17.02 37.72 26.85
N SER D 231 -16.74 37.24 28.06
CA SER D 231 -15.36 37.04 28.50
C SER D 231 -14.82 35.72 27.96
N GLU D 232 -13.65 35.78 27.30
CA GLU D 232 -13.08 34.61 26.66
C GLU D 232 -12.68 33.54 27.69
N ALA D 233 -12.10 33.96 28.82
CA ALA D 233 -11.65 32.98 29.81
C ALA D 233 -12.80 32.12 30.32
N GLY D 234 -13.96 32.73 30.59
CA GLY D 234 -15.10 31.96 31.03
C GLY D 234 -15.61 31.00 29.97
N TYR D 235 -15.50 31.39 28.70
CA TYR D 235 -15.87 30.49 27.62
C TYR D 235 -14.90 29.31 27.53
N VAL D 236 -13.61 29.55 27.78
CA VAL D 236 -12.62 28.49 27.77
C VAL D 236 -12.91 27.46 28.85
N GLY D 237 -13.22 27.93 30.06
CA GLY D 237 -13.61 27.02 31.12
C GLY D 237 -14.79 26.16 30.72
N ALA D 238 -15.82 26.77 30.12
CA ALA D 238 -16.96 25.99 29.67
C ALA D 238 -16.56 25.01 28.56
N LEU D 239 -15.60 25.39 27.73
CA LEU D 239 -15.21 24.54 26.61
C LEU D 239 -14.53 23.26 27.09
N VAL D 240 -13.60 23.38 28.03
CA VAL D 240 -12.86 22.22 28.53
C VAL D 240 -13.47 21.63 29.80
N GLY D 241 -14.45 22.30 30.41
CA GLY D 241 -15.11 21.76 31.58
C GLY D 241 -14.38 21.96 32.89
N GLU D 242 -13.38 22.82 32.95
CA GLU D 242 -12.67 23.11 34.19
C GLU D 242 -12.00 24.46 34.07
N PRO D 243 -11.76 25.14 35.20
CA PRO D 243 -11.27 26.51 35.13
C PRO D 243 -9.87 26.59 34.52
N VAL D 244 -9.59 27.73 33.93
CA VAL D 244 -8.25 28.05 33.46
C VAL D 244 -7.48 28.66 34.63
N GLU D 245 -6.31 28.10 34.93
CA GLU D 245 -5.53 28.59 36.05
C GLU D 245 -4.76 29.82 35.62
N VAL D 246 -4.88 30.90 36.41
CA VAL D 246 -4.27 32.18 36.06
C VAL D 246 -3.51 32.71 37.25
N VAL D 247 -2.48 33.51 36.97
CA VAL D 247 -1.70 34.18 38.00
C VAL D 247 -1.64 35.66 37.67
N ARG D 248 -1.05 36.39 38.58
CA ARG D 248 -1.06 37.84 38.53
C ARG D 248 0.15 38.34 37.75
N THR D 249 -0.05 39.39 36.96
CA THR D 249 1.09 40.05 36.34
C THR D 249 2.01 40.61 37.41
N GLN D 250 3.25 40.88 37.02
CA GLN D 250 4.20 41.45 37.96
C GLN D 250 4.01 42.95 38.15
N THR D 251 3.25 43.62 37.27
CA THR D 251 3.25 45.09 37.27
C THR D 251 1.90 45.76 37.08
N ASN D 252 0.81 45.05 36.73
CA ASN D 252 -0.43 45.78 36.49
C ASN D 252 -1.71 45.05 36.89
N GLY D 253 -1.67 43.99 37.69
CA GLY D 253 -2.88 43.38 38.19
C GLY D 253 -3.74 42.66 37.18
N LEU D 254 -3.28 42.49 35.94
CA LEU D 254 -4.00 41.65 34.99
C LEU D 254 -3.78 40.18 35.32
N TRP D 255 -4.78 39.36 35.02
CA TRP D 255 -4.73 37.92 35.26
C TRP D 255 -4.39 37.21 33.96
N VAL D 256 -3.32 36.41 33.99
CA VAL D 256 -2.87 35.69 32.79
C VAL D 256 -2.76 34.20 33.10
N PRO D 257 -2.88 33.33 32.10
CA PRO D 257 -2.76 31.89 32.37
C PRO D 257 -1.44 31.55 33.02
N ALA D 258 -1.50 30.58 33.96
CA ALA D 258 -0.39 30.34 34.87
C ALA D 258 0.77 29.62 34.19
N ASN D 259 0.47 28.72 33.25
CA ASN D 259 1.52 27.96 32.59
C ASN D 259 1.85 28.50 31.20
N THR D 260 1.50 29.75 30.93
CA THR D 260 1.90 30.41 29.68
C THR D 260 3.41 30.34 29.51
N GLU D 261 3.85 30.19 28.25
CA GLU D 261 5.29 30.10 28.00
C GLU D 261 5.98 31.45 28.19
N ILE D 262 5.38 32.53 27.68
CA ILE D 262 5.96 33.87 27.75
C ILE D 262 4.83 34.86 27.96
N VAL D 263 5.01 35.76 28.93
CA VAL D 263 4.03 36.81 29.23
C VAL D 263 4.73 38.15 29.13
N LEU D 264 4.18 39.04 28.31
CA LEU D 264 4.60 40.43 28.23
C LEU D 264 3.56 41.31 28.91
N GLU D 265 4.02 42.33 29.63
CA GLU D 265 3.13 43.19 30.36
C GLU D 265 3.58 44.64 30.24
N GLY D 266 2.60 45.54 30.18
CA GLY D 266 2.84 46.97 30.11
C GLY D 266 1.56 47.72 29.86
N GLU D 267 1.54 48.56 28.82
CA GLU D 267 0.34 49.35 28.54
C GLU D 267 0.34 49.74 27.07
N ILE D 268 -0.86 50.00 26.55
CA ILE D 268 -1.04 50.49 25.18
C ILE D 268 -1.03 52.02 25.23
N SER D 269 -0.07 52.62 24.53
CA SER D 269 0.09 54.06 24.56
C SER D 269 -1.17 54.76 24.06
N LEU D 270 -1.38 55.98 24.55
CA LEU D 270 -2.57 56.73 24.13
C LEU D 270 -2.39 57.34 22.76
N ASP D 271 -1.22 57.89 22.46
CA ASP D 271 -1.01 58.56 21.17
C ASP D 271 0.32 58.25 20.50
N GLU D 272 1.27 57.58 21.14
CA GLU D 272 2.51 57.22 20.47
C GLU D 272 2.28 56.13 19.44
N THR D 273 2.96 56.25 18.30
CA THR D 273 2.83 55.28 17.22
C THR D 273 4.20 54.97 16.65
N ALA D 274 4.24 53.93 15.83
CA ALA D 274 5.41 53.60 15.03
C ALA D 274 4.92 52.97 13.74
N LEU D 275 5.69 53.14 12.67
CA LEU D 275 5.35 52.52 11.39
C LEU D 275 5.43 51.01 11.55
N GLU D 276 4.28 50.36 11.51
CA GLU D 276 4.19 48.90 11.67
C GLU D 276 3.84 48.26 10.34
N GLY D 277 4.40 47.08 10.11
CA GLY D 277 4.18 46.38 8.86
C GLY D 277 5.08 46.90 7.76
N PRO D 278 4.87 46.40 6.54
CA PRO D 278 3.83 45.41 6.23
C PRO D 278 4.21 43.99 6.64
N MET D 279 3.26 43.06 6.52
CA MET D 279 3.48 41.66 6.84
C MET D 279 2.57 40.81 5.95
N GLY D 280 3.07 39.67 5.51
CA GLY D 280 2.20 38.71 4.84
C GLY D 280 0.99 38.47 5.73
N GLU D 281 -0.20 38.44 5.13
CA GLU D 281 -1.43 38.43 5.91
C GLU D 281 -2.30 37.26 5.50
N TYR D 282 -3.42 37.13 6.23
CA TYR D 282 -4.28 35.96 6.11
C TYR D 282 -4.80 35.77 4.69
N HIS D 283 -5.00 36.86 3.95
CA HIS D 283 -5.57 36.77 2.62
C HIS D 283 -4.59 36.21 1.59
N GLY D 284 -3.33 36.00 1.99
CA GLY D 284 -2.33 35.41 1.14
C GLY D 284 -1.36 36.37 0.48
N TYR D 285 -1.43 37.66 0.80
CA TYR D 285 -0.67 38.69 0.08
C TYR D 285 0.22 39.46 1.05
N SER D 286 1.33 39.97 0.52
CA SER D 286 2.19 40.93 1.21
C SER D 286 2.01 42.28 0.51
N PHE D 287 1.19 43.15 1.10
CA PHE D 287 1.05 44.49 0.55
C PHE D 287 2.29 45.32 0.90
N PRO D 288 2.59 46.35 0.09
CA PRO D 288 3.95 46.91 0.10
C PRO D 288 4.28 47.88 1.23
N ILE D 289 3.30 48.56 1.84
CA ILE D 289 3.63 49.67 2.74
C ILE D 289 2.87 49.56 4.05
N GLY D 290 3.57 49.86 5.15
CA GLY D 290 3.00 49.78 6.48
C GLY D 290 2.24 51.02 6.86
N LYS D 291 1.77 51.03 8.10
CA LYS D 291 0.95 52.10 8.63
C LYS D 291 1.34 52.36 10.08
N PRO D 292 1.20 53.59 10.57
CA PRO D 292 1.44 53.84 11.99
C PRO D 292 0.45 53.08 12.84
N GLN D 293 0.93 52.57 13.98
CA GLN D 293 0.13 51.76 14.89
C GLN D 293 0.48 52.08 16.33
N PRO D 294 -0.45 51.90 17.25
CA PRO D 294 -0.19 52.22 18.65
C PRO D 294 1.00 51.42 19.20
N LEU D 295 1.78 52.09 20.05
CA LEU D 295 2.92 51.46 20.72
C LEU D 295 2.46 50.69 21.95
N PHE D 296 3.02 49.51 22.14
CA PHE D 296 2.82 48.70 23.33
C PHE D 296 4.12 48.73 24.11
N HIS D 297 4.12 49.45 25.24
CA HIS D 297 5.29 49.50 26.09
C HIS D 297 5.31 48.28 27.01
N VAL D 298 6.46 47.60 27.05
CA VAL D 298 6.62 46.39 27.86
C VAL D 298 7.44 46.76 29.09
N HIS D 299 6.77 46.85 30.23
CA HIS D 299 7.44 47.18 31.48
C HIS D 299 8.02 45.95 32.17
N ALA D 300 7.50 44.76 31.87
CA ALA D 300 8.01 43.55 32.49
C ALA D 300 7.62 42.36 31.62
N LEU D 301 8.42 41.29 31.71
CA LEU D 301 8.09 40.03 31.07
C LEU D 301 8.64 38.88 31.91
N SER D 302 7.93 37.75 31.87
CA SER D 302 8.33 36.53 32.54
C SER D 302 8.08 35.35 31.61
N PHE D 303 8.81 34.26 31.84
CA PHE D 303 8.71 33.10 30.96
C PHE D 303 9.13 31.85 31.71
N ARG D 304 8.61 30.72 31.23
CA ARG D 304 9.04 29.42 31.72
C ARG D 304 10.48 29.14 31.34
N ASP D 305 11.13 28.26 32.10
CA ASP D 305 12.45 27.79 31.73
C ASP D 305 12.39 27.14 30.35
N GLN D 306 13.40 27.42 29.52
CA GLN D 306 13.46 26.94 28.15
C GLN D 306 12.18 27.30 27.39
N PRO D 307 11.90 28.59 27.24
CA PRO D 307 10.59 29.00 26.72
C PRO D 307 10.44 28.65 25.25
N ILE D 308 9.22 28.28 24.87
CA ILE D 308 8.88 27.96 23.49
C ILE D 308 8.04 29.12 22.95
N LEU D 309 8.57 29.81 21.93
CA LEU D 309 7.82 30.88 21.28
C LEU D 309 7.09 30.31 20.08
N PRO D 310 5.76 30.15 20.12
CA PRO D 310 5.03 29.74 18.92
C PRO D 310 4.91 30.90 17.96
N ILE D 311 4.90 30.58 16.66
CA ILE D 311 4.75 31.58 15.61
C ILE D 311 3.78 31.07 14.56
N CYS D 312 3.17 32.02 13.87
CA CYS D 312 2.34 31.77 12.70
C CYS D 312 2.91 32.59 11.55
N VAL D 313 3.14 31.94 10.42
CA VAL D 313 3.73 32.59 9.24
C VAL D 313 2.57 32.80 8.28
N ALA D 314 1.93 33.96 8.39
CA ALA D 314 0.72 34.23 7.62
C ALA D 314 1.02 34.19 6.13
N GLY D 315 0.00 33.85 5.35
CA GLY D 315 0.19 33.78 3.90
C GLY D 315 -0.89 32.90 3.28
N THR D 316 -0.55 32.35 2.12
CA THR D 316 -1.51 31.51 1.41
C THR D 316 -1.97 30.36 2.32
N PRO D 317 -3.22 29.94 2.20
CA PRO D 317 -3.75 28.95 3.15
C PRO D 317 -3.14 27.58 2.92
N PRO D 318 -3.20 26.68 3.92
CA PRO D 318 -3.86 26.94 5.21
C PRO D 318 -2.88 27.14 6.36
N GLU D 319 -2.96 28.31 7.01
CA GLU D 319 -2.24 28.55 8.26
C GLU D 319 -3.24 28.92 9.35
N GLU D 320 -2.73 29.36 10.50
CA GLU D 320 -3.58 29.50 11.68
C GLU D 320 -4.63 30.59 11.52
N HIS D 321 -4.40 31.58 10.63
CA HIS D 321 -5.45 32.54 10.29
C HIS D 321 -6.65 31.85 9.65
N HIS D 322 -6.47 30.65 9.12
CA HIS D 322 -7.57 29.89 8.55
C HIS D 322 -8.01 28.76 9.45
N THR D 323 -7.08 27.94 9.94
CA THR D 323 -7.46 26.77 10.74
C THR D 323 -8.03 27.18 12.09
N ILE D 324 -7.51 28.25 12.70
CA ILE D 324 -8.07 28.73 13.97
C ILE D 324 -9.14 29.78 13.68
N TRP D 325 -8.71 30.92 13.16
CA TRP D 325 -9.61 32.05 12.94
C TRP D 325 -10.83 31.64 12.13
N GLY D 326 -10.61 31.08 10.94
CA GLY D 326 -11.73 30.67 10.10
C GLY D 326 -12.65 29.70 10.80
N THR D 327 -12.08 28.69 11.46
CA THR D 327 -12.90 27.73 12.19
C THR D 327 -13.76 28.42 13.24
N MET D 328 -13.16 29.35 14.01
CA MET D 328 -13.91 29.99 15.07
C MET D 328 -15.01 30.88 14.50
N ILE D 329 -14.72 31.59 13.40
CA ILE D 329 -15.75 32.37 12.71
C ILE D 329 -16.89 31.47 12.26
N SER D 330 -16.56 30.31 11.69
CA SER D 330 -17.59 29.40 11.18
C SER D 330 -18.56 29.00 12.28
N ALA D 331 -18.04 28.64 13.47
CA ALA D 331 -18.92 28.23 14.55
C ALA D 331 -19.78 29.39 15.05
N GLN D 332 -19.17 30.56 15.22
CA GLN D 332 -19.95 31.70 15.67
C GLN D 332 -21.04 32.06 14.67
N LEU D 333 -20.72 32.01 13.37
CA LEU D 333 -21.68 32.34 12.33
C LEU D 333 -22.84 31.36 12.31
N LEU D 334 -22.56 30.07 12.57
CA LEU D 334 -23.64 29.10 12.64
C LEU D 334 -24.62 29.49 13.75
N ASP D 335 -24.09 29.91 14.89
CA ASP D 335 -24.95 30.31 16.00
C ASP D 335 -25.76 31.56 15.66
N VAL D 336 -25.11 32.57 15.09
CA VAL D 336 -25.84 33.77 14.65
C VAL D 336 -27.00 33.37 13.74
N ALA D 337 -26.72 32.56 12.72
CA ALA D 337 -27.75 32.22 11.75
C ALA D 337 -28.89 31.46 12.41
N GLN D 338 -28.57 30.44 13.21
CA GLN D 338 -29.63 29.61 13.78
C GLN D 338 -30.45 30.40 14.79
N ASN D 339 -29.79 31.23 15.61
CA ASN D 339 -30.54 32.06 16.56
C ASN D 339 -31.45 33.05 15.84
N ALA D 340 -31.06 33.49 14.65
CA ALA D 340 -31.88 34.42 13.88
C ALA D 340 -33.02 33.73 13.14
N GLY D 341 -33.13 32.41 13.26
CA GLY D 341 -34.18 31.69 12.56
C GLY D 341 -33.87 31.34 11.13
N LEU D 342 -32.64 31.57 10.67
CA LEU D 342 -32.25 31.16 9.33
C LEU D 342 -32.13 29.64 9.24
N PRO D 343 -32.58 29.03 8.14
CA PRO D 343 -32.53 27.56 7.99
C PRO D 343 -31.14 27.07 7.59
N VAL D 344 -30.18 27.31 8.47
CA VAL D 344 -28.77 26.99 8.24
C VAL D 344 -28.37 25.91 9.23
N ASP D 345 -27.81 24.81 8.72
CA ASP D 345 -27.33 23.72 9.58
C ASP D 345 -25.81 23.61 9.61
N MET D 346 -25.10 24.41 8.81
CA MET D 346 -23.64 24.42 8.86
C MET D 346 -23.15 25.69 8.19
N VAL D 347 -22.01 26.18 8.67
CA VAL D 347 -21.26 27.27 8.05
C VAL D 347 -19.79 26.90 8.03
N TRP D 348 -19.12 27.19 6.92
CA TRP D 348 -17.70 26.86 6.85
C TRP D 348 -16.97 27.87 5.99
N CYS D 349 -15.97 28.51 6.59
CA CYS D 349 -15.07 29.42 5.88
C CYS D 349 -13.96 28.59 5.27
N SER D 350 -14.20 28.09 4.05
CA SER D 350 -13.23 27.24 3.37
C SER D 350 -11.81 27.77 3.53
N TYR D 351 -10.91 26.94 4.05
CA TYR D 351 -9.53 27.37 4.21
C TYR D 351 -8.95 27.85 2.88
N GLU D 352 -9.33 27.17 1.78
CA GLU D 352 -8.77 27.49 0.48
C GLU D 352 -9.09 28.92 0.04
N ALA D 353 -10.19 29.50 0.54
CA ALA D 353 -10.54 30.88 0.22
C ALA D 353 -9.93 31.88 1.22
N ALA D 354 -9.04 31.43 2.09
CA ALA D 354 -8.25 32.34 2.92
C ALA D 354 -9.12 33.25 3.77
N THR D 355 -10.22 32.71 4.30
CA THR D 355 -11.15 33.44 5.16
C THR D 355 -11.77 34.64 4.44
N CYS D 356 -11.95 34.52 3.12
CA CYS D 356 -12.60 35.57 2.35
C CYS D 356 -14.00 35.17 1.91
N TRP D 357 -14.43 33.94 2.18
CA TRP D 357 -15.84 33.65 2.03
C TRP D 357 -16.26 32.60 3.05
N ALA D 358 -17.56 32.54 3.28
CA ALA D 358 -18.17 31.57 4.16
C ALA D 358 -19.30 30.90 3.42
N VAL D 359 -19.34 29.58 3.49
CA VAL D 359 -20.33 28.77 2.80
C VAL D 359 -21.39 28.36 3.82
N LEU D 360 -22.63 28.77 3.56
CA LEU D 360 -23.78 28.50 4.41
C LEU D 360 -24.56 27.32 3.83
N SER D 361 -24.65 26.25 4.61
CA SER D 361 -25.38 25.05 4.23
C SER D 361 -26.85 25.23 4.60
N ILE D 362 -27.73 25.22 3.60
CA ILE D 362 -29.12 25.59 3.77
C ILE D 362 -29.97 24.33 3.89
N ASP D 363 -30.73 24.22 4.98
CA ASP D 363 -31.64 23.10 5.21
C ASP D 363 -32.80 23.19 4.23
N VAL D 364 -32.75 22.36 3.18
CA VAL D 364 -33.76 22.42 2.13
C VAL D 364 -35.16 22.06 2.63
N GLN D 365 -35.26 21.25 3.70
CA GLN D 365 -36.57 20.90 4.23
C GLN D 365 -37.28 22.06 4.92
N ARG D 366 -36.56 23.12 5.26
CA ARG D 366 -37.15 24.31 5.88
C ARG D 366 -37.32 25.47 4.92
N LEU D 367 -36.76 25.39 3.71
CA LEU D 367 -36.75 26.56 2.85
C LEU D 367 -38.14 26.89 2.33
N ALA D 368 -38.94 25.86 2.03
CA ALA D 368 -40.25 26.12 1.43
C ALA D 368 -41.14 26.96 2.35
N ALA D 369 -41.05 26.73 3.67
CA ALA D 369 -41.96 27.39 4.60
C ALA D 369 -41.76 28.89 4.64
N LEU D 370 -40.58 29.38 4.23
CA LEU D 370 -40.32 30.82 4.23
C LEU D 370 -41.12 31.56 3.17
N GLY D 371 -41.60 30.88 2.14
CA GLY D 371 -42.33 31.56 1.07
C GLY D 371 -41.56 32.69 0.43
N THR D 372 -40.28 32.48 0.15
CA THR D 372 -39.43 33.58 -0.30
C THR D 372 -38.82 33.24 -1.66
N ASP D 373 -37.79 33.99 -2.03
CA ASP D 373 -37.06 33.72 -3.26
C ASP D 373 -35.62 34.16 -3.04
N ALA D 374 -34.79 33.91 -4.06
CA ALA D 374 -33.35 34.09 -3.91
C ALA D 374 -32.99 35.52 -3.54
N ALA D 375 -33.59 36.50 -4.22
CA ALA D 375 -33.21 37.90 -3.96
C ALA D 375 -33.55 38.29 -2.52
N ALA D 376 -34.77 37.99 -2.07
CA ALA D 376 -35.14 38.32 -0.71
C ALA D 376 -34.31 37.55 0.31
N PHE D 377 -34.14 36.24 0.08
CA PHE D 377 -33.36 35.44 1.01
C PHE D 377 -31.93 35.96 1.12
N ALA D 378 -31.30 36.26 -0.02
CA ALA D 378 -29.94 36.75 0.01
C ALA D 378 -29.82 38.02 0.84
N ALA D 379 -30.81 38.92 0.73
CA ALA D 379 -30.75 40.16 1.48
C ALA D 379 -30.97 39.92 2.97
N ARG D 380 -31.89 39.02 3.32
CA ARG D 380 -32.05 38.66 4.73
C ARG D 380 -30.78 38.05 5.29
N VAL D 381 -30.19 37.10 4.57
CA VAL D 381 -28.94 36.50 5.04
C VAL D 381 -27.87 37.58 5.19
N ALA D 382 -27.77 38.48 4.21
CA ALA D 382 -26.73 39.52 4.27
C ALA D 382 -26.84 40.35 5.54
N GLU D 383 -28.05 40.85 5.83
CA GLU D 383 -28.23 41.69 7.01
C GLU D 383 -27.86 40.93 8.29
N THR D 384 -28.36 39.72 8.45
CA THR D 384 -28.10 38.98 9.68
C THR D 384 -26.62 38.67 9.83
N VAL D 385 -26.01 38.13 8.78
CA VAL D 385 -24.62 37.66 8.90
C VAL D 385 -23.66 38.84 8.94
N PHE D 386 -23.76 39.77 7.98
CA PHE D 386 -22.81 40.88 7.93
C PHE D 386 -23.00 41.83 9.10
N GLY D 387 -24.19 41.88 9.70
CA GLY D 387 -24.42 42.70 10.87
C GLY D 387 -23.85 42.17 12.17
N SER D 388 -23.35 40.93 12.17
CA SER D 388 -22.81 40.33 13.37
C SER D 388 -21.30 40.59 13.46
N HIS D 389 -20.78 40.50 14.68
CA HIS D 389 -19.35 40.66 14.88
C HIS D 389 -18.55 39.67 14.03
N ALA D 390 -18.97 38.39 14.05
CA ALA D 390 -18.27 37.37 13.27
C ALA D 390 -18.45 37.59 11.78
N GLY D 391 -19.67 37.90 11.33
CA GLY D 391 -19.94 38.05 9.91
C GLY D 391 -19.37 39.30 9.30
N HIS D 392 -19.04 40.29 10.12
CA HIS D 392 -18.36 41.48 9.61
C HIS D 392 -17.00 41.12 9.03
N LEU D 393 -16.38 40.02 9.50
CA LEU D 393 -15.01 39.71 9.10
C LEU D 393 -14.91 39.07 7.72
N VAL D 394 -16.01 38.56 7.16
CA VAL D 394 -15.97 37.79 5.93
C VAL D 394 -16.78 38.52 4.87
N PRO D 395 -16.19 38.85 3.71
CA PRO D 395 -16.92 39.67 2.73
C PRO D 395 -17.88 38.93 1.82
N LYS D 396 -17.68 37.64 1.57
CA LYS D 396 -18.47 36.88 0.61
C LYS D 396 -19.17 35.72 1.30
N LEU D 397 -20.44 35.52 0.98
CA LEU D 397 -21.22 34.39 1.45
C LEU D 397 -21.69 33.58 0.25
N ILE D 398 -21.63 32.26 0.37
CA ILE D 398 -22.17 31.31 -0.60
C ILE D 398 -23.30 30.54 0.07
N LEU D 399 -24.50 30.63 -0.49
CA LEU D 399 -25.64 29.86 0.01
C LEU D 399 -25.85 28.64 -0.88
N VAL D 400 -25.83 27.46 -0.28
CA VAL D 400 -26.03 26.22 -1.04
C VAL D 400 -26.84 25.23 -0.22
N GLY D 401 -27.57 24.38 -0.92
CA GLY D 401 -28.38 23.38 -0.24
C GLY D 401 -27.51 22.38 0.50
N ASN D 402 -28.04 21.87 1.60
CA ASN D 402 -27.28 20.98 2.45
C ASN D 402 -27.15 19.56 1.88
N ASP D 403 -27.48 19.34 0.61
CA ASP D 403 -27.13 18.06 0.00
C ASP D 403 -25.63 17.90 -0.18
N ILE D 404 -24.88 19.00 -0.29
CA ILE D 404 -23.44 18.91 -0.40
C ILE D 404 -22.83 19.10 0.98
N ASP D 405 -21.57 18.69 1.13
CA ASP D 405 -20.81 18.91 2.35
C ASP D 405 -20.02 20.20 2.18
N VAL D 406 -20.43 21.26 2.88
CA VAL D 406 -19.80 22.57 2.68
C VAL D 406 -18.39 22.64 3.24
N THR D 407 -17.94 21.61 3.97
CA THR D 407 -16.56 21.56 4.41
C THR D 407 -15.62 21.01 3.34
N GLU D 408 -16.14 20.46 2.24
CA GLU D 408 -15.32 19.91 1.16
C GLU D 408 -15.33 20.91 0.00
N ILE D 409 -14.17 21.52 -0.28
CA ILE D 409 -14.10 22.54 -1.33
C ILE D 409 -14.48 21.97 -2.69
N ASP D 410 -14.16 20.71 -2.95
CA ASP D 410 -14.52 20.13 -4.25
C ASP D 410 -16.03 20.12 -4.47
N GLN D 411 -16.80 19.93 -3.39
CA GLN D 411 -18.25 19.95 -3.50
C GLN D 411 -18.80 21.37 -3.59
N VAL D 412 -18.18 22.31 -2.88
CA VAL D 412 -18.56 23.71 -3.03
C VAL D 412 -18.34 24.19 -4.45
N VAL D 413 -17.20 23.81 -5.05
CA VAL D 413 -16.88 24.24 -6.41
C VAL D 413 -17.90 23.67 -7.39
N TRP D 414 -18.21 22.39 -7.23
CA TRP D 414 -19.23 21.76 -8.06
C TRP D 414 -20.54 22.53 -8.01
N ALA D 415 -20.97 22.92 -6.80
CA ALA D 415 -22.21 23.66 -6.68
C ALA D 415 -22.09 25.06 -7.26
N LEU D 416 -20.97 25.75 -7.02
CA LEU D 416 -20.77 27.05 -7.66
C LEU D 416 -20.89 26.93 -9.17
N ALA D 417 -20.21 25.94 -9.75
CA ALA D 417 -20.15 25.85 -11.21
C ALA D 417 -21.50 25.47 -11.81
N THR D 418 -22.24 24.57 -11.15
CA THR D 418 -23.44 24.02 -11.76
C THR D 418 -24.74 24.63 -11.26
N ARG D 419 -24.71 25.46 -10.23
CA ARG D 419 -25.94 25.99 -9.69
C ARG D 419 -26.06 27.50 -9.76
N ALA D 420 -24.96 28.24 -9.78
CA ALA D 420 -25.01 29.70 -9.78
C ALA D 420 -25.38 30.20 -11.17
N HIS D 421 -26.52 30.82 -11.30
CA HIS D 421 -26.91 31.37 -12.59
C HIS D 421 -26.28 32.74 -12.78
N PRO D 422 -25.56 32.97 -13.88
CA PRO D 422 -24.87 34.26 -14.07
C PRO D 422 -25.79 35.47 -14.04
N LEU D 423 -27.06 35.31 -14.39
CA LEU D 423 -27.97 36.44 -14.42
C LEU D 423 -28.74 36.64 -13.12
N HIS D 424 -28.77 35.64 -12.24
CA HIS D 424 -29.73 35.64 -11.15
C HIS D 424 -29.15 35.47 -9.76
N ASP D 425 -27.89 35.02 -9.62
CA ASP D 425 -27.41 34.53 -8.33
C ASP D 425 -26.20 35.30 -7.80
N HIS D 426 -25.93 36.49 -8.34
CA HIS D 426 -24.80 37.31 -7.92
C HIS D 426 -25.37 38.56 -7.23
N PHE D 427 -25.40 38.55 -5.90
CA PHE D 427 -26.06 39.59 -5.13
C PHE D 427 -25.01 40.44 -4.42
N ALA D 428 -24.61 41.54 -5.05
CA ALA D 428 -23.72 42.49 -4.39
C ALA D 428 -24.53 43.35 -3.42
N PHE D 429 -23.85 43.76 -2.34
CA PHE D 429 -24.43 44.61 -1.30
C PHE D 429 -23.47 45.77 -1.05
N PRO D 430 -23.44 46.74 -1.96
CA PRO D 430 -22.38 47.76 -1.91
C PRO D 430 -22.53 48.78 -0.78
N GLN D 431 -23.65 48.76 -0.05
CA GLN D 431 -23.87 49.71 1.03
C GLN D 431 -23.47 49.18 2.40
N ILE D 432 -23.11 47.90 2.52
CA ILE D 432 -22.77 47.32 3.81
C ILE D 432 -21.29 47.56 4.10
N ARG D 433 -20.99 48.10 5.28
CA ARG D 433 -19.63 48.43 5.65
C ARG D 433 -18.70 47.23 5.49
N ASP D 434 -17.50 47.48 4.97
CA ASP D 434 -16.52 46.45 4.68
C ASP D 434 -15.57 46.23 5.85
N PHE D 435 -15.07 45.00 5.96
CA PHE D 435 -13.88 44.74 6.75
C PHE D 435 -12.67 45.29 5.99
N PRO D 436 -11.80 46.08 6.64
CA PRO D 436 -10.81 46.87 5.88
C PRO D 436 -9.66 46.07 5.30
N MET D 437 -9.45 44.82 5.67
CA MET D 437 -8.30 44.06 5.19
C MET D 437 -8.57 43.31 3.90
N VAL D 438 -9.79 43.37 3.36
CA VAL D 438 -10.19 42.60 2.18
C VAL D 438 -9.33 43.02 1.00
N PRO D 439 -8.61 42.08 0.35
CA PRO D 439 -7.55 42.50 -0.58
C PRO D 439 -8.05 43.09 -1.89
N TYR D 440 -9.28 42.82 -2.33
CA TYR D 440 -9.69 43.27 -3.65
C TYR D 440 -10.36 44.64 -3.64
N LEU D 441 -10.50 45.27 -2.47
CA LEU D 441 -11.11 46.60 -2.41
C LEU D 441 -10.27 47.60 -3.19
N ASP D 442 -10.94 48.54 -3.86
CA ASP D 442 -10.27 49.59 -4.59
C ASP D 442 -10.38 50.91 -3.83
N ALA D 443 -9.82 51.97 -4.43
CA ALA D 443 -9.81 53.27 -3.77
C ALA D 443 -11.22 53.78 -3.52
N GLU D 444 -12.14 53.52 -4.46
CA GLU D 444 -13.52 53.95 -4.28
C GLU D 444 -14.16 53.28 -3.07
N ASP D 445 -13.84 52.00 -2.83
CA ASP D 445 -14.42 51.28 -1.69
C ASP D 445 -13.84 51.78 -0.37
N LYS D 446 -12.54 52.08 -0.36
CA LYS D 446 -11.92 52.56 0.87
C LYS D 446 -12.40 53.94 1.27
N ALA D 447 -12.89 54.74 0.31
CA ALA D 447 -13.39 56.07 0.61
C ALA D 447 -14.81 56.02 1.17
N ARG D 448 -15.67 55.18 0.58
CA ARG D 448 -17.04 55.04 1.08
C ARG D 448 -17.13 54.16 2.32
N GLY D 449 -16.16 53.26 2.53
CA GLY D 449 -16.25 52.28 3.60
C GLY D 449 -17.07 51.05 3.28
N SER D 450 -17.47 50.87 2.02
CA SER D 450 -18.27 49.71 1.63
C SER D 450 -18.06 49.47 0.15
N GLY D 451 -18.54 48.31 -0.32
CA GLY D 451 -18.44 47.96 -1.71
C GLY D 451 -18.01 46.52 -1.98
N GLY D 452 -17.44 45.86 -0.98
CA GLY D 452 -16.86 44.54 -1.18
C GLY D 452 -17.75 43.36 -0.88
N ARG D 453 -18.95 43.58 -0.35
CA ARG D 453 -19.80 42.50 0.14
C ARG D 453 -20.57 41.83 -0.98
N LEU D 454 -20.75 40.51 -0.85
CA LEU D 454 -21.39 39.72 -1.88
C LEU D 454 -22.06 38.49 -1.27
N VAL D 455 -23.23 38.17 -1.78
CA VAL D 455 -23.88 36.88 -1.54
C VAL D 455 -23.98 36.16 -2.87
N ILE D 456 -23.44 34.95 -2.94
CA ILE D 456 -23.57 34.11 -4.13
C ILE D 456 -24.59 33.04 -3.82
N ASN D 457 -25.66 33.01 -4.60
CA ASN D 457 -26.74 32.07 -4.40
C ASN D 457 -26.52 30.84 -5.28
N CYS D 458 -26.41 29.67 -4.64
CA CYS D 458 -26.37 28.39 -5.35
C CYS D 458 -27.61 27.56 -5.09
N LEU D 459 -28.70 28.19 -4.64
CA LEU D 459 -29.98 27.51 -4.46
C LEU D 459 -30.78 27.68 -5.74
N TYR D 460 -31.13 26.56 -6.39
CA TYR D 460 -31.97 26.62 -7.56
C TYR D 460 -33.31 27.26 -7.20
N PRO D 461 -33.94 27.98 -8.13
CA PRO D 461 -35.22 28.64 -7.81
C PRO D 461 -36.27 27.68 -7.26
N GLU D 462 -36.37 26.47 -7.82
CA GLU D 462 -37.39 25.52 -7.36
C GLU D 462 -37.16 25.05 -5.92
N GLN D 463 -35.93 25.18 -5.39
CA GLN D 463 -35.70 24.79 -4.00
C GLN D 463 -36.48 25.66 -3.01
N PHE D 464 -36.86 26.88 -3.41
CA PHE D 464 -37.68 27.71 -2.53
C PHE D 464 -39.11 27.25 -2.48
N ALA D 465 -39.49 26.29 -3.34
CA ALA D 465 -40.77 25.61 -3.25
C ALA D 465 -40.63 24.19 -2.71
N GLY D 466 -39.44 23.83 -2.23
CA GLY D 466 -39.20 22.49 -1.74
C GLY D 466 -38.91 21.45 -2.80
N GLN D 467 -38.63 21.86 -4.03
CA GLN D 467 -38.37 20.93 -5.12
C GLN D 467 -36.89 20.99 -5.51
N MET D 468 -36.51 20.12 -6.43
CA MET D 468 -35.17 20.07 -6.99
C MET D 468 -35.27 19.53 -8.40
N ARG D 469 -34.68 20.25 -9.37
CA ARG D 469 -34.81 19.88 -10.78
C ARG D 469 -34.22 18.50 -11.09
N ALA D 470 -33.23 18.05 -10.31
CA ALA D 470 -32.52 16.84 -10.70
C ALA D 470 -31.86 16.22 -9.48
N ALA D 471 -31.78 14.90 -9.49
CA ALA D 471 -31.03 14.16 -8.49
C ALA D 471 -29.54 14.16 -8.81
N THR D 472 -28.74 13.81 -7.81
CA THR D 472 -27.29 13.80 -7.95
C THR D 472 -26.82 12.45 -8.45
N ALA D 473 -25.94 12.45 -9.45
CA ALA D 473 -25.44 11.20 -10.01
C ALA D 473 -24.12 10.88 -9.32
N SER D 474 -24.24 10.25 -8.16
CA SER D 474 -23.08 9.85 -7.37
C SER D 474 -23.33 8.47 -6.82
N PHE D 475 -22.29 7.87 -6.25
CA PHE D 475 -22.47 6.59 -5.58
C PHE D 475 -23.54 6.69 -4.50
N ARG D 476 -23.52 7.77 -3.72
CA ARG D 476 -24.45 7.89 -2.61
C ARG D 476 -25.90 8.04 -3.08
N HIS D 477 -26.11 8.77 -4.18
CA HIS D 477 -27.45 9.23 -4.55
C HIS D 477 -28.03 8.59 -5.79
N ALA D 478 -27.29 7.74 -6.50
CA ALA D 478 -27.80 7.14 -7.72
C ALA D 478 -28.09 5.66 -7.57
N TYR D 479 -27.98 5.11 -6.36
CA TYR D 479 -28.16 3.69 -6.11
C TYR D 479 -28.88 3.47 -4.79
N PRO D 480 -29.73 2.45 -4.70
CA PRO D 480 -30.46 2.19 -3.45
C PRO D 480 -29.52 1.81 -2.32
N THR D 481 -30.03 2.02 -1.10
CA THR D 481 -29.22 1.79 0.10
C THR D 481 -28.72 0.35 0.16
N ALA D 482 -29.58 -0.62 -0.17
CA ALA D 482 -29.17 -2.02 -0.08
C ALA D 482 -28.01 -2.32 -1.03
N LEU D 483 -28.02 -1.71 -2.22
CA LEU D 483 -26.91 -1.92 -3.13
C LEU D 483 -25.65 -1.23 -2.62
N ARG D 484 -25.77 0.00 -2.10
CA ARG D 484 -24.60 0.68 -1.57
C ARG D 484 -23.91 -0.16 -0.50
N ARG D 485 -24.69 -0.75 0.41
CA ARG D 485 -24.11 -1.58 1.45
C ARG D 485 -23.46 -2.83 0.85
N ARG D 486 -24.12 -3.46 -0.11
CA ARG D 486 -23.56 -4.64 -0.74
C ARG D 486 -22.21 -4.33 -1.40
N VAL D 487 -22.10 -3.15 -2.03
CA VAL D 487 -20.84 -2.79 -2.65
C VAL D 487 -19.75 -2.57 -1.59
N GLU D 488 -20.09 -1.84 -0.53
CA GLU D 488 -19.13 -1.63 0.55
C GLU D 488 -18.76 -2.94 1.23
N GLU D 489 -19.75 -3.81 1.48
CA GLU D 489 -19.47 -5.09 2.12
C GLU D 489 -18.55 -5.96 1.26
N ARG D 490 -18.77 -5.96 -0.05
CA ARG D 490 -18.08 -6.88 -0.93
C ARG D 490 -16.80 -6.29 -1.53
N TRP D 491 -16.47 -5.05 -1.17
CA TRP D 491 -15.30 -4.37 -1.72
C TRP D 491 -14.09 -5.29 -1.80
N SER D 492 -13.77 -5.97 -0.70
CA SER D 492 -12.58 -6.83 -0.69
C SER D 492 -12.77 -8.06 -1.57
N ASP D 493 -13.98 -8.66 -1.55
CA ASP D 493 -14.25 -9.79 -2.44
C ASP D 493 -14.07 -9.42 -3.91
N TYR D 494 -14.41 -8.19 -4.30
CA TYR D 494 -14.21 -7.77 -5.68
C TYR D 494 -12.73 -7.75 -6.06
N GLY D 495 -11.87 -7.47 -5.08
CA GLY D 495 -10.43 -7.45 -5.30
C GLY D 495 -9.76 -6.14 -4.96
N PHE D 496 -10.47 -5.18 -4.35
CA PHE D 496 -9.89 -3.84 -4.19
C PHE D 496 -8.97 -3.76 -2.98
N GLY D 497 -9.32 -4.43 -1.88
CA GLY D 497 -8.50 -4.43 -0.70
C GLY D 497 -8.12 -3.04 -0.21
N ASP D 498 -9.08 -2.34 0.42
CA ASP D 498 -8.84 -1.01 0.98
C ASP D 498 -8.50 0.01 -0.11
N ALA D 499 -9.22 -0.06 -1.22
CA ALA D 499 -8.99 0.85 -2.34
C ALA D 499 -10.30 1.49 -2.79
#